data_6F2E
#
_entry.id   6F2E
#
_cell.length_a   56.650
_cell.length_b   68.090
_cell.length_c   110.220
_cell.angle_alpha   107.85
_cell.angle_beta   102.84
_cell.angle_gamma   93.23
#
_symmetry.space_group_name_H-M   'P 1'
#
loop_
_entity.id
_entity.type
_entity.pdbx_description
1 polymer 'L-lysine 3-hydroxylase'
2 non-polymer 'ACETIC ACID'
3 water water
#
_entity_poly.entity_id   1
_entity_poly.type   'polypeptide(L)'
_entity_poly.pdbx_seq_one_letter_code
;MKNLSAYEVYESPKTSGESRTEAVSEAAFESDPEVSAILVLTSSEASTLERVADLVTAHALYAAHDFCAQAQLAAAELPS
RVVARLQEFAWGDMNEGHLLIKGLPQVRSLPPTPTSNVHAVAATTPMSRYQALINECVGRMIAYEAEGHGHTFQDMVPSA
MSAHSQTSLGSAVELELHTEQAFSPLRPDFVSLACLRGDPRALTYLFSARQLVATLTTQEIAMLREPMWTTTVDESFLAE
GRTFLLGFERGPIPILSGADDDPFIVFDQDLMRGISAPAQELQQTVIRAYYAERVSHCLAPGEMLLIDNRRAVHGRSIFA
PRFDGADRFLSRSFIVADGSRSRHARSSFGRVVSARFS
;
_entity_poly.pdbx_strand_id   A,B,C,D
#
# COMPACT_ATOMS: atom_id res chain seq x y z
N GLU A 30 9.74 21.89 -34.90
CA GLU A 30 10.67 21.38 -33.89
C GLU A 30 10.66 22.24 -32.61
N SER A 31 9.45 22.61 -32.12
CA SER A 31 9.32 23.41 -30.90
C SER A 31 9.55 22.58 -29.62
N ASP A 32 10.36 23.13 -28.70
CA ASP A 32 10.76 22.56 -27.42
C ASP A 32 10.55 23.58 -26.25
N PRO A 33 10.61 23.19 -24.94
CA PRO A 33 10.45 24.19 -23.86
C PRO A 33 11.50 25.29 -23.94
N GLU A 34 11.07 26.57 -23.88
CA GLU A 34 11.97 27.71 -24.00
C GLU A 34 12.68 28.09 -22.68
N VAL A 35 13.71 28.97 -22.79
CA VAL A 35 14.57 29.50 -21.71
C VAL A 35 13.77 30.02 -20.48
N SER A 36 12.60 30.66 -20.72
CA SER A 36 11.69 31.17 -19.68
C SER A 36 11.07 30.01 -18.91
N ALA A 37 10.76 28.91 -19.62
CA ALA A 37 10.20 27.69 -19.03
C ALA A 37 11.31 26.63 -18.66
N ILE A 38 12.60 27.05 -18.69
CA ILE A 38 13.70 26.18 -18.26
C ILE A 38 14.46 26.81 -17.08
N LEU A 39 14.65 26.05 -16.00
CA LEU A 39 15.46 26.43 -14.84
C LEU A 39 16.66 25.47 -14.82
N VAL A 40 17.86 26.02 -15.02
CA VAL A 40 19.09 25.20 -15.03
C VAL A 40 19.82 25.43 -13.71
N LEU A 41 19.92 24.39 -12.88
CA LEU A 41 20.65 24.48 -11.61
C LEU A 41 22.16 24.50 -11.89
N THR A 42 22.90 25.38 -11.21
CA THR A 42 24.36 25.39 -11.33
C THR A 42 24.88 24.24 -10.43
N SER A 43 26.14 23.86 -10.63
CA SER A 43 26.80 22.82 -9.84
C SER A 43 26.68 23.14 -8.32
N SER A 44 26.86 24.42 -7.95
CA SER A 44 26.72 24.91 -6.57
C SER A 44 25.28 24.77 -6.03
N GLU A 45 24.28 25.11 -6.85
CA GLU A 45 22.87 25.00 -6.47
C GLU A 45 22.47 23.51 -6.30
N ALA A 46 22.97 22.62 -7.19
CA ALA A 46 22.71 21.18 -7.12
C ALA A 46 23.32 20.61 -5.85
N SER A 47 24.54 21.09 -5.46
CA SER A 47 25.23 20.68 -4.22
C SER A 47 24.43 21.12 -2.97
N THR A 48 23.86 22.34 -2.96
CA THR A 48 23.03 22.83 -1.84
C THR A 48 21.80 21.94 -1.71
N LEU A 49 21.15 21.65 -2.84
CA LEU A 49 19.95 20.80 -2.89
C LEU A 49 20.26 19.39 -2.33
N GLU A 50 21.42 18.84 -2.71
CA GLU A 50 21.88 17.54 -2.22
C GLU A 50 22.04 17.54 -0.68
N ARG A 51 22.65 18.58 -0.11
N ARG A 51 22.65 18.59 -0.12
CA ARG A 51 22.84 18.68 1.34
CA ARG A 51 22.86 18.75 1.32
C ARG A 51 21.52 18.90 2.08
C ARG A 51 21.53 18.91 2.07
N VAL A 52 20.64 19.78 1.54
CA VAL A 52 19.34 20.11 2.12
C VAL A 52 18.43 18.85 2.17
N ALA A 53 18.58 17.92 1.20
CA ALA A 53 17.83 16.65 1.14
C ALA A 53 18.07 15.77 2.39
N ASP A 54 19.25 15.91 3.06
CA ASP A 54 19.56 15.17 4.29
C ASP A 54 18.66 15.59 5.47
N LEU A 55 17.97 16.74 5.35
CA LEU A 55 17.03 17.20 6.38
C LEU A 55 15.67 16.48 6.23
N VAL A 56 15.48 15.75 5.12
CA VAL A 56 14.23 15.03 4.86
C VAL A 56 14.49 13.56 5.18
N THR A 57 14.06 13.11 6.38
CA THR A 57 14.41 11.77 6.90
C THR A 57 13.24 10.79 7.01
N ALA A 58 11.98 11.28 7.11
CA ALA A 58 10.79 10.42 7.28
C ALA A 58 10.58 9.55 6.03
N HIS A 59 9.89 8.41 6.20
CA HIS A 59 9.59 7.51 5.09
C HIS A 59 8.50 8.16 4.22
N ALA A 60 8.80 8.39 2.92
CA ALA A 60 7.87 9.05 2.00
C ALA A 60 6.55 8.30 1.88
N LEU A 61 6.56 6.98 1.97
CA LEU A 61 5.32 6.21 1.82
C LEU A 61 4.58 5.98 3.13
N TYR A 62 5.30 5.69 4.20
CA TYR A 62 4.67 5.28 5.46
C TYR A 62 4.52 6.38 6.51
N ALA A 63 5.12 7.55 6.26
CA ALA A 63 4.98 8.74 7.11
C ALA A 63 4.93 9.94 6.17
N ALA A 64 4.00 9.87 5.17
CA ALA A 64 3.87 10.86 4.10
C ALA A 64 3.75 12.29 4.58
N HIS A 65 2.87 12.56 5.57
CA HIS A 65 2.71 13.93 6.05
C HIS A 65 4.01 14.48 6.67
N ASP A 66 4.69 13.70 7.56
CA ASP A 66 5.96 14.09 8.18
C ASP A 66 7.03 14.32 7.13
N PHE A 67 7.09 13.45 6.11
CA PHE A 67 8.02 13.54 4.99
C PHE A 67 7.80 14.89 4.23
N CYS A 68 6.55 15.16 3.82
CA CYS A 68 6.19 16.36 3.07
C CYS A 68 6.38 17.63 3.90
N ALA A 69 6.01 17.61 5.19
CA ALA A 69 6.21 18.76 6.09
C ALA A 69 7.71 19.04 6.32
N GLN A 70 8.55 17.97 6.42
CA GLN A 70 10.00 18.13 6.55
C GLN A 70 10.55 18.80 5.30
N ALA A 71 10.06 18.38 4.10
CA ALA A 71 10.47 18.96 2.83
C ALA A 71 10.06 20.44 2.75
N GLN A 72 8.81 20.75 3.13
CA GLN A 72 8.34 22.14 3.11
C GLN A 72 9.22 23.03 3.98
N LEU A 73 9.61 22.53 5.17
CA LEU A 73 10.47 23.31 6.06
C LEU A 73 11.91 23.41 5.52
N ALA A 74 12.48 22.28 5.07
CA ALA A 74 13.85 22.25 4.53
C ALA A 74 14.00 23.08 3.23
N ALA A 75 12.91 23.26 2.45
CA ALA A 75 12.89 24.05 1.20
C ALA A 75 13.34 25.50 1.42
N ALA A 76 13.19 26.01 2.66
CA ALA A 76 13.65 27.36 3.07
C ALA A 76 15.16 27.49 2.94
N GLU A 77 15.91 26.35 2.98
CA GLU A 77 17.36 26.30 2.86
C GLU A 77 17.86 26.24 1.41
N LEU A 78 16.95 26.12 0.42
CA LEU A 78 17.35 26.05 -0.98
C LEU A 78 17.90 27.39 -1.52
N PRO A 79 18.72 27.41 -2.62
CA PRO A 79 19.24 28.69 -3.12
C PRO A 79 18.10 29.65 -3.46
N SER A 80 18.23 30.92 -3.01
CA SER A 80 17.20 31.96 -3.24
C SER A 80 16.78 32.10 -4.71
N ARG A 81 17.73 32.00 -5.66
CA ARG A 81 17.42 32.10 -7.10
C ARG A 81 16.45 30.99 -7.54
N VAL A 82 16.66 29.78 -7.02
CA VAL A 82 15.80 28.60 -7.31
C VAL A 82 14.41 28.79 -6.68
N VAL A 83 14.36 29.15 -5.39
CA VAL A 83 13.12 29.41 -4.65
C VAL A 83 12.30 30.49 -5.38
N ALA A 84 12.94 31.62 -5.77
CA ALA A 84 12.28 32.72 -6.51
C ALA A 84 11.58 32.23 -7.79
N ARG A 85 12.27 31.45 -8.64
N ARG A 85 12.28 31.44 -8.62
CA ARG A 85 11.71 30.91 -9.89
CA ARG A 85 11.74 30.88 -9.86
C ARG A 85 10.51 29.99 -9.60
C ARG A 85 10.53 29.99 -9.59
N LEU A 86 10.63 29.13 -8.57
CA LEU A 86 9.54 28.21 -8.19
C LEU A 86 8.31 28.94 -7.66
N GLN A 87 8.52 29.96 -6.82
CA GLN A 87 7.42 30.78 -6.28
C GLN A 87 6.72 31.56 -7.41
N GLU A 88 7.50 32.09 -8.38
CA GLU A 88 6.94 32.79 -9.55
C GLU A 88 6.05 31.84 -10.35
N PHE A 89 6.55 30.64 -10.62
CA PHE A 89 5.82 29.60 -11.34
C PHE A 89 4.54 29.20 -10.58
N ALA A 90 4.65 29.02 -9.25
CA ALA A 90 3.54 28.67 -8.36
C ALA A 90 2.45 29.75 -8.36
N TRP A 91 2.84 31.05 -8.38
CA TRP A 91 1.87 32.16 -8.45
C TRP A 91 0.96 31.97 -9.68
N GLY A 92 1.56 31.54 -10.79
CA GLY A 92 0.81 31.12 -11.96
C GLY A 92 0.61 32.11 -13.06
N ASP A 93 0.35 33.39 -12.73
CA ASP A 93 0.09 34.45 -13.70
C ASP A 93 1.10 34.39 -14.85
N MET A 94 0.61 34.10 -16.07
CA MET A 94 1.41 33.97 -17.31
C MET A 94 2.68 33.04 -17.14
N ASN A 95 2.54 31.88 -16.44
CA ASN A 95 3.69 30.96 -16.18
C ASN A 95 4.10 29.97 -17.31
N GLU A 96 3.59 30.10 -18.54
CA GLU A 96 3.95 29.19 -19.67
C GLU A 96 3.29 27.77 -19.64
N GLY A 97 2.69 27.39 -18.50
CA GLY A 97 2.04 26.07 -18.37
C GLY A 97 2.91 24.96 -17.79
N HIS A 98 4.25 25.18 -17.77
CA HIS A 98 5.20 24.17 -17.27
C HIS A 98 6.53 24.78 -16.93
N LEU A 99 7.34 24.04 -16.17
CA LEU A 99 8.69 24.45 -15.84
C LEU A 99 9.55 23.20 -15.87
N LEU A 100 10.58 23.22 -16.73
CA LEU A 100 11.54 22.14 -16.83
C LEU A 100 12.76 22.53 -16.02
N ILE A 101 13.16 21.67 -15.08
CA ILE A 101 14.31 21.89 -14.22
C ILE A 101 15.40 20.90 -14.66
N LYS A 102 16.60 21.44 -14.94
CA LYS A 102 17.76 20.63 -15.33
C LYS A 102 18.85 20.80 -14.32
N GLY A 103 19.73 19.82 -14.27
CA GLY A 103 20.89 19.86 -13.40
C GLY A 103 20.65 19.39 -11.99
N LEU A 104 19.62 18.58 -11.74
CA LEU A 104 19.40 18.01 -10.40
C LEU A 104 20.57 17.06 -10.04
N PRO A 105 20.91 16.84 -8.74
CA PRO A 105 22.03 15.92 -8.40
C PRO A 105 21.82 14.54 -9.02
N GLN A 106 22.90 13.97 -9.61
CA GLN A 106 22.89 12.68 -10.30
C GLN A 106 22.42 11.53 -9.44
N VAL A 107 21.48 10.70 -9.97
CA VAL A 107 21.00 9.48 -9.32
C VAL A 107 22.15 8.44 -9.54
N ARG A 108 22.89 8.05 -8.48
CA ARG A 108 24.10 7.21 -8.65
C ARG A 108 23.88 5.67 -8.49
N SER A 109 23.13 5.22 -7.47
CA SER A 109 22.83 3.80 -7.28
C SER A 109 21.35 3.55 -7.58
N LEU A 110 20.95 3.75 -8.82
CA LEU A 110 19.57 3.55 -9.22
C LEU A 110 19.25 2.07 -9.39
N PRO A 111 18.26 1.52 -8.65
CA PRO A 111 17.90 0.10 -8.82
C PRO A 111 17.27 -0.17 -10.20
N PRO A 112 17.10 -1.44 -10.64
CA PRO A 112 16.49 -1.66 -11.96
C PRO A 112 15.08 -1.08 -12.06
N THR A 113 14.68 -0.67 -13.26
CA THR A 113 13.34 -0.11 -13.49
C THR A 113 12.33 -1.24 -13.22
N PRO A 114 11.39 -1.06 -12.28
CA PRO A 114 10.39 -2.13 -12.04
C PRO A 114 9.48 -2.35 -13.25
N THR A 115 9.00 -3.59 -13.45
CA THR A 115 8.10 -3.94 -14.57
C THR A 115 6.64 -3.55 -14.31
N SER A 116 6.30 -3.23 -13.06
CA SER A 116 4.98 -2.73 -12.66
C SER A 116 5.15 -1.57 -11.68
N ASN A 117 4.06 -0.92 -11.23
CA ASN A 117 4.11 0.22 -10.28
C ASN A 117 3.86 -0.17 -8.81
N VAL A 118 3.84 -1.47 -8.47
CA VAL A 118 3.53 -1.91 -7.10
C VAL A 118 4.70 -1.77 -6.11
N HIS A 119 5.94 -1.73 -6.62
CA HIS A 119 7.14 -1.71 -5.79
C HIS A 119 7.49 -0.35 -5.16
N ALA A 120 6.94 0.76 -5.70
CA ALA A 120 7.20 2.16 -5.26
C ALA A 120 8.70 2.39 -5.04
N VAL A 121 9.49 1.97 -6.05
CA VAL A 121 10.96 2.05 -6.03
C VAL A 121 11.44 3.54 -5.93
N ALA A 122 10.85 4.44 -6.74
CA ALA A 122 11.27 5.86 -6.77
C ALA A 122 11.17 6.57 -5.39
N ALA A 123 10.17 6.19 -4.58
CA ALA A 123 9.86 6.75 -3.26
C ALA A 123 10.96 6.59 -2.20
N THR A 124 11.93 5.69 -2.41
CA THR A 124 13.05 5.55 -1.47
C THR A 124 14.39 5.91 -2.10
N THR A 125 14.38 6.51 -3.31
CA THR A 125 15.61 6.96 -3.97
C THR A 125 15.97 8.36 -3.47
N PRO A 126 17.24 8.80 -3.60
CA PRO A 126 17.54 10.18 -3.21
C PRO A 126 16.77 11.20 -4.06
N MET A 127 16.36 10.85 -5.31
CA MET A 127 15.55 11.72 -6.18
C MET A 127 14.21 12.12 -5.55
N SER A 128 13.57 11.22 -4.81
CA SER A 128 12.31 11.51 -4.12
C SER A 128 12.48 12.69 -3.15
N ARG A 129 13.62 12.81 -2.46
CA ARG A 129 13.88 13.94 -1.56
C ARG A 129 14.11 15.24 -2.35
N TYR A 130 14.87 15.15 -3.49
CA TYR A 130 15.12 16.32 -4.33
C TYR A 130 13.80 16.80 -4.91
N GLN A 131 12.97 15.86 -5.37
CA GLN A 131 11.66 16.14 -5.94
C GLN A 131 10.73 16.77 -4.91
N ALA A 132 10.71 16.24 -3.68
CA ALA A 132 9.88 16.76 -2.60
C ALA A 132 10.24 18.21 -2.24
N LEU A 133 11.56 18.52 -2.17
CA LEU A 133 12.05 19.86 -1.84
C LEU A 133 11.57 20.87 -2.87
N ILE A 134 11.72 20.55 -4.17
CA ILE A 134 11.25 21.41 -5.26
C ILE A 134 9.72 21.50 -5.22
N ASN A 135 9.01 20.35 -5.07
CA ASN A 135 7.55 20.34 -5.01
C ASN A 135 7.01 21.24 -3.91
N GLU A 136 7.57 21.11 -2.69
CA GLU A 136 7.08 21.80 -1.52
C GLU A 136 7.42 23.33 -1.53
N CYS A 137 8.24 23.80 -2.50
N CYS A 137 8.22 23.76 -2.49
CA CYS A 137 8.47 25.23 -2.73
CA CYS A 137 8.53 25.16 -2.74
C CYS A 137 7.21 25.72 -3.43
C CYS A 137 7.42 25.76 -3.64
N VAL A 138 6.68 24.89 -4.35
CA VAL A 138 5.56 25.22 -5.22
C VAL A 138 4.21 25.13 -4.49
N GLY A 139 3.98 24.04 -3.76
CA GLY A 139 2.74 23.85 -3.00
C GLY A 139 2.79 22.60 -2.16
N ARG A 140 1.62 22.10 -1.74
CA ARG A 140 1.54 20.94 -0.88
C ARG A 140 1.40 19.66 -1.66
N MET A 141 2.26 18.67 -1.36
CA MET A 141 2.16 17.38 -2.02
C MET A 141 0.90 16.65 -1.54
N ILE A 142 0.27 15.92 -2.43
CA ILE A 142 -0.96 15.19 -2.14
C ILE A 142 -0.97 13.92 -2.99
N ALA A 143 -1.70 12.90 -2.53
CA ALA A 143 -1.87 11.65 -3.27
C ALA A 143 -3.33 11.26 -3.25
N TYR A 144 -3.71 10.33 -4.13
CA TYR A 144 -5.12 9.92 -4.28
C TYR A 144 -5.18 8.43 -4.14
N GLU A 145 -6.05 7.97 -3.24
CA GLU A 145 -6.25 6.54 -3.00
C GLU A 145 -6.51 5.76 -4.31
N ALA A 146 -7.32 6.35 -5.20
CA ALA A 146 -7.69 5.69 -6.46
C ALA A 146 -6.63 5.79 -7.57
N GLU A 147 -5.52 6.52 -7.31
CA GLU A 147 -4.44 6.68 -8.28
C GLU A 147 -3.09 6.11 -7.77
N GLY A 148 -2.66 5.00 -8.38
CA GLY A 148 -1.39 4.35 -8.05
C GLY A 148 -1.22 4.07 -6.59
N HIS A 149 -2.26 3.55 -5.97
CA HIS A 149 -2.29 3.09 -4.58
C HIS A 149 -2.05 4.21 -3.52
N GLY A 150 -2.35 5.48 -3.87
CA GLY A 150 -2.13 6.62 -2.97
C GLY A 150 -0.66 6.80 -2.61
N HIS A 151 0.27 6.22 -3.40
CA HIS A 151 1.72 6.34 -3.16
C HIS A 151 2.16 7.79 -3.31
N THR A 152 2.95 8.30 -2.36
CA THR A 152 3.46 9.69 -2.35
C THR A 152 4.18 10.01 -3.65
N PHE A 153 5.00 9.06 -4.13
CA PHE A 153 5.70 9.06 -5.40
C PHE A 153 5.29 7.77 -6.08
N GLN A 154 4.86 7.89 -7.33
CA GLN A 154 4.46 6.73 -8.13
C GLN A 154 5.51 6.42 -9.17
N ASP A 155 5.73 5.15 -9.40
CA ASP A 155 6.67 4.75 -10.44
C ASP A 155 5.93 4.80 -11.76
N MET A 156 6.35 5.72 -12.65
N MET A 156 6.35 5.73 -12.63
CA MET A 156 5.81 5.87 -13.99
CA MET A 156 5.79 5.90 -13.96
C MET A 156 6.73 5.11 -14.90
C MET A 156 6.73 5.12 -14.87
N VAL A 157 6.39 3.84 -15.07
CA VAL A 157 7.18 2.88 -15.82
C VAL A 157 6.29 2.15 -16.82
N PRO A 158 6.82 1.65 -17.95
CA PRO A 158 5.94 0.95 -18.92
C PRO A 158 5.26 -0.28 -18.29
N SER A 159 4.02 -0.53 -18.65
CA SER A 159 3.30 -1.73 -18.19
C SER A 159 3.14 -2.62 -19.38
N ALA A 160 3.43 -3.92 -19.25
CA ALA A 160 3.26 -4.86 -20.35
C ALA A 160 1.76 -5.03 -20.65
N MET A 161 0.91 -5.03 -19.61
CA MET A 161 -0.55 -5.15 -19.73
C MET A 161 -1.16 -3.91 -20.35
N SER A 162 -0.98 -2.74 -19.71
CA SER A 162 -1.52 -1.46 -20.14
C SER A 162 -0.61 -0.71 -21.15
N ALA A 163 0.09 -1.46 -22.02
CA ALA A 163 0.99 -0.92 -23.06
C ALA A 163 0.18 -0.15 -24.14
N HIS A 164 -1.01 -0.67 -24.50
CA HIS A 164 -1.91 -0.09 -25.50
C HIS A 164 -3.03 0.78 -24.87
N SER A 165 -2.90 1.08 -23.56
CA SER A 165 -3.89 1.87 -22.80
C SER A 165 -3.52 3.35 -22.70
N GLN A 166 -4.54 4.19 -22.43
CA GLN A 166 -4.44 5.64 -22.26
C GLN A 166 -3.99 6.07 -20.86
N THR A 167 -2.94 5.42 -20.34
CA THR A 167 -2.39 5.68 -19.01
C THR A 167 -0.90 6.04 -19.07
N SER A 168 -0.38 6.56 -17.95
CA SER A 168 1.02 6.95 -17.77
C SER A 168 1.99 5.73 -17.83
N LEU A 169 1.42 4.51 -17.82
CA LEU A 169 2.20 3.27 -17.90
C LEU A 169 2.21 2.72 -19.34
N GLY A 170 1.54 3.42 -20.27
CA GLY A 170 1.50 3.03 -21.68
C GLY A 170 2.81 3.27 -22.42
N SER A 171 2.88 2.79 -23.70
CA SER A 171 4.06 2.97 -24.56
C SER A 171 3.78 2.73 -26.05
N ALA A 172 3.17 1.58 -26.40
CA ALA A 172 2.88 1.18 -27.80
C ALA A 172 1.91 2.12 -28.53
N VAL A 173 1.11 2.88 -27.77
CA VAL A 173 0.19 3.87 -28.30
C VAL A 173 0.58 5.22 -27.69
N GLU A 174 0.27 6.30 -28.41
CA GLU A 174 0.56 7.65 -27.92
C GLU A 174 -0.38 7.95 -26.75
N LEU A 175 0.14 8.56 -25.67
CA LEU A 175 -0.64 9.04 -24.55
C LEU A 175 -1.27 10.36 -25.02
N GLU A 176 -2.59 10.33 -25.27
CA GLU A 176 -3.33 11.45 -25.82
C GLU A 176 -3.39 12.66 -24.89
N LEU A 177 -3.47 13.88 -25.48
CA LEU A 177 -3.52 15.15 -24.73
C LEU A 177 -4.58 15.10 -23.61
N HIS A 178 -4.21 15.51 -22.41
CA HIS A 178 -5.16 15.51 -21.30
C HIS A 178 -4.69 16.37 -20.17
N THR A 179 -5.64 16.82 -19.39
CA THR A 179 -5.34 17.41 -18.10
C THR A 179 -5.56 16.20 -17.15
N GLU A 180 -4.87 16.22 -16.02
CA GLU A 180 -4.93 15.17 -15.00
C GLU A 180 -6.26 15.27 -14.22
N GLN A 181 -7.00 14.11 -14.12
CA GLN A 181 -8.30 14.01 -13.40
C GLN A 181 -9.31 15.07 -13.87
N ALA A 182 -9.58 15.09 -15.20
CA ALA A 182 -10.55 16.05 -15.76
C ALA A 182 -11.94 16.02 -15.06
N PHE A 183 -12.35 14.84 -14.57
CA PHE A 183 -13.65 14.59 -13.93
C PHE A 183 -13.74 15.08 -12.48
N SER A 184 -12.59 15.33 -11.85
CA SER A 184 -12.52 15.62 -10.42
C SER A 184 -12.29 17.07 -10.01
N PRO A 185 -13.17 17.64 -9.15
CA PRO A 185 -12.90 18.99 -8.60
C PRO A 185 -11.67 18.98 -7.67
N LEU A 186 -11.25 17.79 -7.18
CA LEU A 186 -10.07 17.66 -6.32
C LEU A 186 -8.79 17.36 -7.09
N ARG A 187 -8.83 17.51 -8.45
CA ARG A 187 -7.71 17.27 -9.35
C ARG A 187 -6.47 18.09 -8.91
N PRO A 188 -5.27 17.59 -9.18
CA PRO A 188 -4.07 18.33 -8.72
C PRO A 188 -3.89 19.66 -9.45
N ASP A 189 -3.26 20.63 -8.77
CA ASP A 189 -2.94 21.91 -9.39
C ASP A 189 -1.70 21.73 -10.26
N PHE A 190 -0.81 20.80 -9.86
CA PHE A 190 0.41 20.53 -10.62
C PHE A 190 0.71 19.07 -10.66
N VAL A 191 1.35 18.63 -11.76
CA VAL A 191 1.86 17.27 -11.89
C VAL A 191 3.38 17.44 -11.88
N SER A 192 4.05 16.60 -11.09
CA SER A 192 5.52 16.67 -10.93
C SER A 192 6.14 15.38 -11.43
N LEU A 193 7.00 15.48 -12.44
CA LEU A 193 7.67 14.32 -13.04
C LEU A 193 9.18 14.41 -12.95
N ALA A 194 9.81 13.56 -12.13
CA ALA A 194 11.26 13.55 -12.04
C ALA A 194 11.78 12.34 -12.82
N CYS A 195 12.78 12.56 -13.66
CA CYS A 195 13.32 11.48 -14.49
C CYS A 195 14.47 10.72 -13.82
N LEU A 196 14.30 9.40 -13.60
CA LEU A 196 15.32 8.48 -13.09
C LEU A 196 16.04 7.83 -14.28
N ARG A 197 15.29 7.33 -15.26
CA ARG A 197 15.80 6.78 -16.53
C ARG A 197 14.88 7.36 -17.59
N GLY A 198 15.49 7.78 -18.69
CA GLY A 198 14.75 8.30 -19.83
C GLY A 198 14.68 7.24 -20.91
N ASP A 199 13.90 7.49 -21.96
CA ASP A 199 13.91 6.66 -23.18
C ASP A 199 14.02 7.68 -24.32
N PRO A 200 15.02 7.56 -25.23
CA PRO A 200 15.19 8.59 -26.29
C PRO A 200 14.00 8.79 -27.21
N ARG A 201 13.13 7.76 -27.35
CA ARG A 201 11.93 7.86 -28.19
C ARG A 201 10.73 8.38 -27.44
N ALA A 202 10.81 8.48 -26.11
CA ALA A 202 9.69 8.93 -25.29
C ALA A 202 9.69 10.47 -25.12
N LEU A 203 8.92 11.15 -25.95
CA LEU A 203 8.79 12.60 -25.90
C LEU A 203 7.58 13.00 -25.09
N THR A 204 7.76 13.94 -24.17
CA THR A 204 6.64 14.52 -23.42
C THR A 204 6.13 15.68 -24.29
N TYR A 205 4.83 15.77 -24.46
CA TYR A 205 4.22 16.86 -25.23
C TYR A 205 3.51 17.80 -24.29
N LEU A 206 3.64 19.11 -24.52
CA LEU A 206 3.02 20.13 -23.69
C LEU A 206 2.32 21.12 -24.60
N PHE A 207 1.13 21.55 -24.17
CA PHE A 207 0.31 22.47 -24.93
C PHE A 207 -0.52 23.29 -23.95
N SER A 208 -0.28 24.60 -23.91
CA SER A 208 -0.94 25.49 -22.98
C SER A 208 -2.28 26.00 -23.49
N ALA A 209 -3.16 26.36 -22.55
CA ALA A 209 -4.48 26.97 -22.86
C ALA A 209 -4.25 28.30 -23.62
N ARG A 210 -3.15 29.05 -23.30
CA ARG A 210 -2.80 30.30 -24.02
C ARG A 210 -2.41 30.01 -25.46
N GLN A 211 -1.64 28.92 -25.72
CA GLN A 211 -1.29 28.52 -27.08
C GLN A 211 -2.57 28.17 -27.85
N LEU A 212 -3.50 27.46 -27.19
CA LEU A 212 -4.77 27.05 -27.79
C LEU A 212 -5.60 28.26 -28.24
N VAL A 213 -5.87 29.19 -27.31
CA VAL A 213 -6.71 30.37 -27.53
C VAL A 213 -6.14 31.25 -28.69
N ALA A 214 -4.79 31.30 -28.82
CA ALA A 214 -4.10 32.04 -29.89
C ALA A 214 -4.47 31.52 -31.32
N THR A 215 -4.89 30.25 -31.44
CA THR A 215 -5.24 29.62 -32.73
C THR A 215 -6.75 29.62 -33.04
N LEU A 216 -7.58 29.96 -32.06
CA LEU A 216 -9.02 29.86 -32.20
C LEU A 216 -9.70 31.15 -32.60
N THR A 217 -10.91 31.01 -33.16
CA THR A 217 -11.73 32.16 -33.50
C THR A 217 -12.43 32.58 -32.20
N THR A 218 -13.00 33.79 -32.20
CA THR A 218 -13.75 34.33 -31.07
C THR A 218 -14.93 33.40 -30.71
N GLN A 219 -15.64 32.89 -31.75
CA GLN A 219 -16.79 31.99 -31.56
C GLN A 219 -16.38 30.68 -30.90
N GLU A 220 -15.26 30.07 -31.34
CA GLU A 220 -14.72 28.81 -30.77
C GLU A 220 -14.38 28.98 -29.30
N ILE A 221 -13.72 30.11 -28.93
CA ILE A 221 -13.35 30.39 -27.53
C ILE A 221 -14.62 30.49 -26.65
N ALA A 222 -15.62 31.28 -27.10
CA ALA A 222 -16.89 31.45 -26.39
C ALA A 222 -17.58 30.12 -26.17
N MET A 223 -17.60 29.25 -27.19
CA MET A 223 -18.23 27.92 -27.11
C MET A 223 -17.49 26.98 -26.14
N LEU A 224 -16.15 27.03 -26.12
CA LEU A 224 -15.35 26.21 -25.21
C LEU A 224 -15.56 26.64 -23.76
N ARG A 225 -16.00 27.90 -23.56
CA ARG A 225 -16.31 28.45 -22.24
C ARG A 225 -17.72 28.10 -21.77
N GLU A 226 -18.54 27.47 -22.66
CA GLU A 226 -19.91 27.05 -22.30
C GLU A 226 -19.92 25.64 -21.69
N PRO A 227 -20.80 25.32 -20.72
CA PRO A 227 -20.80 23.97 -20.13
C PRO A 227 -21.44 22.94 -21.07
N MET A 228 -20.64 22.44 -22.04
CA MET A 228 -21.14 21.54 -23.07
C MET A 228 -20.54 20.15 -23.03
N TRP A 229 -19.75 19.85 -21.99
CA TRP A 229 -19.09 18.54 -21.92
C TRP A 229 -19.36 17.82 -20.60
N THR A 230 -20.03 16.67 -20.64
CA THR A 230 -20.23 15.90 -19.41
C THR A 230 -18.90 15.16 -19.16
N THR A 231 -18.60 14.85 -17.91
CA THR A 231 -17.33 14.19 -17.63
C THR A 231 -17.59 12.88 -16.89
N THR A 232 -16.79 11.84 -17.16
CA THR A 232 -16.96 10.57 -16.45
C THR A 232 -15.70 10.18 -15.68
N VAL A 233 -15.87 9.49 -14.55
CA VAL A 233 -14.78 8.98 -13.73
C VAL A 233 -13.93 8.01 -14.57
N ASP A 234 -12.61 8.16 -14.50
CA ASP A 234 -11.66 7.29 -15.18
C ASP A 234 -11.89 5.86 -14.72
N GLU A 235 -11.88 4.92 -15.68
CA GLU A 235 -12.10 3.48 -15.45
C GLU A 235 -11.16 2.92 -14.37
N SER A 236 -9.89 3.40 -14.30
CA SER A 236 -8.92 2.93 -13.31
C SER A 236 -9.28 3.31 -11.85
N PHE A 237 -10.19 4.30 -11.68
CA PHE A 237 -10.68 4.76 -10.37
C PHE A 237 -11.81 3.86 -9.85
N LEU A 238 -12.42 3.07 -10.75
CA LEU A 238 -13.50 2.18 -10.38
C LEU A 238 -12.96 0.99 -9.59
N ALA A 239 -13.78 0.48 -8.66
CA ALA A 239 -13.45 -0.67 -7.83
C ALA A 239 -14.72 -1.28 -7.27
N GLU A 240 -14.67 -2.59 -6.95
CA GLU A 240 -15.80 -3.31 -6.37
C GLU A 240 -16.20 -2.63 -5.06
N GLY A 241 -17.50 -2.34 -4.94
CA GLY A 241 -18.05 -1.66 -3.76
C GLY A 241 -17.66 -0.22 -3.59
N ARG A 242 -17.07 0.42 -4.63
CA ARG A 242 -16.65 1.83 -4.52
C ARG A 242 -17.74 2.70 -5.17
N THR A 243 -18.24 3.65 -4.39
CA THR A 243 -19.24 4.63 -4.82
C THR A 243 -18.66 6.02 -4.68
N PHE A 244 -18.84 6.90 -5.68
CA PHE A 244 -18.33 8.25 -5.61
C PHE A 244 -19.47 9.17 -5.18
N LEU A 245 -19.18 10.06 -4.25
CA LEU A 245 -20.14 11.05 -3.75
C LEU A 245 -20.67 11.92 -4.89
N LEU A 246 -19.79 12.24 -5.87
CA LEU A 246 -20.16 13.04 -7.03
C LEU A 246 -20.70 12.22 -8.21
N GLY A 247 -20.86 10.92 -8.02
CA GLY A 247 -21.37 10.00 -9.03
C GLY A 247 -20.36 9.63 -10.11
N PHE A 248 -20.80 8.83 -11.07
CA PHE A 248 -19.94 8.37 -12.17
C PHE A 248 -19.82 9.45 -13.26
N GLU A 249 -20.95 10.12 -13.57
CA GLU A 249 -21.02 11.15 -14.60
C GLU A 249 -21.32 12.49 -13.96
N ARG A 250 -20.50 13.49 -14.29
CA ARG A 250 -20.60 14.83 -13.74
C ARG A 250 -20.77 15.86 -14.85
N GLY A 251 -21.08 17.08 -14.43
CA GLY A 251 -21.24 18.22 -15.30
C GLY A 251 -22.64 18.36 -15.88
N PRO A 252 -22.79 18.90 -17.12
CA PRO A 252 -21.74 19.32 -18.05
C PRO A 252 -20.89 20.47 -17.55
N ILE A 253 -19.64 20.51 -18.00
CA ILE A 253 -18.67 21.54 -17.63
C ILE A 253 -18.07 22.17 -18.92
N PRO A 254 -17.52 23.39 -18.84
CA PRO A 254 -16.81 23.96 -20.01
C PRO A 254 -15.40 23.34 -20.12
N ILE A 255 -14.76 23.53 -21.28
CA ILE A 255 -13.36 23.11 -21.47
C ILE A 255 -12.48 24.28 -20.98
N LEU A 256 -12.85 25.51 -21.37
CA LEU A 256 -12.11 26.70 -20.94
C LEU A 256 -12.85 27.50 -19.87
N SER A 257 -12.07 28.14 -18.98
CA SER A 257 -12.61 29.01 -17.92
C SER A 257 -11.54 30.03 -17.52
N GLY A 258 -11.86 30.88 -16.55
CA GLY A 258 -10.95 31.88 -16.02
C GLY A 258 -10.76 33.11 -16.86
N ALA A 259 -9.67 33.84 -16.57
CA ALA A 259 -9.30 35.09 -17.23
C ALA A 259 -9.15 34.90 -18.74
N ASP A 260 -9.55 35.91 -19.53
CA ASP A 260 -9.44 35.88 -20.98
C ASP A 260 -7.98 35.75 -21.45
N ASP A 261 -7.04 36.43 -20.75
CA ASP A 261 -5.62 36.43 -21.06
C ASP A 261 -4.82 35.35 -20.32
N ASP A 262 -5.45 34.60 -19.41
CA ASP A 262 -4.77 33.52 -18.68
C ASP A 262 -5.78 32.40 -18.46
N PRO A 263 -6.29 31.75 -19.53
CA PRO A 263 -7.37 30.78 -19.35
C PRO A 263 -6.97 29.47 -18.70
N PHE A 264 -7.92 28.85 -18.00
CA PHE A 264 -7.73 27.53 -17.43
C PHE A 264 -8.38 26.52 -18.36
N ILE A 265 -7.84 25.32 -18.37
CA ILE A 265 -8.33 24.24 -19.27
C ILE A 265 -8.56 22.94 -18.51
N VAL A 266 -9.65 22.26 -18.90
CA VAL A 266 -10.01 20.91 -18.45
C VAL A 266 -10.28 20.15 -19.76
N PHE A 267 -9.46 19.12 -20.06
CA PHE A 267 -9.62 18.38 -21.32
C PHE A 267 -9.23 16.93 -21.21
N ASP A 268 -10.05 16.04 -21.80
CA ASP A 268 -9.78 14.61 -21.87
C ASP A 268 -10.84 14.02 -22.79
N GLN A 269 -10.48 13.72 -24.05
N GLN A 269 -10.48 13.71 -24.05
CA GLN A 269 -11.41 13.15 -25.05
CA GLN A 269 -11.42 13.15 -25.04
C GLN A 269 -12.10 11.87 -24.55
C GLN A 269 -12.09 11.85 -24.58
N ASP A 270 -11.35 10.99 -23.88
CA ASP A 270 -11.85 9.72 -23.36
C ASP A 270 -12.86 9.90 -22.23
N LEU A 271 -12.73 10.99 -21.47
CA LEU A 271 -13.62 11.22 -20.33
C LEU A 271 -14.54 12.42 -20.44
N MET A 272 -14.56 13.10 -21.58
CA MET A 272 -15.44 14.27 -21.76
C MET A 272 -16.24 14.05 -22.98
N ARG A 273 -17.56 14.09 -22.84
CA ARG A 273 -18.50 13.83 -23.91
C ARG A 273 -19.28 15.09 -24.23
N GLY A 274 -19.19 15.55 -25.47
CA GLY A 274 -19.94 16.70 -25.93
C GLY A 274 -21.43 16.39 -25.92
N ILE A 275 -22.25 17.32 -25.40
CA ILE A 275 -23.70 17.14 -25.26
C ILE A 275 -24.46 17.32 -26.61
N SER A 276 -23.75 17.75 -27.65
CA SER A 276 -24.29 17.99 -29.01
C SER A 276 -23.18 17.77 -30.03
N ALA A 277 -23.54 17.68 -31.34
CA ALA A 277 -22.56 17.53 -32.43
C ALA A 277 -21.55 18.73 -32.45
N PRO A 278 -21.97 20.04 -32.35
CA PRO A 278 -20.98 21.13 -32.29
C PRO A 278 -19.98 20.99 -31.14
N ALA A 279 -20.43 20.47 -29.96
CA ALA A 279 -19.58 20.26 -28.77
C ALA A 279 -18.52 19.19 -29.05
N GLN A 280 -18.89 18.11 -29.75
CA GLN A 280 -17.97 17.05 -30.15
C GLN A 280 -16.96 17.58 -31.19
N GLU A 281 -17.44 18.43 -32.15
CA GLU A 281 -16.61 19.05 -33.19
C GLU A 281 -15.52 19.93 -32.58
N LEU A 282 -15.86 20.71 -31.54
CA LEU A 282 -14.92 21.59 -30.81
C LEU A 282 -13.77 20.83 -30.14
N GLN A 283 -14.02 19.61 -29.67
CA GLN A 283 -12.91 18.81 -29.09
C GLN A 283 -11.95 18.46 -30.21
N GLN A 284 -12.48 18.17 -31.42
CA GLN A 284 -11.62 17.91 -32.59
C GLN A 284 -10.78 19.17 -32.91
N THR A 285 -11.36 20.39 -32.77
CA THR A 285 -10.66 21.66 -32.98
C THR A 285 -9.46 21.76 -32.03
N VAL A 286 -9.66 21.44 -30.74
CA VAL A 286 -8.61 21.46 -29.70
C VAL A 286 -7.51 20.46 -30.05
N ILE A 287 -7.89 19.24 -30.47
CA ILE A 287 -6.94 18.18 -30.84
C ILE A 287 -6.05 18.61 -32.03
N ARG A 288 -6.65 19.22 -33.07
CA ARG A 288 -5.88 19.67 -34.23
C ARG A 288 -4.89 20.77 -33.84
N ALA A 289 -5.33 21.71 -32.99
CA ALA A 289 -4.47 22.79 -32.52
C ALA A 289 -3.32 22.22 -31.71
N TYR A 290 -3.61 21.18 -30.90
CA TYR A 290 -2.60 20.47 -30.12
C TYR A 290 -1.52 19.86 -31.02
N TYR A 291 -1.92 19.10 -32.06
CA TYR A 291 -0.96 18.48 -32.97
C TYR A 291 -0.13 19.53 -33.72
N ALA A 292 -0.74 20.68 -34.04
CA ALA A 292 -0.06 21.76 -34.75
C ALA A 292 0.92 22.58 -33.90
N GLU A 293 0.57 22.84 -32.62
CA GLU A 293 1.33 23.75 -31.75
C GLU A 293 2.07 23.13 -30.57
N ARG A 294 1.79 21.88 -30.18
CA ARG A 294 2.47 21.28 -29.02
C ARG A 294 4.01 21.39 -29.07
N VAL A 295 4.62 21.55 -27.91
CA VAL A 295 6.08 21.57 -27.79
C VAL A 295 6.45 20.20 -27.27
N SER A 296 7.67 19.76 -27.49
CA SER A 296 8.09 18.46 -27.02
C SER A 296 9.42 18.53 -26.26
N HIS A 297 9.63 17.56 -25.38
CA HIS A 297 10.87 17.41 -24.63
C HIS A 297 11.08 15.95 -24.27
N CYS A 298 12.31 15.44 -24.48
CA CYS A 298 12.60 14.07 -24.08
C CYS A 298 13.21 14.13 -22.70
N LEU A 299 12.49 13.65 -21.67
CA LEU A 299 13.01 13.69 -20.29
C LEU A 299 14.25 12.82 -20.14
N ALA A 300 15.30 13.39 -19.51
CA ALA A 300 16.58 12.72 -19.30
C ALA A 300 16.91 12.69 -17.80
N PRO A 301 17.77 11.74 -17.33
CA PRO A 301 18.10 11.71 -15.89
C PRO A 301 18.62 13.05 -15.37
N GLY A 302 18.25 13.43 -14.15
CA GLY A 302 18.66 14.73 -13.59
C GLY A 302 17.67 15.84 -13.93
N GLU A 303 16.61 15.49 -14.69
CA GLU A 303 15.61 16.50 -15.05
C GLU A 303 14.34 16.23 -14.29
N MET A 304 13.62 17.30 -14.08
CA MET A 304 12.34 17.30 -13.41
C MET A 304 11.39 18.25 -14.18
N LEU A 305 10.17 17.80 -14.47
CA LEU A 305 9.16 18.60 -15.13
C LEU A 305 7.96 18.88 -14.23
N LEU A 306 7.62 20.16 -14.07
CA LEU A 306 6.42 20.58 -13.33
C LEU A 306 5.43 21.04 -14.37
N ILE A 307 4.25 20.46 -14.37
CA ILE A 307 3.20 20.82 -15.32
C ILE A 307 2.11 21.55 -14.52
N ASP A 308 1.69 22.75 -14.97
CA ASP A 308 0.57 23.44 -14.34
C ASP A 308 -0.70 22.81 -14.94
N ASN A 309 -1.37 21.99 -14.12
CA ASN A 309 -2.56 21.21 -14.54
C ASN A 309 -3.82 22.05 -14.79
N ARG A 310 -3.79 23.35 -14.50
CA ARG A 310 -4.90 24.23 -14.84
C ARG A 310 -4.61 24.95 -16.15
N ARG A 311 -3.33 25.09 -16.51
CA ARG A 311 -2.91 25.92 -17.65
C ARG A 311 -2.40 25.17 -18.87
N ALA A 312 -2.19 23.87 -18.76
CA ALA A 312 -1.66 23.09 -19.87
C ALA A 312 -2.15 21.67 -19.86
N VAL A 313 -2.15 21.08 -21.05
CA VAL A 313 -2.45 19.67 -21.25
C VAL A 313 -1.12 18.99 -21.60
N HIS A 314 -1.06 17.69 -21.39
CA HIS A 314 0.14 16.93 -21.65
C HIS A 314 -0.16 15.61 -22.33
N GLY A 315 0.84 15.13 -23.04
CA GLY A 315 0.78 13.87 -23.76
C GLY A 315 2.15 13.26 -23.79
N ARG A 316 2.28 12.11 -24.45
CA ARG A 316 3.56 11.38 -24.55
C ARG A 316 3.57 10.52 -25.81
N SER A 317 4.69 10.53 -26.55
CA SER A 317 4.82 9.76 -27.79
C SER A 317 4.92 8.23 -27.54
N ILE A 318 4.81 7.48 -28.65
CA ILE A 318 5.03 6.05 -28.66
C ILE A 318 6.53 5.85 -28.39
N PHE A 319 6.87 4.79 -27.67
CA PHE A 319 8.25 4.32 -27.47
C PHE A 319 8.23 2.81 -27.37
N ALA A 320 9.40 2.16 -27.36
CA ALA A 320 9.43 0.69 -27.34
C ALA A 320 10.21 0.15 -26.15
N PRO A 321 9.52 -0.02 -24.99
CA PRO A 321 10.18 -0.58 -23.81
C PRO A 321 10.55 -2.05 -23.97
N ARG A 322 11.56 -2.48 -23.23
CA ARG A 322 12.05 -3.85 -23.28
C ARG A 322 11.68 -4.67 -22.06
N PHE A 323 11.26 -4.04 -20.94
CA PHE A 323 10.88 -4.71 -19.68
C PHE A 323 12.08 -5.54 -19.16
N ASP A 324 13.29 -4.96 -19.25
CA ASP A 324 14.57 -5.62 -18.93
C ASP A 324 15.32 -4.98 -17.74
N GLY A 325 14.67 -4.09 -17.00
CA GLY A 325 15.27 -3.36 -15.89
C GLY A 325 15.93 -2.04 -16.26
N ALA A 326 16.04 -1.72 -17.56
CA ALA A 326 16.68 -0.46 -18.01
C ALA A 326 15.70 0.50 -18.70
N ASP A 327 14.39 0.22 -18.56
CA ASP A 327 13.38 1.07 -19.20
C ASP A 327 13.20 2.45 -18.57
N ARG A 328 12.53 3.34 -19.31
CA ARG A 328 12.17 4.67 -18.83
C ARG A 328 11.48 4.56 -17.46
N PHE A 329 11.89 5.43 -16.55
CA PHE A 329 11.43 5.39 -15.17
C PHE A 329 11.30 6.81 -14.65
N LEU A 330 10.05 7.26 -14.44
CA LEU A 330 9.81 8.58 -13.86
C LEU A 330 9.21 8.39 -12.47
N SER A 331 9.40 9.39 -11.62
CA SER A 331 8.80 9.46 -10.29
C SER A 331 7.73 10.54 -10.42
N ARG A 332 6.46 10.14 -10.30
CA ARG A 332 5.35 11.08 -10.41
C ARG A 332 4.79 11.41 -9.07
N SER A 333 4.51 12.70 -8.85
CA SER A 333 3.85 13.15 -7.65
C SER A 333 2.89 14.28 -8.02
N PHE A 334 1.99 14.66 -7.08
CA PHE A 334 0.98 15.68 -7.31
C PHE A 334 1.11 16.78 -6.29
N ILE A 335 0.69 17.98 -6.65
CA ILE A 335 0.77 19.16 -5.78
C ILE A 335 -0.55 19.92 -5.85
N VAL A 336 -0.98 20.44 -4.72
CA VAL A 336 -2.14 21.31 -4.62
C VAL A 336 -1.68 22.58 -3.89
N ALA A 337 -2.25 23.74 -4.27
CA ALA A 337 -1.87 24.99 -3.62
C ALA A 337 -2.41 24.99 -2.21
N ASP A 338 -3.62 24.43 -2.06
CA ASP A 338 -4.37 24.41 -0.82
C ASP A 338 -4.80 23.02 -0.38
N GLY A 339 -4.17 22.53 0.70
CA GLY A 339 -4.51 21.26 1.34
C GLY A 339 -5.85 21.29 2.07
N SER A 340 -6.36 22.49 2.48
CA SER A 340 -7.66 22.61 3.15
C SER A 340 -8.80 22.25 2.23
N ARG A 341 -8.63 22.42 0.89
CA ARG A 341 -9.66 22.08 -0.09
C ARG A 341 -10.00 20.59 -0.06
N SER A 342 -9.04 19.73 0.30
CA SER A 342 -9.26 18.29 0.36
C SER A 342 -9.40 17.77 1.81
N ARG A 343 -9.39 18.65 2.83
CA ARG A 343 -9.46 18.18 4.23
C ARG A 343 -10.63 17.21 4.48
N HIS A 344 -11.82 17.52 3.92
CA HIS A 344 -13.01 16.68 4.04
C HIS A 344 -12.80 15.25 3.51
N ALA A 345 -11.81 15.07 2.60
CA ALA A 345 -11.49 13.82 1.90
C ALA A 345 -10.27 13.09 2.47
N ARG A 346 -9.62 13.66 3.47
CA ARG A 346 -8.39 13.13 4.06
C ARG A 346 -8.58 12.82 5.54
N SER A 347 -7.62 12.12 6.13
CA SER A 347 -7.63 11.91 7.56
C SER A 347 -6.72 13.04 8.13
N SER A 348 -6.84 13.33 9.43
CA SER A 348 -6.01 14.32 10.12
C SER A 348 -4.52 13.94 9.92
N PHE A 349 -3.69 14.88 9.46
CA PHE A 349 -2.25 14.68 9.16
C PHE A 349 -2.06 13.56 8.11
N GLY A 350 -3.01 13.46 7.19
CA GLY A 350 -3.00 12.51 6.08
C GLY A 350 -2.81 13.26 4.78
N ARG A 351 -2.14 12.63 3.82
CA ARG A 351 -1.88 13.24 2.51
C ARG A 351 -2.64 12.52 1.39
N VAL A 352 -3.52 11.59 1.74
CA VAL A 352 -4.24 10.79 0.74
C VAL A 352 -5.73 11.14 0.68
N VAL A 353 -6.20 11.51 -0.52
CA VAL A 353 -7.60 11.82 -0.82
C VAL A 353 -8.32 10.48 -0.98
N SER A 354 -9.32 10.23 -0.14
CA SER A 354 -10.11 8.96 -0.21
C SER A 354 -10.85 8.90 -1.54
N ALA A 355 -10.84 7.71 -2.16
CA ALA A 355 -11.43 7.47 -3.46
C ALA A 355 -12.87 8.01 -3.65
N ARG A 356 -13.76 7.81 -2.65
CA ARG A 356 -15.16 8.24 -2.77
C ARG A 356 -15.35 9.75 -2.98
N PHE A 357 -14.30 10.56 -2.65
CA PHE A 357 -14.34 12.00 -2.79
C PHE A 357 -13.78 12.51 -4.12
N SER A 358 -13.19 11.61 -4.92
CA SER A 358 -12.66 11.99 -6.23
C SER A 358 -13.81 12.25 -7.20
N GLU B 30 -11.88 34.20 32.94
CA GLU B 30 -12.43 33.96 31.60
C GLU B 30 -11.39 33.39 30.64
N SER B 31 -11.86 32.70 29.58
CA SER B 31 -11.02 32.05 28.58
C SER B 31 -10.34 33.03 27.62
N ASP B 32 -9.04 32.78 27.37
CA ASP B 32 -8.12 33.55 26.52
C ASP B 32 -7.32 32.60 25.60
N PRO B 33 -6.60 33.07 24.53
CA PRO B 33 -5.82 32.14 23.69
C PRO B 33 -4.75 31.38 24.48
N GLU B 34 -4.69 30.08 24.22
CA GLU B 34 -3.84 29.06 24.84
C GLU B 34 -2.41 29.06 24.28
N VAL B 35 -1.45 28.43 25.01
CA VAL B 35 -0.03 28.30 24.64
C VAL B 35 0.14 27.63 23.26
N SER B 36 -0.74 26.65 22.92
CA SER B 36 -0.74 25.99 21.62
C SER B 36 -1.22 26.94 20.49
N ALA B 37 -1.82 28.09 20.86
CA ALA B 37 -2.29 29.12 19.92
C ALA B 37 -1.50 30.43 20.05
N ILE B 38 -0.32 30.37 20.75
CA ILE B 38 0.56 31.53 20.96
C ILE B 38 1.98 31.21 20.52
N LEU B 39 2.55 32.08 19.68
CA LEU B 39 3.94 32.00 19.23
C LEU B 39 4.63 33.26 19.77
N VAL B 40 5.55 33.07 20.71
CA VAL B 40 6.27 34.19 21.33
C VAL B 40 7.64 34.27 20.67
N LEU B 41 7.90 35.39 19.95
CA LEU B 41 9.20 35.58 19.32
C LEU B 41 10.22 35.96 20.38
N THR B 42 11.40 35.32 20.38
CA THR B 42 12.47 35.71 21.31
C THR B 42 13.09 37.00 20.74
N SER B 43 13.89 37.70 21.57
CA SER B 43 14.59 38.92 21.19
C SER B 43 15.41 38.68 19.90
N SER B 44 16.09 37.52 19.84
CA SER B 44 16.92 37.11 18.70
C SER B 44 16.06 36.88 17.43
N GLU B 45 14.89 36.23 17.58
CA GLU B 45 13.98 35.96 16.45
C GLU B 45 13.38 37.27 15.91
N ALA B 46 13.00 38.20 16.83
CA ALA B 46 12.47 39.52 16.47
C ALA B 46 13.54 40.33 15.70
N SER B 47 14.82 40.22 16.13
CA SER B 47 15.95 40.89 15.47
C SER B 47 16.17 40.32 14.06
N THR B 48 16.08 38.99 13.92
CA THR B 48 16.19 38.31 12.61
C THR B 48 15.08 38.83 11.67
N LEU B 49 13.84 38.88 12.16
N LEU B 49 13.84 38.89 12.15
CA LEU B 49 12.69 39.35 11.38
CA LEU B 49 12.68 39.36 11.39
C LEU B 49 12.89 40.82 10.94
C LEU B 49 12.86 40.83 10.95
N GLU B 50 13.39 41.67 11.85
CA GLU B 50 13.71 43.08 11.54
C GLU B 50 14.78 43.14 10.40
N ARG B 51 15.82 42.29 10.47
N ARG B 51 15.84 42.31 10.47
CA ARG B 51 16.90 42.20 9.48
CA ARG B 51 16.88 42.29 9.42
C ARG B 51 16.38 41.70 8.13
C ARG B 51 16.33 41.74 8.10
N VAL B 52 15.57 40.63 8.14
CA VAL B 52 14.99 40.00 6.94
C VAL B 52 14.02 40.98 6.22
N ALA B 53 13.36 41.89 6.97
CA ALA B 53 12.47 42.92 6.41
C ALA B 53 13.18 43.86 5.44
N ASP B 54 14.51 44.04 5.59
CA ASP B 54 15.32 44.86 4.67
C ASP B 54 15.38 44.29 3.27
N LEU B 55 15.07 42.98 3.11
CA LEU B 55 15.03 42.33 1.80
C LEU B 55 13.72 42.65 1.08
N VAL B 56 12.72 43.25 1.78
CA VAL B 56 11.44 43.60 1.18
C VAL B 56 11.51 45.11 0.89
N THR B 57 11.77 45.47 -0.37
CA THR B 57 12.02 46.86 -0.79
C THR B 57 10.95 47.47 -1.69
N ALA B 58 10.11 46.66 -2.38
CA ALA B 58 9.04 47.21 -3.22
C ALA B 58 7.99 47.95 -2.40
N HIS B 59 7.24 48.86 -3.04
CA HIS B 59 6.23 49.63 -2.37
C HIS B 59 4.97 48.78 -2.17
N ALA B 60 4.49 48.61 -0.92
CA ALA B 60 3.30 47.79 -0.60
C ALA B 60 2.04 48.25 -1.32
N LEU B 61 1.88 49.56 -1.53
CA LEU B 61 0.70 50.08 -2.19
C LEU B 61 0.82 50.18 -3.69
N TYR B 62 1.98 50.64 -4.19
CA TYR B 62 2.16 50.95 -5.61
C TYR B 62 2.80 49.82 -6.43
N ALA B 63 3.29 48.78 -5.78
CA ALA B 63 3.85 47.60 -6.45
C ALA B 63 3.51 46.39 -5.58
N ALA B 64 2.20 46.24 -5.26
CA ALA B 64 1.70 45.21 -4.34
C ALA B 64 2.19 43.79 -4.65
N HIS B 65 2.13 43.35 -5.92
CA HIS B 65 2.59 42.01 -6.28
C HIS B 65 4.09 41.82 -6.00
N ASP B 66 4.93 42.77 -6.46
CA ASP B 66 6.38 42.70 -6.22
C ASP B 66 6.69 42.68 -4.73
N PHE B 67 5.97 43.50 -3.95
CA PHE B 67 6.11 43.59 -2.49
C PHE B 67 5.81 42.24 -1.85
N CYS B 68 4.65 41.67 -2.16
CA CYS B 68 4.23 40.39 -1.61
C CYS B 68 5.14 39.25 -2.03
N ALA B 69 5.58 39.26 -3.29
CA ALA B 69 6.50 38.20 -3.78
C ALA B 69 7.87 38.30 -3.13
N GLN B 70 8.34 39.53 -2.84
CA GLN B 70 9.62 39.70 -2.17
C GLN B 70 9.50 39.17 -0.73
N ALA B 71 8.35 39.41 -0.05
CA ALA B 71 8.10 38.91 1.31
C ALA B 71 8.05 37.37 1.29
N GLN B 72 7.45 36.79 0.25
CA GLN B 72 7.37 35.32 0.10
C GLN B 72 8.76 34.73 -0.01
N LEU B 73 9.63 35.39 -0.80
CA LEU B 73 10.99 34.92 -0.99
C LEU B 73 11.85 35.11 0.29
N ALA B 74 11.78 36.31 0.88
CA ALA B 74 12.55 36.66 2.08
C ALA B 74 12.13 35.86 3.30
N ALA B 75 10.86 35.38 3.36
CA ALA B 75 10.34 34.58 4.45
C ALA B 75 11.17 33.29 4.69
N ALA B 76 11.88 32.80 3.65
CA ALA B 76 12.76 31.64 3.74
C ALA B 76 13.93 31.91 4.70
N GLU B 77 14.26 33.19 4.94
CA GLU B 77 15.36 33.60 5.82
C GLU B 77 14.92 33.75 7.29
N LEU B 78 13.61 33.59 7.58
CA LEU B 78 13.11 33.71 8.96
C LEU B 78 13.61 32.57 9.85
N PRO B 79 13.61 32.71 11.21
CA PRO B 79 14.06 31.59 12.07
C PRO B 79 13.26 30.32 11.78
N SER B 80 13.94 29.18 11.64
CA SER B 80 13.34 27.86 11.35
C SER B 80 12.17 27.52 12.27
N ARG B 81 12.28 27.83 13.59
CA ARG B 81 11.23 27.55 14.59
C ARG B 81 9.94 28.30 14.24
N VAL B 82 10.08 29.56 13.82
CA VAL B 82 8.96 30.43 13.44
C VAL B 82 8.32 29.91 12.14
N VAL B 83 9.13 29.63 11.10
CA VAL B 83 8.67 29.10 9.80
C VAL B 83 7.90 27.79 10.00
N ALA B 84 8.46 26.86 10.82
CA ALA B 84 7.84 25.56 11.12
C ALA B 84 6.42 25.72 11.73
N ARG B 85 6.30 26.61 12.72
CA ARG B 85 5.05 26.93 13.40
C ARG B 85 4.00 27.49 12.42
N LEU B 86 4.43 28.42 11.55
CA LEU B 86 3.56 29.05 10.56
C LEU B 86 3.10 28.06 9.48
N GLN B 87 4.02 27.21 8.99
CA GLN B 87 3.67 26.17 8.00
C GLN B 87 2.70 25.14 8.61
N GLU B 88 2.90 24.78 9.91
CA GLU B 88 2.00 23.84 10.61
C GLU B 88 0.59 24.45 10.69
N PHE B 89 0.51 25.73 11.08
CA PHE B 89 -0.74 26.48 11.19
C PHE B 89 -1.42 26.56 9.80
N ALA B 90 -0.63 26.89 8.75
CA ALA B 90 -1.10 27.00 7.37
C ALA B 90 -1.66 25.66 6.85
N TRP B 91 -1.02 24.51 7.22
CA TRP B 91 -1.51 23.18 6.81
C TRP B 91 -2.96 23.02 7.31
N GLY B 92 -3.22 23.49 8.51
CA GLY B 92 -4.57 23.59 9.05
C GLY B 92 -5.07 22.49 9.94
N ASP B 93 -4.72 21.22 9.62
CA ASP B 93 -5.22 20.05 10.34
C ASP B 93 -5.09 20.22 11.83
N MET B 94 -6.26 20.18 12.50
CA MET B 94 -6.41 20.32 13.94
C MET B 94 -5.76 21.59 14.54
N ASN B 95 -5.57 22.68 13.72
CA ASN B 95 -5.08 23.96 14.27
C ASN B 95 -6.21 24.53 15.18
N GLU B 96 -5.90 25.51 16.04
CA GLU B 96 -6.86 26.04 17.01
C GLU B 96 -7.84 27.07 16.43
N GLY B 97 -7.72 27.34 15.14
CA GLY B 97 -8.57 28.30 14.45
C GLY B 97 -7.94 29.67 14.39
N HIS B 98 -6.81 29.83 15.12
CA HIS B 98 -6.06 31.09 15.18
C HIS B 98 -4.65 30.89 15.71
N LEU B 99 -3.80 31.89 15.51
CA LEU B 99 -2.44 31.92 16.03
C LEU B 99 -2.12 33.35 16.41
N LEU B 100 -1.82 33.55 17.69
CA LEU B 100 -1.43 34.83 18.22
C LEU B 100 0.09 34.86 18.30
N ILE B 101 0.70 35.87 17.68
CA ILE B 101 2.16 36.06 17.66
C ILE B 101 2.47 37.28 18.53
N LYS B 102 3.38 37.10 19.49
CA LYS B 102 3.84 38.17 20.38
C LYS B 102 5.32 38.43 20.15
N GLY B 103 5.76 39.63 20.48
CA GLY B 103 7.16 40.02 20.38
C GLY B 103 7.63 40.48 19.00
N LEU B 104 6.73 40.96 18.16
CA LEU B 104 7.13 41.49 16.85
C LEU B 104 7.92 42.79 17.03
N PRO B 105 8.85 43.16 16.10
CA PRO B 105 9.49 44.49 16.21
C PRO B 105 8.40 45.55 16.00
N GLN B 106 8.52 46.63 16.71
CA GLN B 106 7.53 47.69 16.62
C GLN B 106 8.11 48.92 15.93
N VAL B 107 7.20 49.71 15.32
CA VAL B 107 7.49 50.95 14.60
C VAL B 107 8.00 51.98 15.61
N ARG B 108 9.16 52.58 15.29
CA ARG B 108 9.82 53.57 16.14
C ARG B 108 9.08 54.90 16.26
N SER B 109 8.53 55.42 15.15
CA SER B 109 7.83 56.73 15.21
C SER B 109 6.49 56.58 14.53
N LEU B 110 5.56 55.98 15.23
CA LEU B 110 4.24 55.69 14.70
C LEU B 110 3.42 56.98 14.53
N PRO B 111 2.92 57.29 13.31
CA PRO B 111 2.14 58.52 13.12
C PRO B 111 0.82 58.48 13.89
N PRO B 112 0.08 59.60 14.07
CA PRO B 112 -1.18 59.53 14.81
C PRO B 112 -2.17 58.57 14.14
N THR B 113 -3.05 57.96 14.95
CA THR B 113 -4.05 57.04 14.44
C THR B 113 -4.97 57.82 13.47
N PRO B 114 -5.10 57.40 12.18
CA PRO B 114 -5.95 58.16 11.25
C PRO B 114 -7.43 58.12 11.67
N THR B 115 -8.19 59.17 11.31
CA THR B 115 -9.61 59.31 11.66
C THR B 115 -10.53 58.44 10.77
N SER B 116 -10.01 57.97 9.62
CA SER B 116 -10.70 57.10 8.68
C SER B 116 -9.68 56.10 8.09
N ASN B 117 -10.13 55.18 7.20
CA ASN B 117 -9.30 54.17 6.56
C ASN B 117 -8.85 54.54 5.12
N VAL B 118 -9.08 55.77 4.69
CA VAL B 118 -8.79 56.17 3.30
C VAL B 118 -7.30 56.37 2.98
N HIS B 119 -6.44 56.59 3.98
CA HIS B 119 -5.04 56.91 3.71
C HIS B 119 -4.06 55.73 3.58
N ALA B 120 -4.40 54.52 4.07
CA ALA B 120 -3.52 53.32 4.04
C ALA B 120 -2.15 53.65 4.70
N VAL B 121 -2.24 54.20 5.90
CA VAL B 121 -1.11 54.63 6.75
C VAL B 121 -0.23 53.44 7.09
N ALA B 122 -0.81 52.36 7.67
CA ALA B 122 -0.06 51.18 8.08
C ALA B 122 0.84 50.63 6.98
N ALA B 123 0.33 50.60 5.73
CA ALA B 123 1.03 50.10 4.54
C ALA B 123 2.34 50.80 4.22
N THR B 124 2.53 52.07 4.69
CA THR B 124 3.78 52.77 4.43
C THR B 124 4.56 53.04 5.74
N THR B 125 4.45 52.12 6.70
CA THR B 125 5.26 52.15 7.94
C THR B 125 6.13 50.88 7.89
N PRO B 126 7.22 50.73 8.70
CA PRO B 126 8.03 49.48 8.66
C PRO B 126 7.33 48.18 9.03
N MET B 127 6.19 48.29 9.76
N MET B 127 6.24 48.27 9.78
CA MET B 127 5.38 47.15 10.17
CA MET B 127 5.59 47.05 10.18
C MET B 127 4.88 46.36 8.97
C MET B 127 4.83 46.35 9.01
N SER B 128 4.56 47.06 7.87
CA SER B 128 3.98 46.45 6.66
C SER B 128 4.90 45.29 6.20
N ARG B 129 6.24 45.47 6.26
CA ARG B 129 7.22 44.42 5.93
C ARG B 129 7.18 43.26 6.95
N TYR B 130 7.05 43.55 8.27
CA TYR B 130 7.04 42.48 9.30
C TYR B 130 5.81 41.59 9.14
N GLN B 131 4.63 42.23 8.97
CA GLN B 131 3.36 41.52 8.78
C GLN B 131 3.38 40.73 7.50
N ALA B 132 3.92 41.31 6.42
CA ALA B 132 3.99 40.63 5.11
C ALA B 132 4.87 39.36 5.18
N LEU B 133 6.03 39.43 5.89
CA LEU B 133 6.94 38.28 6.04
C LEU B 133 6.22 37.10 6.72
N ILE B 134 5.51 37.38 7.82
CA ILE B 134 4.75 36.35 8.53
C ILE B 134 3.61 35.85 7.63
N ASN B 135 2.84 36.78 7.02
CA ASN B 135 1.72 36.40 6.14
C ASN B 135 2.15 35.47 5.03
N GLU B 136 3.27 35.83 4.33
CA GLU B 136 3.73 35.10 3.15
C GLU B 136 4.36 33.73 3.50
N CYS B 137 4.59 33.44 4.80
N CYS B 137 4.57 33.47 4.79
CA CYS B 137 5.01 32.11 5.24
CA CYS B 137 5.04 32.18 5.28
C CYS B 137 3.77 31.23 5.14
C CYS B 137 3.84 31.23 5.43
N VAL B 138 2.62 31.82 5.52
CA VAL B 138 1.33 31.12 5.62
C VAL B 138 0.67 30.91 4.26
N GLY B 139 0.59 31.98 3.45
CA GLY B 139 -0.03 31.89 2.12
C GLY B 139 0.18 33.18 1.34
N ARG B 140 -0.61 33.35 0.27
CA ARG B 140 -0.48 34.53 -0.59
C ARG B 140 -1.37 35.68 -0.13
N MET B 141 -0.77 36.86 0.01
CA MET B 141 -1.56 38.05 0.36
C MET B 141 -2.43 38.44 -0.80
N ILE B 142 -3.62 38.95 -0.50
CA ILE B 142 -4.60 39.37 -1.50
C ILE B 142 -5.40 40.52 -0.92
N ALA B 143 -5.96 41.35 -1.80
CA ALA B 143 -6.81 42.46 -1.40
C ALA B 143 -8.06 42.45 -2.28
N TYR B 144 -9.09 43.19 -1.85
CA TYR B 144 -10.38 43.20 -2.55
C TYR B 144 -10.74 44.62 -2.85
N GLU B 145 -11.03 44.91 -4.12
CA GLU B 145 -11.40 46.27 -4.55
C GLU B 145 -12.53 46.83 -3.69
N ALA B 146 -13.54 45.99 -3.37
CA ALA B 146 -14.71 46.41 -2.59
C ALA B 146 -14.45 46.53 -1.06
N GLU B 147 -13.29 46.08 -0.59
CA GLU B 147 -12.93 46.17 0.82
C GLU B 147 -11.75 47.11 1.05
N GLY B 148 -12.06 48.27 1.61
CA GLY B 148 -11.07 49.28 1.92
C GLY B 148 -10.17 49.70 0.77
N HIS B 149 -10.82 49.92 -0.41
CA HIS B 149 -10.21 50.40 -1.66
C HIS B 149 -9.11 49.47 -2.23
N GLY B 150 -9.10 48.19 -1.83
CA GLY B 150 -8.12 47.22 -2.30
C GLY B 150 -6.72 47.45 -1.79
N HIS B 151 -6.58 48.22 -0.69
CA HIS B 151 -5.28 48.52 -0.08
C HIS B 151 -4.64 47.24 0.43
N THR B 152 -3.35 47.05 0.16
CA THR B 152 -2.58 45.86 0.57
C THR B 152 -2.74 45.58 2.08
N PHE B 153 -2.69 46.67 2.86
CA PHE B 153 -2.92 46.70 4.30
C PHE B 153 -3.98 47.75 4.53
N GLN B 154 -4.98 47.42 5.33
CA GLN B 154 -6.05 48.33 5.65
C GLN B 154 -5.93 48.82 7.09
N ASP B 155 -6.13 50.11 7.31
CA ASP B 155 -6.12 50.70 8.64
C ASP B 155 -7.42 50.38 9.36
N MET B 156 -7.33 49.67 10.49
CA MET B 156 -8.52 49.35 11.30
C MET B 156 -8.47 50.25 12.47
N VAL B 157 -9.29 51.31 12.37
CA VAL B 157 -9.34 52.41 13.33
C VAL B 157 -10.81 52.76 13.68
N PRO B 158 -11.11 53.25 14.91
CA PRO B 158 -12.50 53.66 15.20
C PRO B 158 -12.86 54.98 14.49
N SER B 159 -13.91 54.97 13.66
CA SER B 159 -14.35 56.16 12.91
C SER B 159 -15.53 56.84 13.61
N ALA B 160 -15.69 58.15 13.41
CA ALA B 160 -16.76 58.95 14.02
C ALA B 160 -18.09 58.68 13.35
N MET B 161 -18.10 58.61 11.99
CA MET B 161 -19.29 58.37 11.17
C MET B 161 -19.82 56.94 11.37
N SER B 162 -19.00 55.93 11.05
CA SER B 162 -19.37 54.51 11.12
C SER B 162 -19.14 53.89 12.54
N ALA B 163 -19.31 54.70 13.61
CA ALA B 163 -19.15 54.26 15.01
C ALA B 163 -20.23 53.26 15.43
N HIS B 164 -21.48 53.50 14.98
CA HIS B 164 -22.64 52.67 15.26
C HIS B 164 -22.97 51.68 14.12
N SER B 165 -22.05 51.55 13.13
CA SER B 165 -22.22 50.66 11.98
C SER B 165 -21.60 49.27 12.20
N GLN B 166 -22.08 48.27 11.46
CA GLN B 166 -21.64 46.88 11.52
C GLN B 166 -20.38 46.63 10.67
N THR B 167 -19.34 47.49 10.85
CA THR B 167 -18.06 47.42 10.15
C THR B 167 -16.90 47.33 11.13
N SER B 168 -15.70 46.98 10.60
CA SER B 168 -14.44 46.87 11.35
C SER B 168 -13.96 48.24 11.88
N LEU B 169 -14.63 49.32 11.47
CA LEU B 169 -14.34 50.70 11.87
C LEU B 169 -15.30 51.18 12.97
N GLY B 170 -16.19 50.29 13.42
CA GLY B 170 -17.14 50.56 14.48
C GLY B 170 -16.47 50.54 15.85
N SER B 171 -17.20 51.02 16.89
CA SER B 171 -16.70 51.06 18.27
C SER B 171 -17.82 51.08 19.30
N ALA B 172 -18.80 52.01 19.15
CA ALA B 172 -19.95 52.18 20.04
C ALA B 172 -20.90 50.96 20.06
N VAL B 173 -20.85 50.12 19.01
CA VAL B 173 -21.65 48.90 18.86
C VAL B 173 -20.70 47.69 18.73
N GLU B 174 -21.03 46.58 19.42
CA GLU B 174 -20.26 45.33 19.40
C GLU B 174 -20.29 44.70 18.00
N LEU B 175 -19.09 44.38 17.47
CA LEU B 175 -18.88 43.71 16.19
C LEU B 175 -19.26 42.23 16.41
N GLU B 176 -20.42 41.83 15.86
CA GLU B 176 -21.02 40.51 16.02
C GLU B 176 -20.23 39.38 15.35
N LEU B 177 -20.35 38.14 15.86
CA LEU B 177 -19.65 36.94 15.37
C LEU B 177 -19.82 36.76 13.86
N HIS B 178 -18.71 36.56 13.16
CA HIS B 178 -18.78 36.37 11.71
C HIS B 178 -17.54 35.77 11.12
N THR B 179 -17.73 35.23 9.91
CA THR B 179 -16.72 34.73 8.97
C THR B 179 -16.46 35.97 8.13
N GLU B 180 -15.19 36.22 7.75
CA GLU B 180 -14.88 37.33 6.85
C GLU B 180 -15.46 36.95 5.47
N GLN B 181 -16.27 37.87 4.88
CA GLN B 181 -16.92 37.72 3.58
C GLN B 181 -17.71 36.40 3.46
N ALA B 182 -18.64 36.14 4.42
CA ALA B 182 -19.48 34.92 4.44
C ALA B 182 -20.19 34.67 3.10
N PHE B 183 -20.56 35.78 2.39
CA PHE B 183 -21.29 35.80 1.10
C PHE B 183 -20.44 35.43 -0.11
N SER B 184 -19.10 35.51 0.03
CA SER B 184 -18.19 35.35 -1.10
C SER B 184 -17.42 34.03 -1.21
N PRO B 185 -17.51 33.35 -2.38
CA PRO B 185 -16.66 32.15 -2.60
C PRO B 185 -15.18 32.53 -2.69
N LEU B 186 -14.85 33.82 -2.90
CA LEU B 186 -13.47 34.30 -2.99
C LEU B 186 -12.97 34.85 -1.66
N ARG B 187 -13.71 34.57 -0.55
CA ARG B 187 -13.38 35.01 0.81
C ARG B 187 -11.96 34.60 1.19
N PRO B 188 -11.29 35.36 2.06
CA PRO B 188 -9.92 34.98 2.44
C PRO B 188 -9.86 33.68 3.27
N ASP B 189 -8.73 32.97 3.15
CA ASP B 189 -8.49 31.76 3.93
C ASP B 189 -8.05 32.17 5.34
N PHE B 190 -7.37 33.33 5.45
CA PHE B 190 -6.92 33.88 6.72
C PHE B 190 -7.08 35.37 6.78
N VAL B 191 -7.31 35.88 8.00
CA VAL B 191 -7.38 37.30 8.28
C VAL B 191 -6.15 37.56 9.15
N SER B 192 -5.37 38.60 8.81
CA SER B 192 -4.14 38.94 9.49
C SER B 192 -4.28 40.32 10.13
N LEU B 193 -4.17 40.38 11.47
CA LEU B 193 -4.33 41.63 12.21
C LEU B 193 -3.09 41.96 13.01
N ALA B 194 -2.35 43.00 12.62
CA ALA B 194 -1.17 43.41 13.39
C ALA B 194 -1.53 44.65 14.20
N CYS B 195 -1.21 44.63 15.50
CA CYS B 195 -1.55 45.73 16.37
C CYS B 195 -0.47 46.84 16.42
N LEU B 196 -0.86 48.08 16.06
CA LEU B 196 0.05 49.24 16.12
C LEU B 196 -0.20 49.95 17.43
N ARG B 197 -1.49 50.21 17.72
CA ARG B 197 -1.95 50.77 18.98
C ARG B 197 -3.14 49.92 19.41
N GLY B 198 -3.17 49.57 20.69
CA GLY B 198 -4.25 48.80 21.26
C GLY B 198 -5.16 49.71 22.08
N ASP B 199 -6.21 49.14 22.64
CA ASP B 199 -7.14 49.82 23.55
C ASP B 199 -7.58 48.77 24.56
N PRO B 200 -7.44 49.05 25.88
CA PRO B 200 -7.80 48.04 26.91
C PRO B 200 -9.23 47.52 26.88
N ARG B 201 -10.17 48.34 26.36
CA ARG B 201 -11.58 47.97 26.27
C ARG B 201 -11.90 47.16 25.01
N ALA B 202 -11.02 47.18 24.00
CA ALA B 202 -11.23 46.46 22.75
C ALA B 202 -10.73 45.01 22.80
N LEU B 203 -11.69 44.09 23.03
CA LEU B 203 -11.37 42.67 23.10
C LEU B 203 -11.73 42.03 21.79
N THR B 204 -10.83 41.20 21.27
CA THR B 204 -11.12 40.41 20.07
C THR B 204 -11.70 39.11 20.59
N TYR B 205 -12.80 38.65 19.99
CA TYR B 205 -13.42 37.39 20.38
C TYR B 205 -13.18 36.36 19.31
N LEU B 206 -12.86 35.14 19.73
CA LEU B 206 -12.58 34.03 18.81
C LEU B 206 -13.38 32.82 19.23
N PHE B 207 -13.98 32.14 18.25
CA PHE B 207 -14.81 30.96 18.49
C PHE B 207 -14.66 29.99 17.32
N SER B 208 -14.08 28.83 17.58
CA SER B 208 -13.79 27.84 16.55
C SER B 208 -14.97 26.93 16.25
N ALA B 209 -14.99 26.37 15.03
CA ALA B 209 -16.00 25.41 14.58
C ALA B 209 -15.93 24.16 15.47
N ARG B 210 -14.71 23.77 15.93
CA ARG B 210 -14.51 22.64 16.85
C ARG B 210 -15.11 22.95 18.23
N GLN B 211 -14.97 24.19 18.74
CA GLN B 211 -15.61 24.58 20.01
C GLN B 211 -17.13 24.52 19.87
N LEU B 212 -17.67 24.97 18.71
CA LEU B 212 -19.09 24.96 18.44
C LEU B 212 -19.65 23.53 18.46
N VAL B 213 -19.07 22.63 17.65
CA VAL B 213 -19.50 21.23 17.50
C VAL B 213 -19.47 20.50 18.86
N ALA B 214 -18.52 20.82 19.75
CA ALA B 214 -18.40 20.23 21.09
C ALA B 214 -19.61 20.54 22.00
N THR B 215 -20.37 21.63 21.70
CA THR B 215 -21.55 22.05 22.50
C THR B 215 -22.88 21.57 21.92
N LEU B 216 -22.87 21.08 20.67
CA LEU B 216 -24.09 20.72 19.95
C LEU B 216 -24.45 19.26 20.03
N THR B 217 -25.73 18.97 19.79
CA THR B 217 -26.20 17.59 19.70
C THR B 217 -25.87 17.10 18.28
N THR B 218 -25.93 15.79 18.06
CA THR B 218 -25.67 15.21 16.74
C THR B 218 -26.68 15.71 15.70
N GLN B 219 -27.97 15.91 16.11
CA GLN B 219 -29.00 16.43 15.21
C GLN B 219 -28.70 17.87 14.78
N GLU B 220 -28.28 18.73 15.73
CA GLU B 220 -27.91 20.14 15.43
C GLU B 220 -26.75 20.21 14.46
N ILE B 221 -25.71 19.37 14.64
CA ILE B 221 -24.54 19.33 13.73
C ILE B 221 -24.99 18.95 12.30
N ALA B 222 -25.79 17.87 12.17
CA ALA B 222 -26.30 17.39 10.88
C ALA B 222 -27.10 18.50 10.17
N MET B 223 -27.95 19.21 10.92
CA MET B 223 -28.77 20.32 10.38
C MET B 223 -27.92 21.52 9.93
N LEU B 224 -26.86 21.86 10.67
CA LEU B 224 -25.95 22.95 10.30
C LEU B 224 -25.17 22.59 9.03
N ARG B 225 -25.05 21.27 8.73
CA ARG B 225 -24.39 20.77 7.53
C ARG B 225 -25.32 20.80 6.31
N GLU B 226 -26.62 21.12 6.50
CA GLU B 226 -27.62 21.20 5.42
C GLU B 226 -27.65 22.61 4.79
N PRO B 227 -27.86 22.76 3.45
CA PRO B 227 -27.89 24.13 2.88
C PRO B 227 -29.21 24.86 3.17
N MET B 228 -29.34 25.39 4.40
N MET B 228 -29.31 25.43 4.38
CA MET B 228 -30.56 26.05 4.86
CA MET B 228 -30.53 26.08 4.85
C MET B 228 -30.41 27.57 5.12
C MET B 228 -30.40 27.59 5.11
N TRP B 229 -29.28 28.19 4.71
CA TRP B 229 -29.04 29.62 4.95
C TRP B 229 -28.66 30.41 3.72
N THR B 230 -29.43 31.48 3.43
CA THR B 230 -29.09 32.39 2.34
C THR B 230 -28.12 33.43 2.91
N THR B 231 -27.33 34.05 2.05
CA THR B 231 -26.37 35.06 2.49
C THR B 231 -26.47 36.32 1.63
N THR B 232 -26.29 37.51 2.22
CA THR B 232 -26.33 38.76 1.46
C THR B 232 -25.00 39.49 1.50
N VAL B 233 -24.65 40.18 0.40
CA VAL B 233 -23.44 40.98 0.26
C VAL B 233 -23.45 42.11 1.30
N ASP B 234 -22.37 42.20 2.10
CA ASP B 234 -22.24 43.22 3.16
C ASP B 234 -22.35 44.64 2.59
N GLU B 235 -23.01 45.56 3.35
CA GLU B 235 -23.20 46.96 2.95
C GLU B 235 -21.90 47.67 2.56
N SER B 236 -20.78 47.35 3.24
CA SER B 236 -19.45 47.91 2.96
C SER B 236 -18.91 47.59 1.53
N PHE B 237 -19.43 46.50 0.89
CA PHE B 237 -19.07 46.07 -0.47
C PHE B 237 -19.94 46.75 -1.55
N LEU B 238 -21.09 47.29 -1.16
CA LEU B 238 -22.03 47.95 -2.06
C LEU B 238 -21.55 49.34 -2.47
N ALA B 239 -21.83 49.73 -3.73
CA ALA B 239 -21.45 51.03 -4.29
C ALA B 239 -22.39 51.37 -5.43
N GLU B 240 -22.61 52.68 -5.67
CA GLU B 240 -23.47 53.16 -6.76
C GLU B 240 -22.97 52.63 -8.08
N GLY B 241 -23.87 52.01 -8.84
CA GLY B 241 -23.55 51.41 -10.14
C GLY B 241 -22.72 50.14 -10.10
N ARG B 242 -22.53 49.53 -8.90
CA ARG B 242 -21.77 48.30 -8.76
C ARG B 242 -22.71 47.09 -8.78
N THR B 243 -22.45 46.16 -9.70
CA THR B 243 -23.21 44.92 -9.86
C THR B 243 -22.27 43.73 -9.63
N PHE B 244 -22.73 42.74 -8.85
CA PHE B 244 -21.96 41.52 -8.59
C PHE B 244 -22.47 40.43 -9.50
N LEU B 245 -21.55 39.68 -10.11
CA LEU B 245 -21.84 38.56 -11.00
C LEU B 245 -22.73 37.53 -10.27
N LEU B 246 -22.48 37.32 -8.97
CA LEU B 246 -23.22 36.37 -8.14
C LEU B 246 -24.47 36.99 -7.49
N GLY B 247 -24.75 38.26 -7.79
CA GLY B 247 -25.92 38.97 -7.26
C GLY B 247 -25.76 39.45 -5.83
N PHE B 248 -26.83 40.05 -5.29
CA PHE B 248 -26.84 40.55 -3.91
C PHE B 248 -27.08 39.45 -2.88
N GLU B 249 -27.91 38.45 -3.23
CA GLU B 249 -28.23 37.33 -2.35
C GLU B 249 -27.71 36.01 -2.93
N ARG B 250 -26.95 35.24 -2.13
CA ARG B 250 -26.38 33.94 -2.53
C ARG B 250 -26.86 32.77 -1.64
N GLY B 251 -26.60 31.57 -2.13
CA GLY B 251 -26.94 30.32 -1.46
C GLY B 251 -28.30 29.78 -1.87
N PRO B 252 -29.01 29.03 -0.98
CA PRO B 252 -28.63 28.68 0.40
C PRO B 252 -27.40 27.79 0.51
N ILE B 253 -26.67 27.98 1.59
CA ILE B 253 -25.44 27.26 1.88
C ILE B 253 -25.53 26.66 3.30
N PRO B 254 -24.74 25.61 3.61
CA PRO B 254 -24.70 25.14 5.01
C PRO B 254 -23.84 26.09 5.86
N ILE B 255 -23.96 26.00 7.19
CA ILE B 255 -23.09 26.77 8.09
C ILE B 255 -21.82 25.94 8.30
N LEU B 256 -21.99 24.61 8.50
CA LEU B 256 -20.86 23.69 8.70
C LEU B 256 -20.61 22.82 7.48
N SER B 257 -19.34 22.50 7.24
CA SER B 257 -18.93 21.61 6.14
C SER B 257 -17.61 20.94 6.51
N GLY B 258 -17.09 20.11 5.62
CA GLY B 258 -15.79 19.46 5.80
C GLY B 258 -15.81 18.25 6.69
N ALA B 259 -14.60 17.84 7.15
CA ALA B 259 -14.36 16.68 8.00
C ALA B 259 -15.14 16.82 9.31
N ASP B 260 -15.64 15.67 9.84
CA ASP B 260 -16.38 15.61 11.10
C ASP B 260 -15.53 16.08 12.28
N ASP B 261 -14.23 15.74 12.28
CA ASP B 261 -13.28 16.09 13.34
C ASP B 261 -12.53 17.41 13.09
N ASP B 262 -12.72 18.04 11.93
CA ASP B 262 -12.06 19.32 11.62
C ASP B 262 -13.03 20.13 10.74
N PRO B 263 -14.20 20.54 11.29
CA PRO B 263 -15.20 21.20 10.45
C PRO B 263 -14.87 22.61 10.02
N PHE B 264 -15.39 23.01 8.86
CA PHE B 264 -15.25 24.38 8.37
C PHE B 264 -16.55 25.10 8.66
N ILE B 265 -16.49 26.40 8.85
CA ILE B 265 -17.65 27.23 9.19
C ILE B 265 -17.77 28.46 8.31
N VAL B 266 -19.01 28.79 7.94
CA VAL B 266 -19.40 30.03 7.26
C VAL B 266 -20.57 30.58 8.09
N PHE B 267 -20.41 31.74 8.72
CA PHE B 267 -21.45 32.29 9.57
C PHE B 267 -21.46 33.81 9.58
N ASP B 268 -22.66 34.39 9.60
CA ASP B 268 -22.85 35.84 9.72
C ASP B 268 -24.20 36.08 10.38
N GLN B 269 -24.20 36.36 11.70
CA GLN B 269 -25.38 36.56 12.54
C GLN B 269 -26.35 37.59 11.97
N ASP B 270 -25.80 38.70 11.43
CA ASP B 270 -26.54 39.83 10.89
C ASP B 270 -27.11 39.59 9.49
N LEU B 271 -26.29 39.08 8.55
CA LEU B 271 -26.66 38.89 7.15
C LEU B 271 -27.38 37.54 6.84
N MET B 272 -26.97 36.43 7.47
CA MET B 272 -27.59 35.11 7.22
C MET B 272 -29.01 35.01 7.70
N ARG B 273 -29.84 34.27 6.94
CA ARG B 273 -31.22 33.99 7.31
C ARG B 273 -31.62 32.58 6.87
N GLY B 274 -32.18 31.86 7.83
CA GLY B 274 -32.66 30.49 7.64
C GLY B 274 -33.85 30.43 6.72
N ILE B 275 -33.83 29.46 5.80
CA ILE B 275 -34.94 29.26 4.84
C ILE B 275 -36.19 28.65 5.51
N SER B 276 -36.06 28.21 6.77
CA SER B 276 -37.13 27.61 7.58
C SER B 276 -36.98 28.03 9.04
N ALA B 277 -38.05 27.85 9.85
CA ALA B 277 -38.03 28.16 11.29
C ALA B 277 -36.93 27.37 12.03
N PRO B 278 -36.74 26.03 11.81
CA PRO B 278 -35.63 25.32 12.48
C PRO B 278 -34.24 25.88 12.17
N ALA B 279 -34.00 26.29 10.90
CA ALA B 279 -32.73 26.87 10.48
C ALA B 279 -32.50 28.23 11.15
N GLN B 280 -33.59 29.02 11.35
CA GLN B 280 -33.53 30.30 12.06
C GLN B 280 -33.23 30.06 13.55
N GLU B 281 -33.83 28.99 14.15
CA GLU B 281 -33.62 28.57 15.54
C GLU B 281 -32.14 28.17 15.75
N LEU B 282 -31.59 27.40 14.78
CA LEU B 282 -30.20 26.93 14.78
C LEU B 282 -29.20 28.07 14.78
N GLN B 283 -29.52 29.16 14.06
CA GLN B 283 -28.68 30.36 13.98
C GLN B 283 -28.55 30.97 15.40
N GLN B 284 -29.67 31.01 16.16
CA GLN B 284 -29.69 31.52 17.55
C GLN B 284 -28.89 30.59 18.47
N THR B 285 -28.95 29.26 18.25
CA THR B 285 -28.18 28.25 18.99
C THR B 285 -26.67 28.50 18.84
N VAL B 286 -26.20 28.77 17.60
CA VAL B 286 -24.79 29.10 17.31
C VAL B 286 -24.38 30.35 18.10
N ILE B 287 -25.23 31.39 18.08
CA ILE B 287 -25.00 32.67 18.79
C ILE B 287 -24.87 32.44 20.31
N ARG B 288 -25.77 31.63 20.92
N ARG B 288 -25.77 31.63 20.92
CA ARG B 288 -25.74 31.30 22.36
CA ARG B 288 -25.73 31.30 22.35
C ARG B 288 -24.45 30.55 22.73
C ARG B 288 -24.43 30.59 22.71
N ALA B 289 -24.01 29.60 21.86
CA ALA B 289 -22.77 28.83 22.05
C ALA B 289 -21.57 29.76 21.97
N TYR B 290 -21.61 30.73 21.04
CA TYR B 290 -20.57 31.75 20.88
C TYR B 290 -20.43 32.58 22.16
N TYR B 291 -21.55 33.12 22.70
CA TYR B 291 -21.48 33.90 23.93
C TYR B 291 -20.99 33.10 25.14
N ALA B 292 -21.33 31.80 25.18
CA ALA B 292 -20.92 30.90 26.26
C ALA B 292 -19.46 30.44 26.19
N GLU B 293 -18.93 30.19 24.97
CA GLU B 293 -17.60 29.59 24.78
C GLU B 293 -16.51 30.45 24.18
N ARG B 294 -16.83 31.61 23.57
CA ARG B 294 -15.81 32.45 22.93
C ARG B 294 -14.61 32.75 23.82
N VAL B 295 -13.42 32.79 23.20
CA VAL B 295 -12.19 33.17 23.90
C VAL B 295 -11.91 34.64 23.58
N SER B 296 -11.32 35.38 24.51
CA SER B 296 -11.05 36.78 24.25
C SER B 296 -9.58 37.11 24.40
N HIS B 297 -9.15 38.14 23.68
CA HIS B 297 -7.79 38.65 23.74
C HIS B 297 -7.80 40.13 23.44
N CYS B 298 -7.08 40.92 24.25
CA CYS B 298 -6.97 42.33 23.99
C CYS B 298 -5.67 42.53 23.23
N LEU B 299 -5.76 42.86 21.93
CA LEU B 299 -4.56 43.08 21.11
C LEU B 299 -3.74 44.26 21.62
N ALA B 300 -2.42 44.03 21.75
CA ALA B 300 -1.47 45.01 22.27
C ALA B 300 -0.36 45.25 21.22
N PRO B 301 0.33 46.42 21.25
CA PRO B 301 1.41 46.66 20.27
C PRO B 301 2.45 45.54 20.26
N GLY B 302 2.93 45.22 19.07
CA GLY B 302 3.90 44.15 18.91
C GLY B 302 3.24 42.79 18.73
N GLU B 303 1.90 42.75 18.76
CA GLU B 303 1.20 41.50 18.55
C GLU B 303 0.60 41.46 17.19
N MET B 304 0.43 40.24 16.70
CA MET B 304 -0.17 39.95 15.41
C MET B 304 -1.06 38.72 15.58
N LEU B 305 -2.32 38.81 15.09
CA LEU B 305 -3.26 37.72 15.16
C LEU B 305 -3.60 37.20 13.77
N LEU B 306 -3.42 35.89 13.57
CA LEU B 306 -3.80 35.21 12.33
C LEU B 306 -5.04 34.41 12.66
N ILE B 307 -6.12 34.66 11.94
CA ILE B 307 -7.39 33.96 12.15
C ILE B 307 -7.58 33.04 10.96
N ASP B 308 -7.84 31.75 11.21
CA ASP B 308 -8.14 30.79 10.14
C ASP B 308 -9.64 31.00 9.84
N ASN B 309 -9.93 31.67 8.71
CA ASN B 309 -11.26 32.08 8.29
C ASN B 309 -12.19 30.90 7.86
N ARG B 310 -11.65 29.67 7.80
N ARG B 310 -11.66 29.68 7.79
CA ARG B 310 -12.43 28.46 7.50
CA ARG B 310 -12.45 28.47 7.51
C ARG B 310 -12.79 27.77 8.82
C ARG B 310 -12.81 27.79 8.83
N ARG B 311 -11.93 27.90 9.84
CA ARG B 311 -12.06 27.20 11.11
C ARG B 311 -12.57 27.99 12.32
N ALA B 312 -12.71 29.30 12.21
CA ALA B 312 -13.16 30.13 13.34
C ALA B 312 -13.90 31.37 12.89
N VAL B 313 -14.76 31.85 13.78
CA VAL B 313 -15.52 33.09 13.60
C VAL B 313 -14.91 34.08 14.57
N HIS B 314 -15.05 35.35 14.26
N HIS B 314 -15.01 35.36 14.24
CA HIS B 314 -14.50 36.37 15.14
CA HIS B 314 -14.47 36.40 15.11
C HIS B 314 -15.49 37.51 15.38
C HIS B 314 -15.44 37.56 15.34
N GLY B 315 -15.23 38.25 16.45
CA GLY B 315 -16.02 39.39 16.87
C GLY B 315 -15.11 40.36 17.60
N ARG B 316 -15.66 41.51 17.98
N ARG B 316 -15.66 41.51 17.98
CA ARG B 316 -14.93 42.54 18.72
CA ARG B 316 -14.94 42.54 18.73
C ARG B 316 -15.89 43.33 19.60
C ARG B 316 -15.90 43.31 19.61
N SER B 317 -15.49 43.56 20.86
CA SER B 317 -16.29 44.27 21.87
C SER B 317 -16.48 45.75 21.58
N ILE B 318 -17.39 46.36 22.35
CA ILE B 318 -17.65 47.79 22.35
C ILE B 318 -16.42 48.43 23.02
N PHE B 319 -15.97 49.56 22.49
CA PHE B 319 -14.90 50.36 23.09
C PHE B 319 -15.18 51.83 22.85
N ALA B 320 -14.64 52.70 23.73
CA ALA B 320 -14.85 54.14 23.72
C ALA B 320 -13.63 54.92 23.18
N PRO B 321 -13.65 55.29 21.87
CA PRO B 321 -12.50 56.04 21.31
C PRO B 321 -12.45 57.48 21.79
N ARG B 322 -11.23 58.02 21.90
N ARG B 322 -11.22 58.02 21.90
CA ARG B 322 -10.98 59.39 22.38
CA ARG B 322 -10.98 59.39 22.39
C ARG B 322 -10.86 60.41 21.24
C ARG B 322 -10.80 60.42 21.26
N PHE B 323 -10.44 59.97 20.04
CA PHE B 323 -10.16 60.81 18.85
C PHE B 323 -9.05 61.83 19.17
N ASP B 324 -8.00 61.36 19.85
CA ASP B 324 -6.86 62.17 20.32
C ASP B 324 -5.53 61.86 19.60
N GLY B 325 -5.60 61.05 18.55
CA GLY B 325 -4.49 60.58 17.73
C GLY B 325 -3.82 59.31 18.27
N ALA B 326 -4.26 58.84 19.45
CA ALA B 326 -3.72 57.66 20.12
C ALA B 326 -4.70 56.49 20.21
N ASP B 327 -5.76 56.51 19.39
CA ASP B 327 -6.76 55.44 19.38
C ASP B 327 -6.23 54.13 18.83
N ARG B 328 -6.94 53.04 19.13
CA ARG B 328 -6.62 51.71 18.65
C ARG B 328 -6.39 51.76 17.13
N PHE B 329 -5.33 51.09 16.68
CA PHE B 329 -4.94 51.10 15.29
C PHE B 329 -4.37 49.74 14.91
N LEU B 330 -5.10 48.98 14.05
CA LEU B 330 -4.61 47.69 13.55
C LEU B 330 -4.33 47.80 12.08
N SER B 331 -3.44 46.94 11.59
CA SER B 331 -3.11 46.82 10.19
C SER B 331 -3.73 45.48 9.77
N ARG B 332 -4.74 45.52 8.90
CA ARG B 332 -5.43 44.33 8.44
C ARG B 332 -5.02 43.96 7.05
N SER B 333 -4.77 42.66 6.84
CA SER B 333 -4.48 42.14 5.52
C SER B 333 -5.15 40.76 5.42
N PHE B 334 -5.25 40.23 4.18
CA PHE B 334 -5.90 38.97 3.88
C PHE B 334 -4.96 38.04 3.20
N ILE B 335 -5.18 36.73 3.41
CA ILE B 335 -4.33 35.67 2.87
C ILE B 335 -5.21 34.58 2.26
N VAL B 336 -4.78 34.07 1.09
CA VAL B 336 -5.38 32.94 0.40
C VAL B 336 -4.29 31.89 0.14
N ALA B 337 -4.67 30.61 0.20
CA ALA B 337 -3.68 29.57 -0.05
C ALA B 337 -3.31 29.54 -1.50
N ASP B 338 -4.28 29.84 -2.36
CA ASP B 338 -4.19 29.75 -3.81
C ASP B 338 -4.63 31.02 -4.53
N GLY B 339 -3.67 31.71 -5.16
CA GLY B 339 -3.94 32.87 -6.01
C GLY B 339 -4.59 32.51 -7.35
N SER B 340 -4.44 31.23 -7.83
CA SER B 340 -5.09 30.83 -9.08
C SER B 340 -6.61 30.85 -8.95
N ARG B 341 -7.14 30.65 -7.71
CA ARG B 341 -8.59 30.65 -7.48
C ARG B 341 -9.23 32.00 -7.83
N SER B 342 -8.47 33.09 -7.68
CA SER B 342 -8.97 34.43 -7.99
C SER B 342 -8.42 34.99 -9.30
N ARG B 343 -7.62 34.23 -10.07
CA ARG B 343 -7.03 34.75 -11.32
C ARG B 343 -8.05 35.40 -12.25
N HIS B 344 -9.25 34.76 -12.42
CA HIS B 344 -10.34 35.27 -13.25
C HIS B 344 -10.81 36.68 -12.80
N ALA B 345 -10.58 37.02 -11.52
CA ALA B 345 -11.02 38.27 -10.88
C ALA B 345 -9.93 39.32 -10.74
N ARG B 346 -8.70 38.99 -11.15
CA ARG B 346 -7.54 39.86 -10.98
C ARG B 346 -6.93 40.22 -12.33
N SER B 347 -6.00 41.18 -12.34
CA SER B 347 -5.24 41.48 -13.54
C SER B 347 -3.94 40.68 -13.39
N SER B 348 -3.22 40.46 -14.50
CA SER B 348 -1.93 39.76 -14.51
C SER B 348 -0.97 40.47 -13.54
N PHE B 349 -0.35 39.74 -12.60
CA PHE B 349 0.56 40.26 -11.56
C PHE B 349 -0.15 41.32 -10.68
N GLY B 350 -1.44 41.12 -10.49
CA GLY B 350 -2.27 41.98 -9.65
C GLY B 350 -2.66 41.20 -8.40
N ARG B 351 -2.80 41.91 -7.28
CA ARG B 351 -3.18 41.32 -6.01
C ARG B 351 -4.61 41.72 -5.59
N VAL B 352 -5.34 42.41 -6.47
CA VAL B 352 -6.68 42.94 -6.13
C VAL B 352 -7.79 42.19 -6.87
N VAL B 353 -8.74 41.67 -6.11
CA VAL B 353 -9.93 40.99 -6.64
C VAL B 353 -10.93 42.10 -7.03
N SER B 354 -11.32 42.16 -8.32
CA SER B 354 -12.29 43.17 -8.79
C SER B 354 -13.62 42.97 -8.10
N ALA B 355 -14.25 44.08 -7.69
CA ALA B 355 -15.50 44.10 -6.92
C ALA B 355 -16.59 43.20 -7.45
N ARG B 356 -16.86 43.23 -8.77
CA ARG B 356 -17.93 42.45 -9.39
C ARG B 356 -17.81 40.92 -9.21
N PHE B 357 -16.60 40.43 -8.89
CA PHE B 357 -16.34 39.00 -8.67
C PHE B 357 -16.51 38.55 -7.23
N SER B 358 -16.66 39.51 -6.28
CA SER B 358 -16.86 39.16 -4.88
C SER B 358 -18.27 38.58 -4.67
N SER C 31 -4.83 -24.36 33.38
CA SER C 31 -4.78 -25.49 32.45
C SER C 31 -3.37 -25.65 31.82
N ASP C 32 -2.99 -26.91 31.47
CA ASP C 32 -1.69 -27.26 30.89
C ASP C 32 -1.80 -28.19 29.66
N PRO C 33 -0.78 -28.28 28.74
CA PRO C 33 -0.88 -29.23 27.60
C PRO C 33 -1.02 -30.69 28.04
N GLU C 34 -1.81 -31.47 27.28
CA GLU C 34 -2.16 -32.86 27.59
C GLU C 34 -1.31 -33.91 26.86
N VAL C 35 -1.45 -35.20 27.26
CA VAL C 35 -0.78 -36.41 26.77
C VAL C 35 -0.77 -36.51 25.23
N SER C 36 -1.88 -36.12 24.56
CA SER C 36 -2.01 -36.12 23.09
C SER C 36 -1.09 -35.07 22.46
N ALA C 37 -0.93 -33.90 23.12
CA ALA C 37 -0.08 -32.81 22.66
C ALA C 37 1.36 -32.88 23.28
N ILE C 38 1.70 -34.00 23.96
CA ILE C 38 3.05 -34.18 24.54
C ILE C 38 3.70 -35.44 23.95
N LEU C 39 4.92 -35.28 23.43
CA LEU C 39 5.75 -36.37 22.93
C LEU C 39 6.96 -36.46 23.89
N VAL C 40 7.09 -37.58 24.60
CA VAL C 40 8.19 -37.79 25.54
C VAL C 40 9.21 -38.73 24.90
N LEU C 41 10.42 -38.24 24.62
CA LEU C 41 11.47 -39.08 24.05
C LEU C 41 12.03 -39.98 25.13
N THR C 42 12.21 -41.28 24.84
CA THR C 42 12.85 -42.19 25.80
C THR C 42 14.37 -41.92 25.72
N SER C 43 15.11 -42.43 26.71
CA SER C 43 16.57 -42.30 26.76
C SER C 43 17.20 -42.84 25.47
N SER C 44 16.68 -43.97 24.94
CA SER C 44 17.15 -44.58 23.68
C SER C 44 16.86 -43.67 22.45
N GLU C 45 15.66 -43.07 22.40
CA GLU C 45 15.28 -42.16 21.31
C GLU C 45 16.13 -40.88 21.33
N ALA C 46 16.39 -40.33 22.53
CA ALA C 46 17.23 -39.15 22.73
C ALA C 46 18.66 -39.46 22.26
N SER C 47 19.18 -40.67 22.56
CA SER C 47 20.52 -41.12 22.14
C SER C 47 20.62 -41.24 20.61
N THR C 48 19.57 -41.77 19.98
CA THR C 48 19.49 -41.89 18.51
C THR C 48 19.54 -40.48 17.87
N LEU C 49 18.74 -39.55 18.42
CA LEU C 49 18.67 -38.16 17.94
C LEU C 49 20.07 -37.49 18.06
N GLU C 50 20.76 -37.72 19.20
CA GLU C 50 22.11 -37.21 19.42
C GLU C 50 23.08 -37.74 18.35
N ARG C 51 23.00 -39.05 18.05
N ARG C 51 23.02 -39.06 18.04
CA ARG C 51 23.83 -39.72 17.04
CA ARG C 51 23.90 -39.65 17.02
C ARG C 51 23.55 -39.20 15.62
C ARG C 51 23.56 -39.13 15.61
N VAL C 52 22.26 -39.06 15.26
CA VAL C 52 21.81 -38.59 13.95
C VAL C 52 22.24 -37.11 13.70
N ALA C 53 22.31 -36.29 14.77
CA ALA C 53 22.78 -34.90 14.69
C ALA C 53 24.19 -34.74 14.11
N ASP C 54 25.08 -35.75 14.28
CA ASP C 54 26.44 -35.74 13.70
C ASP C 54 26.40 -35.73 12.14
N LEU C 55 25.25 -36.14 11.53
CA LEU C 55 25.11 -36.11 10.08
C LEU C 55 24.84 -34.69 9.57
N VAL C 56 24.56 -33.74 10.48
CA VAL C 56 24.27 -32.36 10.11
C VAL C 56 25.53 -31.54 10.40
N THR C 57 26.31 -31.23 9.34
CA THR C 57 27.64 -30.61 9.51
C THR C 57 27.79 -29.17 8.99
N ALA C 58 26.94 -28.74 8.06
CA ALA C 58 27.00 -27.39 7.49
C ALA C 58 26.74 -26.30 8.56
N HIS C 59 27.24 -25.08 8.32
CA HIS C 59 27.02 -23.95 9.22
C HIS C 59 25.55 -23.49 9.09
N ALA C 60 24.78 -23.54 10.19
CA ALA C 60 23.37 -23.16 10.19
C ALA C 60 23.15 -21.74 9.70
N LEU C 61 24.06 -20.81 10.01
CA LEU C 61 23.87 -19.42 9.58
C LEU C 61 24.39 -19.11 8.19
N TYR C 62 25.57 -19.64 7.84
CA TYR C 62 26.27 -19.28 6.61
C TYR C 62 26.10 -20.24 5.45
N ALA C 63 25.51 -21.41 5.70
CA ALA C 63 25.16 -22.38 4.66
C ALA C 63 23.80 -22.97 5.04
N ALA C 64 22.81 -22.07 5.28
CA ALA C 64 21.48 -22.42 5.78
C ALA C 64 20.77 -23.49 4.96
N HIS C 65 20.78 -23.38 3.62
CA HIS C 65 20.09 -24.38 2.80
C HIS C 65 20.74 -25.77 2.94
N ASP C 66 22.09 -25.86 2.87
CA ASP C 66 22.83 -27.12 3.02
C ASP C 66 22.57 -27.73 4.41
N PHE C 67 22.57 -26.89 5.44
CA PHE C 67 22.28 -27.26 6.82
C PHE C 67 20.87 -27.89 6.92
N CYS C 68 19.85 -27.18 6.43
CA CYS C 68 18.46 -27.63 6.48
C CYS C 68 18.23 -28.87 5.62
N ALA C 69 18.83 -28.94 4.41
CA ALA C 69 18.72 -30.11 3.54
C ALA C 69 19.41 -31.34 4.18
N GLN C 70 20.55 -31.14 4.87
CA GLN C 70 21.21 -32.24 5.57
C GLN C 70 20.29 -32.75 6.69
N ALA C 71 19.64 -31.82 7.42
CA ALA C 71 18.72 -32.18 8.50
C ALA C 71 17.51 -32.96 7.93
N GLN C 72 16.94 -32.50 6.79
CA GLN C 72 15.78 -33.17 6.17
C GLN C 72 16.15 -34.60 5.80
N LEU C 73 17.36 -34.80 5.25
CA LEU C 73 17.81 -36.14 4.87
C LEU C 73 18.11 -37.02 6.10
N ALA C 74 18.85 -36.46 7.08
CA ALA C 74 19.22 -37.19 8.29
C ALA C 74 18.00 -37.55 9.16
N ALA C 75 16.87 -36.77 9.07
CA ALA C 75 15.63 -37.00 9.83
C ALA C 75 15.05 -38.39 9.55
N ALA C 76 15.38 -38.98 8.36
CA ALA C 76 14.94 -40.33 7.98
C ALA C 76 15.52 -41.39 8.94
N GLU C 77 16.63 -41.06 9.64
CA GLU C 77 17.32 -41.95 10.58
C GLU C 77 16.73 -41.85 12.00
N LEU C 78 15.79 -40.92 12.26
CA LEU C 78 15.20 -40.77 13.61
C LEU C 78 14.28 -41.96 13.97
N PRO C 79 14.02 -42.23 15.28
CA PRO C 79 13.14 -43.36 15.65
C PRO C 79 11.76 -43.22 14.99
N SER C 80 11.27 -44.31 14.38
CA SER C 80 9.97 -44.33 13.68
C SER C 80 8.81 -43.78 14.49
N ARG C 81 8.75 -44.08 15.81
CA ARG C 81 7.69 -43.59 16.71
C ARG C 81 7.68 -42.05 16.76
N VAL C 82 8.87 -41.44 16.82
CA VAL C 82 9.06 -39.99 16.84
C VAL C 82 8.63 -39.38 15.49
N VAL C 83 9.14 -39.92 14.39
CA VAL C 83 8.82 -39.49 13.02
C VAL C 83 7.29 -39.55 12.79
N ALA C 84 6.63 -40.68 13.19
CA ALA C 84 5.17 -40.87 13.06
C ALA C 84 4.38 -39.74 13.75
N ARG C 85 4.72 -39.42 15.01
N ARG C 85 4.73 -39.43 15.00
CA ARG C 85 4.04 -38.35 15.77
CA ARG C 85 4.10 -38.36 15.79
C ARG C 85 4.24 -36.98 15.10
C ARG C 85 4.25 -37.00 15.11
N LEU C 86 5.46 -36.70 14.61
CA LEU C 86 5.77 -35.43 13.94
C LEU C 86 5.02 -35.30 12.60
N GLN C 87 4.98 -36.38 11.80
CA GLN C 87 4.23 -36.39 10.53
C GLN C 87 2.73 -36.18 10.79
N GLU C 88 2.18 -36.80 11.86
N GLU C 88 2.18 -36.80 11.86
CA GLU C 88 0.76 -36.68 12.24
CA GLU C 88 0.76 -36.66 12.21
C GLU C 88 0.45 -35.22 12.57
C GLU C 88 0.44 -35.22 12.57
N PHE C 89 1.31 -34.60 13.36
CA PHE C 89 1.20 -33.20 13.76
C PHE C 89 1.28 -32.28 12.52
N ALA C 90 2.25 -32.55 11.63
CA ALA C 90 2.48 -31.81 10.38
C ALA C 90 1.25 -31.91 9.45
N TRP C 91 0.59 -33.09 9.36
CA TRP C 91 -0.63 -33.26 8.54
C TRP C 91 -1.68 -32.22 8.98
N GLY C 92 -1.77 -32.02 10.28
CA GLY C 92 -2.56 -30.93 10.86
C GLY C 92 -3.96 -31.22 11.32
N ASP C 93 -4.70 -32.07 10.57
CA ASP C 93 -6.08 -32.38 10.87
C ASP C 93 -6.27 -32.70 12.33
N MET C 94 -7.12 -31.91 12.99
CA MET C 94 -7.51 -32.03 14.39
C MET C 94 -6.31 -32.08 15.34
N ASN C 95 -5.14 -31.49 14.97
CA ASN C 95 -4.00 -31.43 15.89
C ASN C 95 -4.41 -30.41 17.00
N GLU C 96 -3.72 -30.43 18.13
CA GLU C 96 -4.14 -29.57 19.26
C GLU C 96 -3.69 -28.09 19.11
N GLY C 97 -3.11 -27.74 17.96
CA GLY C 97 -2.55 -26.41 17.70
C GLY C 97 -1.07 -26.35 18.10
N HIS C 98 -0.57 -27.38 18.83
CA HIS C 98 0.83 -27.43 19.30
C HIS C 98 1.27 -28.84 19.65
N LEU C 99 2.59 -29.02 19.78
CA LEU C 99 3.19 -30.27 20.21
C LEU C 99 4.38 -29.93 21.06
N LEU C 100 4.34 -30.41 22.31
CA LEU C 100 5.43 -30.23 23.25
C LEU C 100 6.24 -31.52 23.26
N ILE C 101 7.54 -31.39 23.01
CA ILE C 101 8.48 -32.51 22.98
C ILE C 101 9.36 -32.41 24.23
N LYS C 102 9.44 -33.49 25.01
CA LYS C 102 10.28 -33.56 26.21
C LYS C 102 11.33 -34.62 26.03
N GLY C 103 12.43 -34.48 26.76
CA GLY C 103 13.51 -35.47 26.76
C GLY C 103 14.53 -35.32 25.66
N LEU C 104 14.68 -34.12 25.07
CA LEU C 104 15.72 -33.90 24.06
C LEU C 104 17.12 -34.00 24.73
N PRO C 105 18.19 -34.38 23.98
CA PRO C 105 19.53 -34.43 24.61
C PRO C 105 19.90 -33.02 25.06
N GLN C 106 20.46 -32.93 26.27
CA GLN C 106 20.86 -31.65 26.86
C GLN C 106 22.12 -31.12 26.21
N VAL C 107 22.23 -29.79 26.03
CA VAL C 107 23.46 -29.18 25.51
C VAL C 107 24.41 -29.24 26.73
N ARG C 108 25.55 -29.93 26.60
CA ARG C 108 26.45 -30.05 27.76
C ARG C 108 27.34 -28.82 27.98
N SER C 109 27.70 -28.09 26.91
CA SER C 109 28.53 -26.89 27.05
C SER C 109 27.71 -25.66 26.62
N LEU C 110 26.70 -25.28 27.41
CA LEU C 110 25.86 -24.15 27.08
C LEU C 110 26.55 -22.85 27.48
N PRO C 111 26.83 -21.95 26.51
CA PRO C 111 27.46 -20.67 26.89
C PRO C 111 26.49 -19.76 27.67
N PRO C 112 26.94 -18.64 28.30
CA PRO C 112 25.99 -17.80 29.04
C PRO C 112 24.91 -17.23 28.14
N THR C 113 23.73 -16.98 28.72
CA THR C 113 22.60 -16.44 27.95
C THR C 113 23.00 -15.04 27.45
N PRO C 114 22.97 -14.77 26.12
CA PRO C 114 23.37 -13.43 25.63
C PRO C 114 22.39 -12.35 26.09
N THR C 115 22.88 -11.10 26.29
CA THR C 115 22.07 -9.96 26.73
C THR C 115 21.21 -9.36 25.60
N SER C 116 21.51 -9.70 24.34
CA SER C 116 20.74 -9.29 23.14
C SER C 116 20.66 -10.47 22.17
N ASN C 117 19.97 -10.32 21.01
CA ASN C 117 19.83 -11.37 19.97
C ASN C 117 20.82 -11.26 18.78
N VAL C 118 21.82 -10.37 18.88
CA VAL C 118 22.73 -10.13 17.77
C VAL C 118 23.81 -11.20 17.60
N HIS C 119 24.11 -11.96 18.67
CA HIS C 119 25.20 -12.94 18.69
C HIS C 119 24.87 -14.29 18.04
N ALA C 120 23.56 -14.62 17.88
CA ALA C 120 23.09 -15.89 17.31
C ALA C 120 23.80 -17.08 17.96
N VAL C 121 23.82 -17.11 19.28
CA VAL C 121 24.49 -18.13 20.08
C VAL C 121 23.88 -19.54 19.85
N ALA C 122 22.53 -19.66 19.93
CA ALA C 122 21.85 -20.96 19.74
C ALA C 122 22.20 -21.67 18.43
N ALA C 123 22.37 -20.92 17.32
CA ALA C 123 22.69 -21.46 15.98
C ALA C 123 24.00 -22.26 15.88
N THR C 124 24.91 -22.12 16.87
CA THR C 124 26.14 -22.89 16.84
C THR C 124 26.23 -23.86 18.04
N THR C 125 25.11 -24.09 18.71
CA THR C 125 25.08 -25.06 19.80
C THR C 125 24.61 -26.39 19.22
N PRO C 126 24.83 -27.53 19.91
CA PRO C 126 24.30 -28.80 19.40
C PRO C 126 22.76 -28.82 19.32
N MET C 127 22.05 -27.97 20.10
CA MET C 127 20.59 -27.87 20.04
C MET C 127 20.08 -27.45 18.65
N SER C 128 20.86 -26.63 17.87
CA SER C 128 20.54 -26.20 16.50
C SER C 128 20.31 -27.44 15.60
N ARG C 129 21.12 -28.49 15.80
CA ARG C 129 21.01 -29.72 15.04
C ARG C 129 19.82 -30.56 15.50
N TYR C 130 19.60 -30.67 16.84
CA TYR C 130 18.47 -31.44 17.36
C TYR C 130 17.18 -30.81 16.91
N GLN C 131 17.11 -29.46 17.01
CA GLN C 131 15.93 -28.70 16.62
C GLN C 131 15.67 -28.81 15.13
N ALA C 132 16.74 -28.74 14.31
CA ALA C 132 16.61 -28.84 12.84
C ALA C 132 16.08 -30.20 12.41
N LEU C 133 16.58 -31.29 13.04
CA LEU C 133 16.14 -32.66 12.75
C LEU C 133 14.63 -32.82 13.00
N ILE C 134 14.15 -32.35 14.15
CA ILE C 134 12.73 -32.40 14.50
C ILE C 134 11.95 -31.49 13.55
N ASN C 135 12.43 -30.24 13.33
CA ASN C 135 11.77 -29.29 12.40
C ASN C 135 11.57 -29.87 11.02
N GLU C 136 12.65 -30.45 10.44
CA GLU C 136 12.66 -30.94 9.07
C GLU C 136 11.82 -32.23 8.89
N CYS C 137 11.36 -32.86 9.99
N CYS C 137 11.37 -32.82 9.98
CA CYS C 137 10.41 -33.97 9.93
CA CYS C 137 10.48 -33.97 9.98
C CYS C 137 9.07 -33.35 9.59
C CYS C 137 9.02 -33.46 9.86
N VAL C 138 8.81 -32.18 10.20
CA VAL C 138 7.53 -31.46 10.10
C VAL C 138 7.38 -30.71 8.77
N GLY C 139 8.40 -29.95 8.38
CA GLY C 139 8.36 -29.20 7.13
C GLY C 139 9.70 -28.53 6.85
N ARG C 140 9.69 -27.55 5.94
CA ARG C 140 10.92 -26.86 5.54
C ARG C 140 11.22 -25.67 6.41
N MET C 141 12.46 -25.59 6.95
CA MET C 141 12.86 -24.43 7.74
C MET C 141 12.99 -23.23 6.81
N ILE C 142 12.66 -22.06 7.32
CA ILE C 142 12.69 -20.80 6.58
C ILE C 142 13.02 -19.69 7.55
N ALA C 143 13.60 -18.59 7.03
CA ALA C 143 13.90 -17.42 7.86
C ALA C 143 13.46 -16.18 7.08
N TYR C 144 13.38 -15.06 7.76
CA TYR C 144 12.88 -13.81 7.17
C TYR C 144 13.91 -12.74 7.41
N GLU C 145 14.33 -12.07 6.33
CA GLU C 145 15.31 -10.98 6.42
C GLU C 145 14.89 -9.92 7.46
N ALA C 146 13.59 -9.58 7.49
CA ALA C 146 13.06 -8.55 8.39
C ALA C 146 12.89 -9.01 9.86
N GLU C 147 13.07 -10.33 10.14
CA GLU C 147 12.95 -10.89 11.47
C GLU C 147 14.30 -11.46 11.99
N GLY C 148 14.89 -10.74 12.94
CA GLY C 148 16.17 -11.08 13.54
C GLY C 148 17.28 -11.37 12.53
N HIS C 149 17.38 -10.54 11.46
CA HIS C 149 18.34 -10.54 10.33
C HIS C 149 18.38 -11.83 9.48
N GLY C 150 17.29 -12.56 9.53
CA GLY C 150 17.20 -13.79 8.76
C GLY C 150 18.03 -14.92 9.32
N HIS C 151 18.43 -14.85 10.61
CA HIS C 151 19.19 -15.92 11.27
C HIS C 151 18.34 -17.21 11.30
N THR C 152 18.95 -18.35 10.93
CA THR C 152 18.29 -19.66 10.85
C THR C 152 17.65 -20.00 12.20
N PHE C 153 18.37 -19.69 13.28
CA PHE C 153 17.92 -19.82 14.67
C PHE C 153 18.12 -18.48 15.32
N GLN C 154 17.09 -18.00 16.00
CA GLN C 154 17.15 -16.72 16.67
C GLN C 154 17.19 -16.95 18.18
N ASP C 155 18.07 -16.20 18.87
CA ASP C 155 18.15 -16.27 20.32
C ASP C 155 16.97 -15.49 20.92
N MET C 156 16.07 -16.19 21.62
N MET C 156 16.08 -16.19 21.60
CA MET C 156 14.92 -15.61 22.30
CA MET C 156 14.92 -15.63 22.26
C MET C 156 15.32 -15.46 23.75
C MET C 156 15.31 -15.46 23.73
N VAL C 157 15.84 -14.27 24.07
CA VAL C 157 16.36 -13.94 25.38
C VAL C 157 15.75 -12.60 25.84
N PRO C 158 15.73 -12.30 27.15
CA PRO C 158 15.21 -10.98 27.57
C PRO C 158 16.08 -9.83 27.03
N SER C 159 15.46 -8.79 26.52
CA SER C 159 16.19 -7.65 25.98
C SER C 159 16.09 -6.51 26.95
N ALA C 160 17.15 -5.75 27.13
CA ALA C 160 17.12 -4.61 28.02
C ALA C 160 16.32 -3.47 27.37
N MET C 161 16.53 -3.26 26.04
CA MET C 161 15.85 -2.23 25.24
C MET C 161 14.37 -2.55 25.07
N SER C 162 14.05 -3.68 24.43
CA SER C 162 12.69 -4.12 24.14
C SER C 162 12.04 -4.93 25.29
N ALA C 163 12.37 -4.59 26.55
CA ALA C 163 11.83 -5.24 27.75
C ALA C 163 10.33 -5.00 27.91
N HIS C 164 9.89 -3.76 27.61
CA HIS C 164 8.50 -3.31 27.70
C HIS C 164 7.76 -3.38 26.34
N SER C 165 8.38 -4.00 25.32
CA SER C 165 7.81 -4.13 23.97
C SER C 165 7.07 -5.44 23.75
N GLN C 166 6.18 -5.46 22.72
CA GLN C 166 5.37 -6.61 22.33
C GLN C 166 6.12 -7.60 21.42
N THR C 167 7.35 -7.96 21.79
CA THR C 167 8.20 -8.87 21.05
C THR C 167 8.64 -10.06 21.91
N SER C 168 9.20 -11.08 21.24
CA SER C 168 9.72 -12.31 21.85
C SER C 168 10.94 -12.04 22.77
N LEU C 169 11.48 -10.81 22.73
CA LEU C 169 12.60 -10.38 23.54
C LEU C 169 12.12 -9.59 24.78
N GLY C 170 10.81 -9.47 24.95
CA GLY C 170 10.20 -8.78 26.09
C GLY C 170 10.24 -9.61 27.36
N SER C 171 9.84 -9.00 28.50
CA SER C 171 9.80 -9.67 29.82
C SER C 171 8.97 -8.88 30.84
N ALA C 172 9.30 -7.58 31.05
CA ALA C 172 8.63 -6.69 32.02
C ALA C 172 7.13 -6.55 31.76
N VAL C 173 6.70 -6.81 30.51
CA VAL C 173 5.30 -6.79 30.10
C VAL C 173 4.93 -8.19 29.58
N GLU C 174 3.64 -8.51 29.62
CA GLU C 174 3.15 -9.80 29.11
C GLU C 174 3.21 -9.76 27.58
N LEU C 175 3.66 -10.86 26.96
CA LEU C 175 3.65 -10.98 25.51
C LEU C 175 2.20 -11.38 25.15
N GLU C 176 1.46 -10.44 24.58
CA GLU C 176 0.05 -10.60 24.26
C GLU C 176 -0.23 -11.63 23.18
N LEU C 177 -1.45 -12.22 23.21
CA LEU C 177 -1.86 -13.27 22.28
C LEU C 177 -1.67 -12.86 20.83
N HIS C 178 -1.06 -13.74 20.03
CA HIS C 178 -0.86 -13.42 18.64
C HIS C 178 -0.51 -14.63 17.82
N THR C 179 -0.78 -14.53 16.53
N THR C 179 -0.73 -14.48 16.53
CA THR C 179 -0.26 -15.50 15.57
CA THR C 179 -0.26 -15.40 15.51
C THR C 179 0.98 -14.76 15.01
C THR C 179 1.03 -14.72 15.04
N GLU C 180 2.00 -15.51 14.61
CA GLU C 180 3.26 -14.99 14.10
C GLU C 180 3.03 -14.39 12.71
N GLN C 181 3.45 -13.10 12.52
CA GLN C 181 3.32 -12.36 11.24
C GLN C 181 1.87 -12.35 10.72
N ALA C 182 0.94 -11.84 11.56
CA ALA C 182 -0.48 -11.77 11.18
C ALA C 182 -0.70 -11.00 9.85
N PHE C 183 0.17 -10.00 9.57
CA PHE C 183 0.09 -9.12 8.40
C PHE C 183 0.57 -9.76 7.10
N SER C 184 1.35 -10.86 7.21
CA SER C 184 2.05 -11.47 6.07
C SER C 184 1.44 -12.75 5.49
N PRO C 185 1.15 -12.78 4.17
CA PRO C 185 0.73 -14.05 3.54
C PRO C 185 1.86 -15.09 3.53
N LEU C 186 3.12 -14.65 3.74
CA LEU C 186 4.27 -15.57 3.78
C LEU C 186 4.63 -15.99 5.21
N ARG C 187 3.73 -15.72 6.17
CA ARG C 187 3.87 -16.08 7.60
C ARG C 187 4.20 -17.58 7.76
N PRO C 188 4.96 -17.95 8.81
CA PRO C 188 5.31 -19.38 8.96
C PRO C 188 4.10 -20.25 9.27
N ASP C 189 4.16 -21.52 8.85
CA ASP C 189 3.11 -22.50 9.18
C ASP C 189 3.32 -22.97 10.60
N PHE C 190 4.57 -22.99 11.07
CA PHE C 190 4.91 -23.39 12.44
C PHE C 190 5.98 -22.54 13.03
N VAL C 191 5.91 -22.37 14.36
CA VAL C 191 6.94 -21.67 15.13
C VAL C 191 7.57 -22.79 15.98
N SER C 192 8.89 -22.85 15.98
CA SER C 192 9.65 -23.88 16.71
C SER C 192 10.48 -23.24 17.80
N LEU C 193 10.23 -23.62 19.06
CA LEU C 193 10.92 -23.07 20.22
C LEU C 193 11.64 -24.16 21.01
N ALA C 194 12.96 -24.17 20.98
CA ALA C 194 13.72 -25.14 21.79
C ALA C 194 14.29 -24.44 23.03
N CYS C 195 14.09 -25.03 24.21
CA CYS C 195 14.54 -24.43 25.45
C CYS C 195 15.98 -24.81 25.82
N LEU C 196 16.87 -23.79 25.93
CA LEU C 196 18.26 -23.98 26.38
C LEU C 196 18.33 -23.70 27.88
N ARG C 197 17.71 -22.60 28.32
CA ARG C 197 17.54 -22.24 29.73
C ARG C 197 16.11 -21.79 29.87
N GLY C 198 15.47 -22.24 30.93
CA GLY C 198 14.10 -21.84 31.22
C GLY C 198 14.08 -20.84 32.35
N ASP C 199 12.89 -20.34 32.66
CA ASP C 199 12.67 -19.49 33.82
C ASP C 199 11.30 -19.92 34.35
N PRO C 200 11.25 -20.48 35.59
CA PRO C 200 9.98 -20.95 36.16
C PRO C 200 8.88 -19.88 36.25
N ARG C 201 9.28 -18.61 36.19
CA ARG C 201 8.31 -17.50 36.22
C ARG C 201 7.76 -17.21 34.84
N ALA C 202 8.44 -17.72 33.80
CA ALA C 202 8.03 -17.50 32.41
C ALA C 202 7.15 -18.64 31.84
N LEU C 203 5.86 -18.38 31.74
CA LEU C 203 4.89 -19.33 31.21
C LEU C 203 4.53 -19.02 29.75
N THR C 204 4.51 -20.05 28.91
CA THR C 204 4.09 -19.92 27.53
C THR C 204 2.57 -20.18 27.55
N TYR C 205 1.81 -19.35 26.86
CA TYR C 205 0.36 -19.53 26.79
C TYR C 205 0.00 -19.97 25.40
N LEU C 206 -0.94 -20.93 25.31
CA LEU C 206 -1.40 -21.46 24.02
C LEU C 206 -2.93 -21.46 24.02
N PHE C 207 -3.51 -21.06 22.89
CA PHE C 207 -4.96 -20.98 22.72
C PHE C 207 -5.29 -21.29 21.27
N SER C 208 -6.01 -22.37 21.04
CA SER C 208 -6.36 -22.83 19.71
C SER C 208 -7.63 -22.19 19.16
N ALA C 209 -7.73 -22.13 17.83
CA ALA C 209 -8.91 -21.66 17.11
C ALA C 209 -10.12 -22.56 17.47
N ARG C 210 -9.91 -23.87 17.69
CA ARG C 210 -10.97 -24.81 18.14
C ARG C 210 -11.48 -24.47 19.54
N GLN C 211 -10.57 -24.10 20.47
CA GLN C 211 -10.96 -23.67 21.81
C GLN C 211 -11.78 -22.40 21.72
N LEU C 212 -11.36 -21.45 20.84
CA LEU C 212 -12.07 -20.19 20.63
C LEU C 212 -13.50 -20.40 20.14
N VAL C 213 -13.66 -21.15 19.03
CA VAL C 213 -14.96 -21.41 18.39
C VAL C 213 -15.95 -22.09 19.37
N ALA C 214 -15.43 -22.94 20.29
CA ALA C 214 -16.23 -23.62 21.32
C ALA C 214 -16.92 -22.63 22.30
N THR C 215 -16.38 -21.40 22.46
CA THR C 215 -16.90 -20.38 23.38
C THR C 215 -17.83 -19.37 22.69
N LEU C 216 -17.85 -19.35 21.35
CA LEU C 216 -18.56 -18.35 20.58
C LEU C 216 -19.94 -18.75 20.14
N THR C 217 -20.78 -17.73 19.88
CA THR C 217 -22.12 -17.98 19.33
C THR C 217 -21.94 -18.16 17.81
N THR C 218 -22.96 -18.69 17.14
CA THR C 218 -22.97 -18.89 15.68
C THR C 218 -22.74 -17.55 14.96
N GLN C 219 -23.39 -16.45 15.45
CA GLN C 219 -23.25 -15.11 14.87
C GLN C 219 -21.83 -14.58 14.98
N GLU C 220 -21.16 -14.77 16.14
CA GLU C 220 -19.78 -14.34 16.37
C GLU C 220 -18.82 -15.06 15.46
N ILE C 221 -19.01 -16.39 15.26
CA ILE C 221 -18.15 -17.18 14.35
C ILE C 221 -18.28 -16.65 12.92
N ALA C 222 -19.54 -16.46 12.42
CA ALA C 222 -19.81 -15.93 11.09
C ALA C 222 -19.15 -14.58 10.89
N MET C 223 -19.23 -13.69 11.90
CA MET C 223 -18.62 -12.36 11.84
C MET C 223 -17.09 -12.40 11.82
N LEU C 224 -16.47 -13.32 12.60
CA LEU C 224 -15.00 -13.48 12.60
C LEU C 224 -14.51 -14.01 11.25
N ARG C 225 -15.39 -14.69 10.51
CA ARG C 225 -15.10 -15.22 9.17
C ARG C 225 -15.24 -14.16 8.07
N GLU C 226 -15.75 -12.96 8.42
CA GLU C 226 -15.92 -11.85 7.47
C GLU C 226 -14.66 -11.00 7.40
N PRO C 227 -14.27 -10.44 6.22
CA PRO C 227 -13.06 -9.62 6.19
C PRO C 227 -13.29 -8.22 6.81
N MET C 228 -13.19 -8.16 8.14
CA MET C 228 -13.47 -6.92 8.88
C MET C 228 -12.27 -6.34 9.62
N TRP C 229 -11.07 -6.88 9.40
CA TRP C 229 -9.88 -6.39 10.09
C TRP C 229 -8.75 -6.02 9.16
N THR C 230 -8.29 -4.74 9.19
CA THR C 230 -7.12 -4.32 8.39
C THR C 230 -5.90 -4.77 9.19
N THR C 231 -4.83 -5.10 8.50
CA THR C 231 -3.65 -5.56 9.20
C THR C 231 -2.48 -4.65 8.87
N THR C 232 -1.59 -4.45 9.84
CA THR C 232 -0.46 -3.53 9.69
C THR C 232 0.89 -4.26 9.90
N VAL C 233 1.91 -3.92 9.07
CA VAL C 233 3.27 -4.49 9.19
C VAL C 233 3.80 -4.13 10.59
N ASP C 234 4.38 -5.13 11.27
CA ASP C 234 4.96 -4.95 12.59
C ASP C 234 6.05 -3.90 12.50
N GLU C 235 6.11 -3.00 13.51
CA GLU C 235 7.10 -1.92 13.61
C GLU C 235 8.56 -2.42 13.46
N SER C 236 8.85 -3.61 14.02
CA SER C 236 10.20 -4.20 13.96
C SER C 236 10.64 -4.61 12.52
N PHE C 237 9.68 -4.78 11.59
CA PHE C 237 9.93 -5.11 10.18
C PHE C 237 10.28 -3.85 9.37
N LEU C 238 10.00 -2.65 9.91
CA LEU C 238 10.30 -1.38 9.23
C LEU C 238 11.80 -1.08 9.27
N ALA C 239 12.29 -0.37 8.26
CA ALA C 239 13.70 0.03 8.12
C ALA C 239 13.83 1.17 7.13
N GLU C 240 14.89 1.98 7.29
CA GLU C 240 15.16 3.10 6.39
C GLU C 240 15.28 2.59 4.94
N GLY C 241 14.52 3.22 4.05
CA GLY C 241 14.48 2.86 2.63
C GLY C 241 13.82 1.53 2.31
N ARG C 242 13.10 0.93 3.28
CA ARG C 242 12.45 -0.37 3.06
C ARG C 242 10.99 -0.14 2.69
N THR C 243 10.59 -0.69 1.54
CA THR C 243 9.20 -0.60 1.05
C THR C 243 8.69 -2.02 0.83
N PHE C 244 7.46 -2.31 1.27
CA PHE C 244 6.87 -3.63 1.10
C PHE C 244 5.99 -3.61 -0.12
N LEU C 245 6.09 -4.66 -0.94
CA LEU C 245 5.28 -4.83 -2.14
C LEU C 245 3.79 -4.79 -1.82
N LEU C 246 3.41 -5.37 -0.67
CA LEU C 246 2.04 -5.43 -0.19
C LEU C 246 1.61 -4.20 0.64
N GLY C 247 2.50 -3.22 0.77
CA GLY C 247 2.25 -1.99 1.51
C GLY C 247 2.33 -2.14 3.01
N PHE C 248 2.06 -1.04 3.73
CA PHE C 248 2.12 -1.02 5.20
C PHE C 248 0.81 -1.58 5.80
N GLU C 249 -0.34 -1.13 5.25
CA GLU C 249 -1.68 -1.54 5.65
C GLU C 249 -2.24 -2.49 4.61
N ARG C 250 -2.77 -3.64 5.07
CA ARG C 250 -3.28 -4.70 4.22
C ARG C 250 -4.69 -5.11 4.61
N GLY C 251 -5.33 -5.84 3.71
CA GLY C 251 -6.67 -6.34 3.94
C GLY C 251 -7.77 -5.40 3.50
N PRO C 252 -8.93 -5.38 4.18
CA PRO C 252 -9.28 -6.14 5.39
C PRO C 252 -9.30 -7.66 5.19
N ILE C 253 -9.01 -8.37 6.28
CA ILE C 253 -8.99 -9.83 6.31
C ILE C 253 -9.90 -10.36 7.44
N PRO C 254 -10.36 -11.62 7.34
CA PRO C 254 -11.10 -12.23 8.47
C PRO C 254 -10.12 -12.69 9.57
N ILE C 255 -10.64 -12.96 10.76
CA ILE C 255 -9.80 -13.51 11.84
C ILE C 255 -9.85 -15.05 11.67
N LEU C 256 -11.05 -15.60 11.40
CA LEU C 256 -11.21 -17.03 11.21
C LEU C 256 -11.43 -17.40 9.75
N SER C 257 -10.94 -18.59 9.35
CA SER C 257 -11.13 -19.14 7.99
C SER C 257 -11.05 -20.67 8.06
N GLY C 258 -11.18 -21.32 6.91
CA GLY C 258 -11.05 -22.77 6.80
C GLY C 258 -12.27 -23.56 7.21
N ALA C 259 -12.04 -24.87 7.47
CA ALA C 259 -13.07 -25.84 7.85
C ALA C 259 -13.77 -25.41 9.14
N ASP C 260 -15.09 -25.68 9.22
CA ASP C 260 -15.89 -25.33 10.40
C ASP C 260 -15.38 -26.05 11.66
N ASP C 261 -14.95 -27.32 11.52
CA ASP C 261 -14.48 -28.16 12.60
C ASP C 261 -12.96 -28.11 12.81
N ASP C 262 -12.22 -27.39 11.95
CA ASP C 262 -10.77 -27.25 12.08
C ASP C 262 -10.38 -25.86 11.57
N PRO C 263 -10.85 -24.78 12.25
CA PRO C 263 -10.63 -23.43 11.71
C PRO C 263 -9.21 -22.92 11.81
N PHE C 264 -8.85 -22.01 10.89
CA PHE C 264 -7.56 -21.35 10.93
C PHE C 264 -7.78 -19.98 11.52
N ILE C 265 -6.76 -19.45 12.19
CA ILE C 265 -6.83 -18.15 12.85
C ILE C 265 -5.66 -17.26 12.47
N VAL C 266 -5.95 -15.98 12.32
CA VAL C 266 -5.00 -14.87 12.15
C VAL C 266 -5.44 -13.83 13.20
N PHE C 267 -4.58 -13.54 14.18
CA PHE C 267 -4.92 -12.58 15.24
C PHE C 267 -3.71 -11.86 15.82
N ASP C 268 -3.89 -10.56 16.09
CA ASP C 268 -2.86 -9.74 16.73
C ASP C 268 -3.55 -8.42 17.03
N GLN C 269 -3.88 -8.13 18.30
CA GLN C 269 -4.58 -6.87 18.60
C GLN C 269 -3.79 -5.60 18.23
N ASP C 270 -2.46 -5.65 18.32
CA ASP C 270 -1.64 -4.49 17.99
C ASP C 270 -1.58 -4.24 16.49
N LEU C 271 -1.71 -5.30 15.69
CA LEU C 271 -1.58 -5.18 14.24
C LEU C 271 -2.87 -5.42 13.46
N MET C 272 -4.02 -5.52 14.14
CA MET C 272 -5.30 -5.72 13.46
C MET C 272 -6.28 -4.74 14.02
N ARG C 273 -6.98 -4.04 13.13
CA ARG C 273 -7.93 -2.99 13.49
C ARG C 273 -9.25 -3.28 12.81
N GLY C 274 -10.31 -3.37 13.62
CA GLY C 274 -11.65 -3.58 13.10
C GLY C 274 -12.09 -2.37 12.32
N ILE C 275 -12.73 -2.60 11.16
CA ILE C 275 -13.22 -1.55 10.26
C ILE C 275 -14.49 -0.87 10.79
N SER C 276 -15.07 -1.41 11.87
CA SER C 276 -16.30 -0.90 12.50
C SER C 276 -16.26 -1.19 14.01
N ALA C 277 -17.15 -0.55 14.81
CA ALA C 277 -17.27 -0.78 16.25
C ALA C 277 -17.56 -2.28 16.56
N PRO C 278 -18.53 -2.98 15.87
CA PRO C 278 -18.72 -4.43 16.15
C PRO C 278 -17.48 -5.28 15.89
N ALA C 279 -16.70 -4.96 14.84
CA ALA C 279 -15.46 -5.69 14.52
C ALA C 279 -14.43 -5.48 15.65
N GLN C 280 -14.35 -4.25 16.20
CA GLN C 280 -13.46 -3.91 17.31
C GLN C 280 -13.91 -4.66 18.59
N GLU C 281 -15.22 -4.73 18.85
CA GLU C 281 -15.77 -5.44 20.01
C GLU C 281 -15.49 -6.94 19.90
N LEU C 282 -15.63 -7.53 18.69
CA LEU C 282 -15.31 -8.95 18.49
C LEU C 282 -13.88 -9.29 18.83
N GLN C 283 -12.96 -8.35 18.61
CA GLN C 283 -11.55 -8.58 18.98
C GLN C 283 -11.42 -8.72 20.48
N GLN C 284 -12.17 -7.89 21.25
CA GLN C 284 -12.21 -7.94 22.72
C GLN C 284 -12.80 -9.28 23.19
N THR C 285 -13.83 -9.80 22.47
CA THR C 285 -14.43 -11.11 22.79
C THR C 285 -13.37 -12.23 22.68
N VAL C 286 -12.55 -12.19 21.61
CA VAL C 286 -11.46 -13.16 21.39
C VAL C 286 -10.47 -13.09 22.54
N ILE C 287 -10.09 -11.86 22.96
CA ILE C 287 -9.11 -11.64 24.04
C ILE C 287 -9.64 -12.22 25.37
N ARG C 288 -10.93 -11.96 25.69
CA ARG C 288 -11.53 -12.49 26.92
C ARG C 288 -11.56 -14.02 26.91
N ALA C 289 -11.90 -14.63 25.76
CA ALA C 289 -11.92 -16.09 25.60
C ALA C 289 -10.50 -16.65 25.80
N TYR C 290 -9.50 -15.93 25.28
CA TYR C 290 -8.09 -16.30 25.44
C TYR C 290 -7.71 -16.33 26.93
N TYR C 291 -8.00 -15.25 27.69
CA TYR C 291 -7.69 -15.21 29.11
C TYR C 291 -8.42 -16.29 29.91
N ALA C 292 -9.66 -16.62 29.51
CA ALA C 292 -10.45 -17.65 30.17
C ALA C 292 -10.02 -19.08 29.88
N GLU C 293 -9.61 -19.38 28.62
CA GLU C 293 -9.35 -20.75 28.17
C GLU C 293 -7.91 -21.13 27.86
N ARG C 294 -6.98 -20.16 27.73
CA ARG C 294 -5.59 -20.49 27.39
C ARG C 294 -4.98 -21.57 28.28
N VAL C 295 -4.11 -22.40 27.71
CA VAL C 295 -3.38 -23.39 28.49
C VAL C 295 -1.99 -22.79 28.70
N SER C 296 -1.28 -23.23 29.73
CA SER C 296 0.04 -22.72 30.01
C SER C 296 1.04 -23.85 30.17
N HIS C 297 2.31 -23.54 29.91
CA HIS C 297 3.42 -24.47 30.08
C HIS C 297 4.69 -23.67 30.34
N CYS C 298 5.46 -24.08 31.34
CA CYS C 298 6.72 -23.41 31.61
C CYS C 298 7.80 -24.19 30.89
N LEU C 299 8.39 -23.61 29.82
CA LEU C 299 9.46 -24.32 29.08
C LEU C 299 10.70 -24.56 29.95
N ALA C 300 11.19 -25.81 29.92
CA ALA C 300 12.36 -26.25 30.69
C ALA C 300 13.44 -26.82 29.76
N PRO C 301 14.74 -26.82 30.15
CA PRO C 301 15.79 -27.39 29.28
C PRO C 301 15.46 -28.81 28.83
N GLY C 302 15.77 -29.09 27.58
CA GLY C 302 15.49 -30.39 27.00
C GLY C 302 14.10 -30.43 26.37
N GLU C 303 13.34 -29.33 26.46
CA GLU C 303 12.03 -29.30 25.85
C GLU C 303 12.07 -28.48 24.59
N MET C 304 11.14 -28.81 23.71
CA MET C 304 10.95 -28.15 22.45
C MET C 304 9.46 -28.03 22.20
N LEU C 305 9.00 -26.82 21.84
CA LEU C 305 7.59 -26.57 21.53
C LEU C 305 7.38 -26.20 20.08
N LEU C 306 6.49 -26.94 19.39
CA LEU C 306 6.09 -26.65 18.02
C LEU C 306 4.70 -26.06 18.10
N ILE C 307 4.52 -24.88 17.55
CA ILE C 307 3.22 -24.21 17.56
C ILE C 307 2.71 -24.22 16.11
N ASP C 308 1.46 -24.68 15.90
CA ASP C 308 0.85 -24.63 14.57
C ASP C 308 0.30 -23.21 14.46
N ASN C 309 1.00 -22.39 13.66
CA ASN C 309 0.71 -20.96 13.50
C ASN C 309 -0.60 -20.67 12.73
N ARG C 310 -1.25 -21.68 12.19
CA ARG C 310 -2.55 -21.50 11.54
C ARG C 310 -3.66 -21.87 12.51
N ARG C 311 -3.37 -22.73 13.48
CA ARG C 311 -4.38 -23.30 14.38
C ARG C 311 -4.37 -22.78 15.81
N ALA C 312 -3.36 -22.00 16.20
CA ALA C 312 -3.26 -21.50 17.56
C ALA C 312 -2.55 -20.18 17.65
N VAL C 313 -2.88 -19.43 18.68
CA VAL C 313 -2.21 -18.18 19.03
C VAL C 313 -1.37 -18.47 20.27
N HIS C 314 -0.37 -17.63 20.51
CA HIS C 314 0.52 -17.82 21.63
C HIS C 314 0.84 -16.51 22.33
N GLY C 315 1.21 -16.64 23.59
CA GLY C 315 1.58 -15.54 24.45
C GLY C 315 2.61 -16.00 25.47
N ARG C 316 3.01 -15.10 26.37
CA ARG C 316 4.02 -15.38 27.40
C ARG C 316 3.85 -14.44 28.57
N SER C 317 3.91 -14.97 29.79
CA SER C 317 3.73 -14.16 30.99
C SER C 317 4.89 -13.24 31.24
N ILE C 318 4.67 -12.31 32.16
CA ILE C 318 5.69 -11.42 32.69
C ILE C 318 6.65 -12.34 33.44
N PHE C 319 7.94 -12.00 33.46
CA PHE C 319 8.93 -12.70 34.27
C PHE C 319 9.99 -11.67 34.70
N ALA C 320 10.86 -12.03 35.64
CA ALA C 320 11.83 -11.04 36.14
C ALA C 320 13.27 -11.43 35.80
N PRO C 321 13.80 -11.00 34.61
CA PRO C 321 15.18 -11.39 34.23
C PRO C 321 16.23 -10.72 35.07
N ARG C 322 17.35 -11.44 35.29
CA ARG C 322 18.45 -10.94 36.11
C ARG C 322 19.62 -10.40 35.28
N PHE C 323 19.67 -10.66 33.95
CA PHE C 323 20.77 -10.26 33.04
C PHE C 323 22.15 -10.72 33.60
N ASP C 324 22.19 -11.92 34.21
CA ASP C 324 23.35 -12.49 34.90
C ASP C 324 24.04 -13.66 34.18
N GLY C 325 23.63 -13.92 32.94
CA GLY C 325 24.17 -15.02 32.14
C GLY C 325 23.40 -16.33 32.28
N ALA C 326 22.44 -16.36 33.21
CA ALA C 326 21.62 -17.56 33.48
C ALA C 326 20.14 -17.36 33.14
N ASP C 327 19.81 -16.29 32.40
CA ASP C 327 18.42 -16.00 32.03
C ASP C 327 17.85 -17.00 31.04
N ARG C 328 16.53 -16.99 30.94
CA ARG C 328 15.78 -17.80 30.00
C ARG C 328 16.37 -17.60 28.59
N PHE C 329 16.53 -18.70 27.87
CA PHE C 329 17.16 -18.69 26.56
C PHE C 329 16.50 -19.75 25.70
N LEU C 330 15.76 -19.30 24.67
CA LEU C 330 15.16 -20.22 23.71
C LEU C 330 15.79 -20.03 22.36
N SER C 331 15.75 -21.08 21.55
CA SER C 331 16.21 -21.04 20.16
C SER C 331 14.95 -21.07 19.33
N ARG C 332 14.70 -19.98 18.58
CA ARG C 332 13.51 -19.89 17.74
C ARG C 332 13.81 -20.10 16.28
N SER C 333 12.97 -20.90 15.60
CA SER C 333 13.07 -21.11 14.17
C SER C 333 11.67 -21.20 13.59
N PHE C 334 11.55 -21.12 12.26
CA PHE C 334 10.27 -21.13 11.54
C PHE C 334 10.22 -22.24 10.55
N ILE C 335 9.01 -22.73 10.27
CA ILE C 335 8.79 -23.84 9.34
C ILE C 335 7.61 -23.53 8.44
N VAL C 336 7.74 -23.89 7.15
CA VAL C 336 6.69 -23.79 6.15
C VAL C 336 6.51 -25.18 5.52
N ALA C 337 5.27 -25.54 5.20
CA ALA C 337 5.01 -26.84 4.58
C ALA C 337 5.55 -26.85 3.18
N ASP C 338 5.42 -25.69 2.51
CA ASP C 338 5.77 -25.49 1.12
C ASP C 338 6.73 -24.34 0.91
N GLY C 339 7.99 -24.67 0.57
CA GLY C 339 9.04 -23.73 0.22
C GLY C 339 8.80 -23.03 -1.11
N SER C 340 8.01 -23.65 -2.03
CA SER C 340 7.72 -23.06 -3.35
C SER C 340 6.86 -21.81 -3.22
N ARG C 341 6.06 -21.71 -2.13
CA ARG C 341 5.20 -20.54 -1.91
C ARG C 341 6.04 -19.25 -1.73
N SER C 342 7.27 -19.37 -1.22
CA SER C 342 8.16 -18.22 -1.01
C SER C 342 9.28 -18.13 -2.05
N ARG C 343 9.31 -19.03 -3.07
CA ARG C 343 10.40 -19.01 -4.05
C ARG C 343 10.64 -17.62 -4.67
N HIS C 344 9.54 -16.91 -5.02
CA HIS C 344 9.59 -15.55 -5.60
C HIS C 344 10.33 -14.55 -4.68
N ALA C 345 10.37 -14.83 -3.35
CA ALA C 345 10.94 -13.96 -2.31
C ALA C 345 12.32 -14.40 -1.84
N ARG C 346 12.84 -15.50 -2.38
CA ARG C 346 14.12 -16.07 -1.97
C ARG C 346 15.10 -16.14 -3.13
N SER C 347 16.36 -16.40 -2.84
CA SER C 347 17.31 -16.63 -3.91
C SER C 347 17.35 -18.17 -4.10
N SER C 348 17.88 -18.63 -5.25
CA SER C 348 18.04 -20.06 -5.53
C SER C 348 18.88 -20.69 -4.39
N PHE C 349 18.41 -21.81 -3.80
CA PHE C 349 19.06 -22.49 -2.68
C PHE C 349 19.24 -21.55 -1.46
N GLY C 350 18.29 -20.63 -1.31
CA GLY C 350 18.28 -19.68 -0.21
C GLY C 350 17.12 -20.00 0.71
N ARG C 351 17.28 -19.75 2.00
CA ARG C 351 16.24 -20.00 3.00
C ARG C 351 15.68 -18.72 3.59
N VAL C 352 16.09 -17.56 3.04
CA VAL C 352 15.68 -16.26 3.60
C VAL C 352 14.70 -15.52 2.70
N VAL C 353 13.54 -15.17 3.25
CA VAL C 353 12.50 -14.40 2.57
C VAL C 353 12.94 -12.91 2.62
N SER C 354 13.14 -12.29 1.45
CA SER C 354 13.55 -10.88 1.38
C SER C 354 12.47 -9.99 2.01
N ALA C 355 12.90 -9.00 2.78
CA ALA C 355 12.02 -8.10 3.53
C ALA C 355 10.85 -7.51 2.74
N ARG C 356 11.12 -7.00 1.50
CA ARG C 356 10.08 -6.37 0.68
C ARG C 356 8.89 -7.28 0.33
N PHE C 357 9.08 -8.62 0.45
CA PHE C 357 8.03 -9.60 0.15
C PHE C 357 7.20 -10.01 1.37
N SER C 358 7.59 -9.55 2.57
CA SER C 358 6.82 -9.86 3.77
C SER C 358 5.52 -9.02 3.80
N GLU D 30 13.72 -36.72 -31.47
CA GLU D 30 13.45 -35.60 -30.57
C GLU D 30 14.15 -35.77 -29.22
N SER D 31 14.46 -34.64 -28.56
CA SER D 31 15.07 -34.53 -27.22
C SER D 31 14.31 -35.37 -26.18
N ASP D 32 15.07 -36.05 -25.30
CA ASP D 32 14.55 -36.96 -24.26
C ASP D 32 15.01 -36.59 -22.83
N PRO D 33 14.47 -37.19 -21.73
CA PRO D 33 14.95 -36.80 -20.38
C PRO D 33 16.45 -36.95 -20.15
N GLU D 34 17.02 -36.00 -19.40
CA GLU D 34 18.45 -35.88 -19.09
C GLU D 34 18.82 -36.67 -17.82
N VAL D 35 20.13 -37.02 -17.65
CA VAL D 35 20.71 -37.73 -16.49
C VAL D 35 20.35 -37.07 -15.13
N SER D 36 20.31 -35.72 -15.08
CA SER D 36 19.93 -35.00 -13.86
C SER D 36 18.42 -35.18 -13.58
N ALA D 37 17.61 -35.39 -14.66
CA ALA D 37 16.16 -35.62 -14.58
C ALA D 37 15.79 -37.11 -14.64
N ILE D 38 16.80 -38.01 -14.52
CA ILE D 38 16.58 -39.46 -14.49
C ILE D 38 17.20 -40.07 -13.21
N LEU D 39 16.41 -40.81 -12.47
CA LEU D 39 16.84 -41.55 -11.29
C LEU D 39 16.70 -43.04 -11.64
N VAL D 40 17.83 -43.75 -11.72
CA VAL D 40 17.82 -45.19 -12.05
C VAL D 40 18.02 -45.96 -10.75
N LEU D 41 17.01 -46.73 -10.33
CA LEU D 41 17.13 -47.54 -9.13
C LEU D 41 18.00 -48.76 -9.44
N THR D 42 18.98 -49.06 -8.57
CA THR D 42 19.80 -50.27 -8.77
C THR D 42 18.93 -51.46 -8.31
N SER D 43 19.35 -52.69 -8.65
CA SER D 43 18.67 -53.92 -8.27
C SER D 43 18.49 -53.97 -6.74
N SER D 44 19.52 -53.57 -5.98
CA SER D 44 19.51 -53.49 -4.52
C SER D 44 18.48 -52.45 -4.00
N GLU D 45 18.43 -51.26 -4.62
CA GLU D 45 17.50 -50.19 -4.23
C GLU D 45 16.05 -50.61 -4.52
N ALA D 46 15.80 -51.26 -5.69
CA ALA D 46 14.49 -51.77 -6.07
C ALA D 46 14.02 -52.84 -5.06
N SER D 47 14.95 -53.72 -4.62
CA SER D 47 14.67 -54.76 -3.62
C SER D 47 14.31 -54.14 -2.26
N THR D 48 15.03 -53.07 -1.86
CA THR D 48 14.76 -52.33 -0.63
C THR D 48 13.34 -51.73 -0.69
N LEU D 49 12.99 -51.10 -1.82
CA LEU D 49 11.68 -50.48 -2.06
C LEU D 49 10.57 -51.56 -1.95
N GLU D 50 10.79 -52.74 -2.56
CA GLU D 50 9.86 -53.87 -2.47
C GLU D 50 9.65 -54.30 -1.01
N ARG D 51 10.75 -54.38 -0.22
N ARG D 51 10.73 -54.40 -0.20
CA ARG D 51 10.73 -54.75 1.20
CA ARG D 51 10.63 -54.78 1.21
C ARG D 51 10.01 -53.69 2.05
C ARG D 51 9.93 -53.69 2.04
N VAL D 52 10.31 -52.41 1.84
CA VAL D 52 9.72 -51.28 2.56
C VAL D 52 8.19 -51.18 2.28
N ALA D 53 7.74 -51.57 1.07
CA ALA D 53 6.31 -51.60 0.70
C ALA D 53 5.46 -52.46 1.63
N ASP D 54 6.07 -53.49 2.26
CA ASP D 54 5.38 -54.39 3.21
C ASP D 54 4.94 -53.66 4.48
N LEU D 55 5.55 -52.48 4.75
CA LEU D 55 5.18 -51.65 5.90
C LEU D 55 3.92 -50.84 5.61
N VAL D 56 3.46 -50.81 4.34
CA VAL D 56 2.26 -50.08 3.94
C VAL D 56 1.14 -51.14 3.82
N THR D 57 0.28 -51.23 4.84
CA THR D 57 -0.73 -52.29 4.94
C THR D 57 -2.19 -51.83 4.82
N ALA D 58 -2.48 -50.53 5.06
CA ALA D 58 -3.86 -50.02 4.92
C ALA D 58 -4.35 -50.08 3.48
N HIS D 59 -5.68 -50.10 3.28
CA HIS D 59 -6.26 -50.17 1.96
C HIS D 59 -6.19 -48.79 1.29
N ALA D 60 -5.57 -48.68 0.09
CA ALA D 60 -5.43 -47.41 -0.64
C ALA D 60 -6.76 -46.73 -0.96
N LEU D 61 -7.82 -47.51 -1.23
CA LEU D 61 -9.12 -46.93 -1.56
C LEU D 61 -10.02 -46.69 -0.36
N TYR D 62 -10.04 -47.64 0.58
CA TYR D 62 -10.99 -47.62 1.70
C TYR D 62 -10.43 -47.03 3.02
N ALA D 63 -9.12 -46.74 3.05
CA ALA D 63 -8.49 -46.10 4.20
C ALA D 63 -7.36 -45.25 3.64
N ALA D 64 -7.70 -44.38 2.65
CA ALA D 64 -6.74 -43.55 1.92
C ALA D 64 -5.77 -42.77 2.83
N HIS D 65 -6.28 -42.10 3.86
CA HIS D 65 -5.41 -41.33 4.77
C HIS D 65 -4.39 -42.24 5.50
N ASP D 66 -4.85 -43.35 6.09
CA ASP D 66 -3.98 -44.30 6.80
C ASP D 66 -2.93 -44.88 5.85
N PHE D 67 -3.35 -45.20 4.61
CA PHE D 67 -2.47 -45.71 3.57
C PHE D 67 -1.36 -44.71 3.26
N CYS D 68 -1.75 -43.46 2.96
CA CYS D 68 -0.79 -42.40 2.62
C CYS D 68 0.12 -42.07 3.79
N ALA D 69 -0.41 -42.01 5.03
CA ALA D 69 0.39 -41.74 6.24
C ALA D 69 1.38 -42.90 6.52
N GLN D 70 1.01 -44.16 6.19
CA GLN D 70 1.93 -45.27 6.35
C GLN D 70 3.06 -45.19 5.34
N ALA D 71 2.75 -44.79 4.09
CA ALA D 71 3.75 -44.61 3.04
C ALA D 71 4.70 -43.47 3.44
N GLN D 72 4.18 -42.38 4.05
CA GLN D 72 5.03 -41.25 4.48
C GLN D 72 6.03 -41.70 5.55
N LEU D 73 5.55 -42.49 6.50
CA LEU D 73 6.39 -43.01 7.57
C LEU D 73 7.42 -44.03 7.06
N ALA D 74 6.96 -45.02 6.26
CA ALA D 74 7.83 -46.06 5.72
C ALA D 74 8.86 -45.53 4.73
N ALA D 75 8.59 -44.37 4.08
CA ALA D 75 9.51 -43.74 3.12
C ALA D 75 10.87 -43.41 3.74
N ALA D 76 10.92 -43.24 5.08
CA ALA D 76 12.16 -43.01 5.84
C ALA D 76 13.12 -44.20 5.73
N GLU D 77 12.59 -45.40 5.41
CA GLU D 77 13.38 -46.64 5.27
C GLU D 77 13.93 -46.83 3.85
N LEU D 78 13.58 -45.94 2.90
CA LEU D 78 14.07 -46.06 1.52
C LEU D 78 15.58 -45.78 1.43
N PRO D 79 16.31 -46.26 0.38
CA PRO D 79 17.76 -45.97 0.30
C PRO D 79 18.03 -44.46 0.37
N SER D 80 19.02 -44.06 1.17
CA SER D 80 19.41 -42.66 1.38
C SER D 80 19.58 -41.88 0.07
N ARG D 81 20.23 -42.50 -0.94
CA ARG D 81 20.48 -41.88 -2.25
C ARG D 81 19.17 -41.49 -2.95
N VAL D 82 18.18 -42.37 -2.86
CA VAL D 82 16.85 -42.19 -3.45
C VAL D 82 16.11 -41.06 -2.71
N VAL D 83 16.07 -41.13 -1.37
CA VAL D 83 15.42 -40.11 -0.51
C VAL D 83 16.02 -38.72 -0.80
N ALA D 84 17.38 -38.62 -0.84
CA ALA D 84 18.10 -37.37 -1.11
C ALA D 84 17.66 -36.73 -2.45
N ARG D 85 17.60 -37.56 -3.53
CA ARG D 85 17.18 -37.16 -4.87
C ARG D 85 15.75 -36.63 -4.89
N LEU D 86 14.84 -37.32 -4.21
CA LEU D 86 13.43 -36.95 -4.10
C LEU D 86 13.22 -35.66 -3.29
N GLN D 87 13.91 -35.53 -2.17
CA GLN D 87 13.84 -34.31 -1.34
C GLN D 87 14.38 -33.09 -2.13
N GLU D 88 15.47 -33.27 -2.91
N GLU D 88 15.46 -33.27 -2.91
CA GLU D 88 16.07 -32.22 -3.74
CA GLU D 88 16.05 -32.19 -3.74
C GLU D 88 15.05 -31.77 -4.80
C GLU D 88 15.06 -31.76 -4.81
N PHE D 89 14.40 -32.75 -5.46
CA PHE D 89 13.38 -32.50 -6.47
C PHE D 89 12.18 -31.75 -5.85
N ALA D 90 11.73 -32.20 -4.66
CA ALA D 90 10.62 -31.63 -3.91
C ALA D 90 10.93 -30.18 -3.50
N TRP D 91 12.19 -29.86 -3.10
CA TRP D 91 12.58 -28.48 -2.73
C TRP D 91 12.29 -27.55 -3.92
N GLY D 92 12.58 -28.04 -5.12
CA GLY D 92 12.20 -27.39 -6.36
C GLY D 92 13.22 -26.50 -7.03
N ASP D 93 14.01 -25.74 -6.24
CA ASP D 93 14.95 -24.76 -6.77
C ASP D 93 15.78 -25.35 -7.88
N MET D 94 15.65 -24.78 -9.08
CA MET D 94 16.38 -25.19 -10.29
C MET D 94 16.20 -26.69 -10.65
N ASN D 95 15.04 -27.34 -10.24
CA ASN D 95 14.76 -28.72 -10.67
C ASN D 95 14.39 -28.63 -12.20
N GLU D 96 14.38 -29.74 -12.92
CA GLU D 96 14.16 -29.75 -14.38
C GLU D 96 12.70 -29.71 -14.82
N GLY D 97 11.79 -29.61 -13.86
CA GLY D 97 10.35 -29.60 -14.11
C GLY D 97 9.77 -30.99 -14.02
N HIS D 98 10.64 -32.02 -13.95
CA HIS D 98 10.23 -33.43 -13.86
C HIS D 98 11.36 -34.33 -13.37
N LEU D 99 11.00 -35.55 -12.97
CA LEU D 99 11.94 -36.57 -12.56
C LEU D 99 11.39 -37.91 -13.03
N LEU D 100 12.16 -38.58 -13.85
CA LEU D 100 11.83 -39.89 -14.37
C LEU D 100 12.59 -40.92 -13.56
N ILE D 101 11.86 -41.87 -12.97
CA ILE D 101 12.43 -42.94 -12.17
C ILE D 101 12.32 -44.23 -12.97
N LYS D 102 13.45 -44.94 -13.09
CA LYS D 102 13.52 -46.22 -13.79
C LYS D 102 13.93 -47.31 -12.81
N GLY D 103 13.55 -48.54 -13.10
CA GLY D 103 13.91 -49.70 -12.29
C GLY D 103 13.04 -49.99 -11.10
N LEU D 104 11.79 -49.54 -11.11
CA LEU D 104 10.87 -49.85 -10.01
C LEU D 104 10.51 -51.34 -10.01
N PRO D 105 10.18 -51.99 -8.86
CA PRO D 105 9.70 -53.39 -8.95
C PRO D 105 8.36 -53.43 -9.72
N GLN D 106 8.14 -54.46 -10.51
CA GLN D 106 6.89 -54.56 -11.28
C GLN D 106 5.94 -55.61 -10.69
N VAL D 107 4.63 -55.41 -10.92
CA VAL D 107 3.53 -56.29 -10.51
C VAL D 107 3.69 -57.63 -11.25
N ARG D 108 3.68 -58.74 -10.48
N ARG D 108 3.68 -58.75 -10.50
CA ARG D 108 3.85 -60.10 -10.97
CA ARG D 108 3.86 -60.07 -11.08
C ARG D 108 2.72 -60.58 -11.89
C ARG D 108 2.71 -60.53 -11.96
N SER D 109 1.46 -60.33 -11.51
CA SER D 109 0.30 -60.80 -12.30
C SER D 109 -0.65 -59.63 -12.53
N LEU D 110 -0.29 -58.79 -13.48
CA LEU D 110 -1.04 -57.59 -13.78
C LEU D 110 -2.36 -57.95 -14.48
N PRO D 111 -3.53 -57.54 -13.90
CA PRO D 111 -4.81 -57.87 -14.54
C PRO D 111 -4.96 -57.20 -15.91
N PRO D 112 -5.94 -57.58 -16.77
CA PRO D 112 -6.06 -56.89 -18.07
C PRO D 112 -6.31 -55.40 -17.91
N THR D 113 -5.87 -54.61 -18.89
CA THR D 113 -6.03 -53.15 -18.84
C THR D 113 -7.55 -52.85 -18.85
N PRO D 114 -8.11 -52.16 -17.83
CA PRO D 114 -9.57 -51.90 -17.82
C PRO D 114 -9.99 -51.03 -19.00
N THR D 115 -11.24 -51.20 -19.48
CA THR D 115 -11.77 -50.45 -20.63
C THR D 115 -12.18 -49.02 -20.26
N SER D 116 -12.33 -48.73 -18.96
CA SER D 116 -12.67 -47.40 -18.41
C SER D 116 -11.88 -47.20 -17.11
N ASN D 117 -12.02 -46.01 -16.46
CA ASN D 117 -11.34 -45.66 -15.21
C ASN D 117 -12.20 -45.83 -13.94
N VAL D 118 -13.39 -46.44 -14.06
CA VAL D 118 -14.32 -46.56 -12.93
C VAL D 118 -13.92 -47.60 -11.88
N HIS D 119 -13.07 -48.58 -12.25
CA HIS D 119 -12.69 -49.71 -11.42
C HIS D 119 -11.56 -49.45 -10.41
N ALA D 120 -10.69 -48.44 -10.66
CA ALA D 120 -9.50 -48.15 -9.84
C ALA D 120 -8.66 -49.43 -9.60
N VAL D 121 -8.32 -50.10 -10.70
CA VAL D 121 -7.56 -51.36 -10.72
C VAL D 121 -6.16 -51.16 -10.11
N ALA D 122 -5.40 -50.15 -10.56
CA ALA D 122 -4.04 -49.91 -10.08
C ALA D 122 -3.93 -49.79 -8.55
N ALA D 123 -4.94 -49.14 -7.93
CA ALA D 123 -4.99 -48.92 -6.49
C ALA D 123 -4.99 -50.20 -5.64
N THR D 124 -5.46 -51.34 -6.21
CA THR D 124 -5.48 -52.59 -5.46
C THR D 124 -4.51 -53.64 -6.05
N THR D 125 -3.38 -53.16 -6.62
CA THR D 125 -2.26 -53.99 -7.10
C THR D 125 -1.04 -53.60 -6.20
N PRO D 126 0.08 -54.41 -6.08
CA PRO D 126 1.27 -53.99 -5.24
C PRO D 126 2.00 -52.71 -5.65
N MET D 127 1.78 -52.25 -6.90
N MET D 127 1.82 -52.27 -6.88
CA MET D 127 2.39 -51.03 -7.43
CA MET D 127 2.56 -51.09 -7.29
C MET D 127 1.94 -49.84 -6.60
C MET D 127 1.95 -49.81 -6.66
N SER D 128 0.68 -49.84 -6.14
CA SER D 128 0.07 -48.70 -5.41
C SER D 128 0.99 -48.32 -4.22
N ARG D 129 1.62 -49.34 -3.60
CA ARG D 129 2.54 -49.14 -2.49
C ARG D 129 3.87 -48.57 -2.92
N TYR D 130 4.41 -49.04 -4.07
CA TYR D 130 5.71 -48.52 -4.57
C TYR D 130 5.57 -47.05 -4.95
N GLN D 131 4.47 -46.73 -5.66
CA GLN D 131 4.20 -45.36 -6.09
C GLN D 131 3.97 -44.46 -4.90
N ALA D 132 3.22 -44.93 -3.89
CA ALA D 132 2.93 -44.15 -2.68
C ALA D 132 4.20 -43.83 -1.89
N LEU D 133 5.14 -44.80 -1.76
CA LEU D 133 6.41 -44.60 -1.05
C LEU D 133 7.23 -43.47 -1.70
N ILE D 134 7.36 -43.50 -3.03
CA ILE D 134 8.09 -42.46 -3.75
C ILE D 134 7.34 -41.12 -3.64
N ASN D 135 6.00 -41.14 -3.86
CA ASN D 135 5.17 -39.92 -3.75
C ASN D 135 5.32 -39.25 -2.40
N GLU D 136 5.20 -40.04 -1.31
CA GLU D 136 5.20 -39.52 0.06
C GLU D 136 6.60 -39.03 0.52
N CYS D 137 7.67 -39.31 -0.26
N CYS D 137 7.63 -39.32 -0.27
CA CYS D 137 9.00 -38.73 0.00
CA CYS D 137 8.98 -38.82 -0.02
C CYS D 137 8.91 -37.28 -0.42
C CYS D 137 9.11 -37.39 -0.60
N VAL D 138 8.21 -37.05 -1.54
CA VAL D 138 8.10 -35.74 -2.21
C VAL D 138 7.11 -34.82 -1.50
N GLY D 139 5.91 -35.32 -1.21
CA GLY D 139 4.87 -34.52 -0.54
C GLY D 139 3.68 -35.36 -0.16
N ARG D 140 2.56 -34.72 0.15
CA ARG D 140 1.36 -35.42 0.57
C ARG D 140 0.46 -35.79 -0.60
N MET D 141 0.05 -37.06 -0.66
CA MET D 141 -0.89 -37.49 -1.70
C MET D 141 -2.26 -36.91 -1.44
N ILE D 142 -2.97 -36.59 -2.51
CA ILE D 142 -4.31 -35.99 -2.44
C ILE D 142 -5.11 -36.44 -3.66
N ALA D 143 -6.43 -36.45 -3.54
CA ALA D 143 -7.32 -36.81 -4.64
C ALA D 143 -8.44 -35.78 -4.70
N TYR D 144 -9.15 -35.76 -5.81
CA TYR D 144 -10.20 -34.75 -6.06
C TYR D 144 -11.47 -35.46 -6.41
N GLU D 145 -12.56 -35.14 -5.70
CA GLU D 145 -13.87 -35.77 -5.95
C GLU D 145 -14.26 -35.65 -7.44
N ALA D 146 -13.99 -34.47 -8.04
CA ALA D 146 -14.33 -34.18 -9.44
C ALA D 146 -13.40 -34.83 -10.48
N GLU D 147 -12.30 -35.43 -10.03
CA GLU D 147 -11.34 -36.09 -10.92
C GLU D 147 -11.22 -37.59 -10.63
N GLY D 148 -11.75 -38.38 -11.55
CA GLY D 148 -11.73 -39.84 -11.45
C GLY D 148 -12.30 -40.39 -10.15
N HIS D 149 -13.45 -39.83 -9.72
CA HIS D 149 -14.21 -40.23 -8.52
C HIS D 149 -13.44 -40.13 -7.18
N GLY D 150 -12.37 -39.34 -7.15
CA GLY D 150 -11.55 -39.15 -5.95
C GLY D 150 -10.73 -40.38 -5.57
N HIS D 151 -10.52 -41.29 -6.53
CA HIS D 151 -9.72 -42.51 -6.31
C HIS D 151 -8.28 -42.13 -5.99
N THR D 152 -7.70 -42.76 -4.95
CA THR D 152 -6.31 -42.51 -4.50
C THR D 152 -5.31 -42.61 -5.68
N PHE D 153 -5.54 -43.63 -6.52
CA PHE D 153 -4.81 -43.86 -7.76
C PHE D 153 -5.86 -43.99 -8.84
N GLN D 154 -5.65 -43.29 -9.96
CA GLN D 154 -6.56 -43.34 -11.08
C GLN D 154 -5.95 -44.12 -12.23
N ASP D 155 -6.76 -44.98 -12.87
CA ASP D 155 -6.33 -45.77 -14.02
C ASP D 155 -6.34 -44.88 -15.26
N MET D 156 -5.17 -44.70 -15.89
CA MET D 156 -5.04 -43.92 -17.11
C MET D 156 -4.93 -44.92 -18.23
N VAL D 157 -6.06 -45.11 -18.91
CA VAL D 157 -6.26 -46.12 -19.96
C VAL D 157 -7.01 -45.53 -21.18
N PRO D 158 -6.85 -46.09 -22.40
CA PRO D 158 -7.66 -45.60 -23.54
C PRO D 158 -9.16 -45.88 -23.36
N SER D 159 -9.96 -44.89 -23.70
CA SER D 159 -11.41 -45.01 -23.58
C SER D 159 -12.00 -45.20 -24.96
N ALA D 160 -13.02 -46.05 -25.08
CA ALA D 160 -13.71 -46.29 -26.34
C ALA D 160 -14.58 -45.09 -26.71
N SER D 168 -7.12 -37.32 -20.43
CA SER D 168 -6.14 -38.35 -20.07
C SER D 168 -6.60 -39.76 -20.50
N LEU D 169 -7.89 -39.90 -20.87
CA LEU D 169 -8.50 -41.15 -21.33
C LEU D 169 -8.54 -41.25 -22.88
N GLY D 170 -8.06 -40.21 -23.56
CA GLY D 170 -8.01 -40.13 -25.00
C GLY D 170 -6.87 -40.93 -25.62
N SER D 171 -6.85 -41.04 -26.97
CA SER D 171 -5.83 -41.76 -27.73
C SER D 171 -5.73 -41.31 -29.19
N ALA D 172 -6.88 -41.22 -29.89
CA ALA D 172 -6.98 -40.83 -31.31
C ALA D 172 -6.58 -39.37 -31.58
N VAL D 173 -6.62 -38.52 -30.53
CA VAL D 173 -6.23 -37.12 -30.59
C VAL D 173 -5.05 -36.88 -29.66
N GLU D 174 -4.24 -35.87 -29.98
CA GLU D 174 -3.08 -35.48 -29.17
C GLU D 174 -3.60 -34.77 -27.93
N LEU D 175 -3.04 -35.14 -26.76
CA LEU D 175 -3.35 -34.48 -25.50
C LEU D 175 -2.48 -33.22 -25.50
N GLU D 176 -3.14 -32.07 -25.69
CA GLU D 176 -2.51 -30.75 -25.81
C GLU D 176 -1.82 -30.28 -24.54
N LEU D 177 -0.82 -29.36 -24.69
CA LEU D 177 0.00 -28.86 -23.58
C LEU D 177 -0.84 -28.24 -22.47
N HIS D 178 -0.58 -28.66 -21.23
CA HIS D 178 -1.34 -28.11 -20.11
C HIS D 178 -0.70 -28.33 -18.77
N THR D 179 -1.17 -27.51 -17.82
CA THR D 179 -0.94 -27.58 -16.38
C THR D 179 -2.12 -28.41 -15.91
N GLU D 180 -1.90 -29.32 -14.95
CA GLU D 180 -3.00 -30.06 -14.35
C GLU D 180 -3.85 -29.06 -13.54
N GLN D 181 -5.18 -29.04 -13.80
CA GLN D 181 -6.16 -28.15 -13.16
C GLN D 181 -5.73 -26.68 -13.20
N ALA D 182 -5.49 -26.15 -14.42
CA ALA D 182 -5.10 -24.74 -14.62
C ALA D 182 -6.08 -23.76 -13.94
N PHE D 183 -7.39 -24.12 -13.92
CA PHE D 183 -8.49 -23.30 -13.38
C PHE D 183 -8.57 -23.29 -11.85
N SER D 184 -7.92 -24.24 -11.18
CA SER D 184 -8.05 -24.43 -9.73
C SER D 184 -6.89 -23.97 -8.85
N PRO D 185 -7.18 -23.12 -7.83
CA PRO D 185 -6.12 -22.76 -6.86
C PRO D 185 -5.71 -23.96 -6.00
N LEU D 186 -6.52 -25.05 -5.98
CA LEU D 186 -6.20 -26.25 -5.22
C LEU D 186 -5.51 -27.31 -6.08
N ARG D 187 -5.06 -26.93 -7.30
CA ARG D 187 -4.37 -27.80 -8.26
C ARG D 187 -3.17 -28.51 -7.60
N PRO D 188 -2.82 -29.71 -8.06
CA PRO D 188 -1.70 -30.42 -7.44
C PRO D 188 -0.34 -29.74 -7.69
N ASP D 189 0.59 -29.92 -6.76
CA ASP D 189 1.96 -29.42 -6.90
C ASP D 189 2.73 -30.36 -7.81
N PHE D 190 2.38 -31.66 -7.78
CA PHE D 190 3.00 -32.69 -8.62
C PHE D 190 2.00 -33.67 -9.15
N VAL D 191 2.28 -34.19 -10.36
CA VAL D 191 1.49 -35.25 -10.97
C VAL D 191 2.44 -36.46 -10.96
N SER D 192 1.92 -37.62 -10.52
CA SER D 192 2.70 -38.85 -10.41
C SER D 192 2.12 -39.91 -11.34
N LEU D 193 2.92 -40.36 -12.32
CA LEU D 193 2.49 -41.35 -13.30
C LEU D 193 3.35 -42.60 -13.27
N ALA D 194 2.79 -43.72 -12.81
CA ALA D 194 3.53 -44.98 -12.80
C ALA D 194 3.06 -45.84 -13.96
N CYS D 195 4.00 -46.38 -14.74
CA CYS D 195 3.64 -47.18 -15.91
C CYS D 195 3.48 -48.66 -15.58
N LEU D 196 2.29 -49.22 -15.87
CA LEU D 196 2.00 -50.65 -15.68
C LEU D 196 2.19 -51.34 -17.04
N ARG D 197 1.57 -50.77 -18.07
CA ARG D 197 1.75 -51.19 -19.45
C ARG D 197 2.00 -49.93 -20.23
N GLY D 198 2.97 -49.99 -21.14
CA GLY D 198 3.27 -48.87 -22.02
C GLY D 198 2.75 -49.15 -23.41
N ASP D 199 3.02 -48.22 -24.31
CA ASP D 199 2.71 -48.35 -25.73
C ASP D 199 3.82 -47.60 -26.46
N PRO D 200 4.52 -48.26 -27.41
CA PRO D 200 5.62 -47.59 -28.14
C PRO D 200 5.24 -46.27 -28.84
N ARG D 201 3.97 -46.12 -29.23
CA ARG D 201 3.44 -44.94 -29.92
C ARG D 201 3.01 -43.83 -28.96
N ALA D 202 2.81 -44.15 -27.69
CA ALA D 202 2.38 -43.17 -26.70
C ALA D 202 3.57 -42.45 -26.02
N LEU D 203 3.85 -41.23 -26.51
CA LEU D 203 4.93 -40.38 -26.02
C LEU D 203 4.40 -39.33 -25.07
N THR D 204 5.06 -39.16 -23.93
CA THR D 204 4.71 -38.12 -22.97
C THR D 204 5.59 -36.93 -23.37
N TYR D 205 5.00 -35.74 -23.44
CA TYR D 205 5.75 -34.54 -23.77
C TYR D 205 5.90 -33.68 -22.53
N LEU D 206 7.09 -33.11 -22.34
CA LEU D 206 7.40 -32.26 -21.19
C LEU D 206 8.04 -30.98 -21.67
N PHE D 207 7.60 -29.86 -21.10
CA PHE D 207 8.10 -28.53 -21.45
C PHE D 207 8.09 -27.65 -20.20
N SER D 208 9.28 -27.23 -19.77
CA SER D 208 9.43 -26.45 -18.56
C SER D 208 9.26 -24.96 -18.79
N ALA D 209 8.87 -24.23 -17.74
CA ALA D 209 8.75 -22.77 -17.72
C ALA D 209 10.14 -22.15 -18.03
N ARG D 210 11.24 -22.78 -17.55
CA ARG D 210 12.62 -22.34 -17.84
C ARG D 210 12.96 -22.51 -19.32
N GLN D 211 12.51 -23.61 -19.96
CA GLN D 211 12.72 -23.81 -21.39
C GLN D 211 11.95 -22.74 -22.17
N LEU D 212 10.71 -22.43 -21.73
CA LEU D 212 9.88 -21.43 -22.37
C LEU D 212 10.54 -20.05 -22.34
N VAL D 213 10.89 -19.57 -21.14
CA VAL D 213 11.49 -18.26 -20.91
C VAL D 213 12.80 -18.07 -21.74
N ALA D 214 13.58 -19.16 -21.94
CA ALA D 214 14.82 -19.15 -22.74
C ALA D 214 14.57 -18.81 -24.23
N THR D 215 13.34 -19.03 -24.74
CA THR D 215 12.99 -18.75 -26.15
C THR D 215 12.30 -17.39 -26.37
N LEU D 216 11.86 -16.75 -25.28
CA LEU D 216 11.08 -15.53 -25.36
C LEU D 216 11.88 -14.26 -25.24
N THR D 217 11.30 -13.16 -25.74
CA THR D 217 11.91 -11.85 -25.59
C THR D 217 11.52 -11.36 -24.19
N THR D 218 12.19 -10.31 -23.70
CA THR D 218 11.90 -9.72 -22.40
C THR D 218 10.47 -9.16 -22.36
N GLN D 219 9.96 -8.59 -23.48
CA GLN D 219 8.58 -8.08 -23.55
C GLN D 219 7.56 -9.21 -23.43
N GLU D 220 7.78 -10.35 -24.10
CA GLU D 220 6.90 -11.51 -24.04
C GLU D 220 6.82 -12.06 -22.62
N ILE D 221 7.98 -12.17 -21.91
CA ILE D 221 8.02 -12.67 -20.53
C ILE D 221 7.20 -11.75 -19.60
N ALA D 222 7.41 -10.41 -19.70
CA ALA D 222 6.68 -9.40 -18.92
C ALA D 222 5.16 -9.52 -19.16
N MET D 223 4.75 -9.70 -20.43
N MET D 223 4.77 -9.70 -20.44
CA MET D 223 3.32 -9.83 -20.77
CA MET D 223 3.37 -9.85 -20.84
C MET D 223 2.70 -11.13 -20.23
C MET D 223 2.74 -11.11 -20.22
N LEU D 224 3.46 -12.24 -20.25
CA LEU D 224 2.99 -13.51 -19.69
C LEU D 224 2.84 -13.44 -18.15
N ARG D 225 3.56 -12.49 -17.52
CA ARG D 225 3.49 -12.24 -16.09
C ARG D 225 2.31 -11.34 -15.71
N GLU D 226 1.59 -10.78 -16.70
CA GLU D 226 0.43 -9.92 -16.46
C GLU D 226 -0.86 -10.75 -16.35
N PRO D 227 -1.86 -10.38 -15.50
CA PRO D 227 -3.11 -11.19 -15.45
C PRO D 227 -4.01 -10.93 -16.64
N MET D 228 -3.71 -11.58 -17.77
CA MET D 228 -4.42 -11.38 -19.02
C MET D 228 -5.17 -12.62 -19.54
N TRP D 229 -5.28 -13.69 -18.73
CA TRP D 229 -5.96 -14.92 -19.17
C TRP D 229 -7.03 -15.40 -18.22
N THR D 230 -8.26 -15.54 -18.71
CA THR D 230 -9.35 -16.09 -17.89
C THR D 230 -9.24 -17.62 -17.99
N THR D 231 -9.75 -18.34 -16.98
CA THR D 231 -9.74 -19.80 -16.99
C THR D 231 -11.15 -20.35 -16.82
N THR D 232 -11.44 -21.48 -17.44
CA THR D 232 -12.73 -22.14 -17.23
C THR D 232 -12.52 -23.53 -16.66
N VAL D 233 -13.48 -23.96 -15.82
CA VAL D 233 -13.49 -25.31 -15.21
C VAL D 233 -13.53 -26.34 -16.35
N ASP D 234 -12.64 -27.33 -16.30
CA ASP D 234 -12.60 -28.40 -17.28
C ASP D 234 -13.96 -29.11 -17.35
N GLU D 235 -14.42 -29.43 -18.58
CA GLU D 235 -15.70 -30.11 -18.84
C GLU D 235 -15.87 -31.40 -17.99
N SER D 236 -14.77 -32.16 -17.79
CA SER D 236 -14.80 -33.41 -17.00
C SER D 236 -15.11 -33.20 -15.49
N PHE D 237 -14.91 -31.97 -14.96
CA PHE D 237 -15.23 -31.61 -13.59
C PHE D 237 -16.72 -31.26 -13.40
N LEU D 238 -17.44 -31.02 -14.51
CA LEU D 238 -18.85 -30.67 -14.46
C LEU D 238 -19.69 -31.91 -14.19
N ALA D 239 -20.85 -31.68 -13.54
CA ALA D 239 -21.83 -32.70 -13.20
C ALA D 239 -23.18 -32.02 -12.96
N GLU D 240 -24.28 -32.74 -13.23
CA GLU D 240 -25.63 -32.22 -13.04
C GLU D 240 -25.80 -31.79 -11.58
N GLY D 241 -26.27 -30.56 -11.38
CA GLY D 241 -26.47 -29.99 -10.06
C GLY D 241 -25.20 -29.65 -9.28
N ARG D 242 -24.02 -29.65 -9.95
CA ARG D 242 -22.76 -29.32 -9.29
C ARG D 242 -22.43 -27.85 -9.52
N THR D 243 -22.24 -27.11 -8.42
CA THR D 243 -21.89 -25.70 -8.43
C THR D 243 -20.53 -25.52 -7.74
N PHE D 244 -19.64 -24.72 -8.34
CA PHE D 244 -18.33 -24.43 -7.77
C PHE D 244 -18.40 -23.10 -7.06
N LEU D 245 -17.82 -23.03 -5.86
CA LEU D 245 -17.75 -21.81 -5.04
C LEU D 245 -17.08 -20.67 -5.83
N LEU D 246 -16.05 -21.01 -6.63
CA LEU D 246 -15.31 -20.06 -7.44
C LEU D 246 -15.92 -19.83 -8.83
N GLY D 247 -17.06 -20.46 -9.11
CA GLY D 247 -17.78 -20.35 -10.37
C GLY D 247 -17.16 -21.15 -11.51
N PHE D 248 -17.75 -21.00 -12.71
CA PHE D 248 -17.29 -21.69 -13.90
C PHE D 248 -16.08 -21.00 -14.54
N GLU D 249 -16.04 -19.66 -14.51
CA GLU D 249 -14.95 -18.88 -15.08
C GLU D 249 -14.21 -18.11 -14.00
N ARG D 250 -12.88 -18.22 -13.97
CA ARG D 250 -12.04 -17.55 -12.97
C ARG D 250 -10.97 -16.66 -13.61
N GLY D 251 -10.31 -15.88 -12.77
CA GLY D 251 -9.27 -14.95 -13.18
C GLY D 251 -9.79 -13.58 -13.54
N PRO D 252 -9.10 -12.84 -14.46
CA PRO D 252 -7.89 -13.25 -15.20
C PRO D 252 -6.66 -13.48 -14.33
N ILE D 253 -5.81 -14.39 -14.80
CA ILE D 253 -4.59 -14.77 -14.12
C ILE D 253 -3.38 -14.64 -15.09
N PRO D 254 -2.14 -14.50 -14.59
CA PRO D 254 -0.98 -14.55 -15.51
C PRO D 254 -0.68 -16.00 -15.89
N ILE D 255 0.12 -16.19 -16.96
CA ILE D 255 0.58 -17.53 -17.33
C ILE D 255 1.85 -17.80 -16.51
N LEU D 256 2.75 -16.79 -16.41
CA LEU D 256 3.99 -16.91 -15.65
C LEU D 256 3.95 -16.14 -14.35
N SER D 257 4.62 -16.67 -13.32
CA SER D 257 4.74 -16.00 -12.02
C SER D 257 6.04 -16.47 -11.35
N GLY D 258 6.29 -15.98 -10.14
CA GLY D 258 7.44 -16.38 -9.34
C GLY D 258 8.75 -15.74 -9.72
N ALA D 259 9.84 -16.35 -9.24
CA ALA D 259 11.22 -15.88 -9.45
C ALA D 259 11.56 -15.80 -10.95
N ASP D 260 12.35 -14.79 -11.34
CA ASP D 260 12.78 -14.59 -12.73
C ASP D 260 13.58 -15.78 -13.24
N ASP D 261 14.44 -16.37 -12.38
CA ASP D 261 15.31 -17.51 -12.73
C ASP D 261 14.67 -18.88 -12.44
N ASP D 262 13.49 -18.89 -11.83
CA ASP D 262 12.79 -20.17 -11.53
C ASP D 262 11.28 -19.92 -11.66
N PRO D 263 10.79 -19.59 -12.87
CA PRO D 263 9.37 -19.20 -12.99
C PRO D 263 8.37 -20.34 -12.83
N PHE D 264 7.16 -19.98 -12.37
CA PHE D 264 6.06 -20.93 -12.28
C PHE D 264 5.15 -20.68 -13.45
N ILE D 265 4.47 -21.71 -13.90
CA ILE D 265 3.59 -21.65 -15.07
C ILE D 265 2.22 -22.23 -14.78
N VAL D 266 1.18 -21.61 -15.35
CA VAL D 266 -0.21 -22.08 -15.40
C VAL D 266 -0.61 -21.92 -16.86
N PHE D 267 -0.86 -23.05 -17.54
CA PHE D 267 -1.22 -22.98 -18.94
C PHE D 267 -2.24 -24.02 -19.34
N ASP D 268 -3.18 -23.62 -20.17
CA ASP D 268 -4.16 -24.53 -20.77
C ASP D 268 -4.67 -23.88 -22.04
N GLN D 269 -4.15 -24.32 -23.19
CA GLN D 269 -4.47 -23.78 -24.51
C GLN D 269 -5.95 -23.86 -24.90
N ASP D 270 -6.74 -24.77 -24.27
CA ASP D 270 -8.17 -24.96 -24.54
C ASP D 270 -9.08 -24.26 -23.51
N LEU D 271 -8.70 -24.27 -22.20
CA LEU D 271 -9.44 -23.64 -21.11
C LEU D 271 -9.13 -22.14 -20.95
N MET D 272 -7.95 -21.67 -21.47
CA MET D 272 -7.51 -20.27 -21.36
C MET D 272 -7.85 -19.41 -22.52
N ARG D 273 -8.26 -18.16 -22.21
CA ARG D 273 -8.60 -17.16 -23.20
C ARG D 273 -8.02 -15.81 -22.80
N GLY D 274 -7.22 -15.25 -23.70
CA GLY D 274 -6.62 -13.95 -23.53
C GLY D 274 -7.68 -12.87 -23.53
N ILE D 275 -7.57 -11.90 -22.62
CA ILE D 275 -8.54 -10.79 -22.50
C ILE D 275 -8.37 -9.74 -23.61
N SER D 276 -7.30 -9.83 -24.40
CA SER D 276 -6.99 -8.91 -25.51
C SER D 276 -6.32 -9.69 -26.65
N ALA D 277 -6.24 -9.08 -27.85
CA ALA D 277 -5.58 -9.70 -29.01
C ALA D 277 -4.09 -10.02 -28.71
N PRO D 278 -3.27 -9.12 -28.10
CA PRO D 278 -1.88 -9.49 -27.78
C PRO D 278 -1.75 -10.70 -26.84
N ALA D 279 -2.65 -10.82 -25.83
CA ALA D 279 -2.66 -11.96 -24.90
C ALA D 279 -3.01 -13.25 -25.66
N GLN D 280 -3.95 -13.18 -26.64
CA GLN D 280 -4.32 -14.33 -27.47
C GLN D 280 -3.14 -14.74 -28.36
N GLU D 281 -2.42 -13.76 -28.97
CA GLU D 281 -1.23 -13.98 -29.82
C GLU D 281 -0.13 -14.67 -29.01
N LEU D 282 0.04 -14.26 -27.75
CA LEU D 282 1.02 -14.80 -26.83
C LEU D 282 0.76 -16.26 -26.49
N GLN D 283 -0.51 -16.67 -26.36
CA GLN D 283 -0.84 -18.05 -26.13
C GLN D 283 -0.30 -18.89 -27.28
N GLN D 284 -0.42 -18.38 -28.52
CA GLN D 284 0.09 -19.04 -29.74
C GLN D 284 1.62 -19.12 -29.72
N THR D 285 2.28 -18.09 -29.18
CA THR D 285 3.73 -18.06 -29.04
C THR D 285 4.20 -19.18 -28.10
N VAL D 286 3.50 -19.37 -26.96
CA VAL D 286 3.80 -20.44 -25.99
C VAL D 286 3.66 -21.82 -26.67
N ILE D 287 2.58 -22.00 -27.44
CA ILE D 287 2.31 -23.26 -28.17
C ILE D 287 3.43 -23.56 -29.18
N ARG D 288 3.87 -22.56 -29.96
CA ARG D 288 4.95 -22.73 -30.94
C ARG D 288 6.27 -23.11 -30.26
N ALA D 289 6.59 -22.45 -29.12
CA ALA D 289 7.79 -22.75 -28.33
C ALA D 289 7.72 -24.19 -27.80
N TYR D 290 6.52 -24.62 -27.37
CA TYR D 290 6.27 -25.97 -26.90
C TYR D 290 6.59 -27.00 -28.01
N TYR D 291 6.03 -26.81 -29.22
CA TYR D 291 6.29 -27.73 -30.33
C TYR D 291 7.76 -27.77 -30.74
N ALA D 292 8.46 -26.63 -30.64
CA ALA D 292 9.87 -26.51 -30.98
C ALA D 292 10.82 -27.10 -29.93
N GLU D 293 10.51 -26.95 -28.63
CA GLU D 293 11.42 -27.33 -27.55
C GLU D 293 11.04 -28.52 -26.66
N ARG D 294 9.77 -28.96 -26.69
CA ARG D 294 9.34 -30.08 -25.82
C ARG D 294 10.24 -31.29 -25.87
N VAL D 295 10.38 -31.96 -24.74
CA VAL D 295 11.14 -33.21 -24.69
C VAL D 295 10.10 -34.33 -24.71
N SER D 296 10.49 -35.50 -25.17
CA SER D 296 9.56 -36.62 -25.21
C SER D 296 10.13 -37.82 -24.49
N HIS D 297 9.25 -38.69 -23.99
CA HIS D 297 9.63 -39.93 -23.36
C HIS D 297 8.49 -40.92 -23.51
N CYS D 298 8.82 -42.15 -23.92
CA CYS D 298 7.82 -43.19 -24.02
C CYS D 298 7.85 -43.97 -22.71
N LEU D 299 6.81 -43.81 -21.87
CA LEU D 299 6.76 -44.53 -20.60
C LEU D 299 6.69 -46.05 -20.80
N ALA D 300 7.54 -46.77 -20.06
CA ALA D 300 7.67 -48.22 -20.14
C ALA D 300 7.44 -48.84 -18.77
N PRO D 301 7.01 -50.14 -18.68
CA PRO D 301 6.79 -50.75 -17.36
C PRO D 301 8.02 -50.63 -16.43
N GLY D 302 7.75 -50.37 -15.16
CA GLY D 302 8.80 -50.19 -14.17
C GLY D 302 9.26 -48.76 -14.08
N GLU D 303 8.67 -47.87 -14.89
CA GLU D 303 9.00 -46.46 -14.83
C GLU D 303 7.92 -45.68 -14.14
N MET D 304 8.33 -44.58 -13.53
CA MET D 304 7.47 -43.66 -12.84
C MET D 304 7.93 -42.25 -13.17
N LEU D 305 6.99 -41.38 -13.55
CA LEU D 305 7.28 -40.00 -13.89
C LEU D 305 6.62 -39.04 -12.91
N LEU D 306 7.43 -38.17 -12.29
CA LEU D 306 6.97 -37.11 -11.41
C LEU D 306 7.07 -35.82 -12.19
N ILE D 307 5.96 -35.12 -12.35
CA ILE D 307 5.94 -33.86 -13.07
C ILE D 307 5.72 -32.76 -12.04
N ASP D 308 6.55 -31.71 -12.08
CA ASP D 308 6.39 -30.58 -11.17
C ASP D 308 5.33 -29.71 -11.85
N ASN D 309 4.11 -29.69 -11.28
CA ASN D 309 2.97 -29.01 -11.87
C ASN D 309 3.02 -27.47 -11.76
N ARG D 310 4.05 -26.92 -11.13
CA ARG D 310 4.25 -25.48 -11.08
C ARG D 310 5.35 -25.08 -12.07
N ARG D 311 6.26 -26.01 -12.40
CA ARG D 311 7.43 -25.75 -13.22
C ARG D 311 7.40 -26.27 -14.66
N ALA D 312 6.48 -27.17 -14.99
CA ALA D 312 6.37 -27.71 -16.34
C ALA D 312 4.94 -28.02 -16.76
N VAL D 313 4.71 -28.00 -18.08
CA VAL D 313 3.45 -28.36 -18.73
C VAL D 313 3.69 -29.72 -19.38
N HIS D 314 2.62 -30.45 -19.59
N HIS D 314 2.62 -30.48 -19.55
CA HIS D 314 2.75 -31.76 -20.20
CA HIS D 314 2.73 -31.80 -20.16
C HIS D 314 1.69 -32.00 -21.26
C HIS D 314 1.66 -32.06 -21.20
N GLY D 315 1.99 -32.97 -22.12
CA GLY D 315 1.13 -33.41 -23.21
C GLY D 315 1.37 -34.87 -23.47
N ARG D 316 0.63 -35.42 -24.43
CA ARG D 316 0.76 -36.82 -24.80
C ARG D 316 0.36 -37.01 -26.25
N SER D 317 1.17 -37.75 -27.00
CA SER D 317 0.96 -38.03 -28.43
C SER D 317 -0.27 -38.88 -28.69
N ILE D 318 -0.65 -38.96 -29.98
CA ILE D 318 -1.72 -39.80 -30.51
C ILE D 318 -1.16 -41.24 -30.49
N PHE D 319 -1.99 -42.22 -30.13
CA PHE D 319 -1.63 -43.64 -30.19
C PHE D 319 -2.84 -44.49 -30.57
N ALA D 320 -2.59 -45.66 -31.19
CA ALA D 320 -3.65 -46.56 -31.66
C ALA D 320 -3.91 -47.74 -30.70
N PRO D 321 -4.94 -47.64 -29.81
CA PRO D 321 -5.22 -48.74 -28.88
C PRO D 321 -5.87 -49.94 -29.57
N ARG D 322 -5.60 -51.14 -29.05
CA ARG D 322 -6.10 -52.39 -29.60
C ARG D 322 -7.34 -52.93 -28.87
N PHE D 323 -7.63 -52.44 -27.65
CA PHE D 323 -8.74 -52.93 -26.78
C PHE D 323 -8.69 -54.47 -26.69
N ASP D 324 -7.46 -55.00 -26.45
CA ASP D 324 -7.17 -56.45 -26.38
C ASP D 324 -6.77 -56.92 -24.97
N GLY D 325 -6.94 -56.03 -23.97
CA GLY D 325 -6.59 -56.25 -22.56
C GLY D 325 -5.15 -55.91 -22.22
N ALA D 326 -4.33 -55.56 -23.23
CA ALA D 326 -2.92 -55.27 -23.03
C ALA D 326 -2.55 -53.83 -23.38
N ASP D 327 -3.55 -52.94 -23.49
CA ASP D 327 -3.32 -51.54 -23.79
C ASP D 327 -2.55 -50.80 -22.72
N ARG D 328 -2.01 -49.63 -23.09
CA ARG D 328 -1.29 -48.74 -22.19
C ARG D 328 -2.12 -48.53 -20.93
N PHE D 329 -1.45 -48.63 -19.78
CA PHE D 329 -2.11 -48.54 -18.48
C PHE D 329 -1.17 -47.84 -17.51
N LEU D 330 -1.54 -46.61 -17.10
CA LEU D 330 -0.77 -45.84 -16.10
C LEU D 330 -1.57 -45.73 -14.84
N SER D 331 -0.88 -45.58 -13.71
CA SER D 331 -1.49 -45.32 -12.42
C SER D 331 -1.17 -43.86 -12.11
N ARG D 332 -2.21 -43.02 -12.05
CA ARG D 332 -2.02 -41.60 -11.79
C ARG D 332 -2.40 -41.23 -10.37
N SER D 333 -1.58 -40.41 -9.75
CA SER D 333 -1.88 -39.88 -8.42
C SER D 333 -1.38 -38.43 -8.37
N PHE D 334 -1.83 -37.68 -7.35
CA PHE D 334 -1.49 -36.27 -7.19
C PHE D 334 -0.82 -36.04 -5.87
N ILE D 335 0.02 -35.00 -5.81
CA ILE D 335 0.80 -34.64 -4.64
C ILE D 335 0.71 -33.15 -4.40
N VAL D 336 0.57 -32.75 -3.12
CA VAL D 336 0.60 -31.35 -2.66
C VAL D 336 1.66 -31.25 -1.55
N ALA D 337 2.37 -30.12 -1.49
CA ALA D 337 3.36 -29.92 -0.44
C ALA D 337 2.68 -29.76 0.89
N ASP D 338 1.51 -29.12 0.87
CA ASP D 338 0.75 -28.73 2.05
C ASP D 338 -0.69 -29.19 2.01
N GLY D 339 -1.03 -30.15 2.87
CA GLY D 339 -2.39 -30.65 3.09
C GLY D 339 -3.30 -29.64 3.79
N SER D 340 -2.74 -28.68 4.58
CA SER D 340 -3.54 -27.64 5.24
C SER D 340 -4.21 -26.70 4.25
N ARG D 341 -3.60 -26.52 3.06
N ARG D 341 -3.60 -26.53 3.06
CA ARG D 341 -4.14 -25.66 2.00
CA ARG D 341 -4.13 -25.66 2.00
C ARG D 341 -5.53 -26.10 1.55
C ARG D 341 -5.51 -26.10 1.52
N SER D 342 -5.80 -27.42 1.58
CA SER D 342 -7.09 -27.96 1.18
C SER D 342 -7.97 -28.39 2.36
N ARG D 343 -7.54 -28.14 3.62
CA ARG D 343 -8.33 -28.60 4.78
C ARG D 343 -9.80 -28.17 4.73
N HIS D 344 -10.07 -26.90 4.33
CA HIS D 344 -11.43 -26.34 4.19
C HIS D 344 -12.29 -27.17 3.21
N ALA D 345 -11.64 -27.90 2.27
CA ALA D 345 -12.27 -28.68 1.20
C ALA D 345 -12.35 -30.19 1.47
N ARG D 346 -11.78 -30.62 2.59
CA ARG D 346 -11.70 -32.04 2.93
C ARG D 346 -12.43 -32.34 4.23
N SER D 347 -12.61 -33.64 4.52
CA SER D 347 -13.14 -34.02 5.82
C SER D 347 -11.90 -34.32 6.69
N SER D 348 -12.06 -34.34 8.01
CA SER D 348 -10.99 -34.67 8.97
C SER D 348 -10.42 -36.06 8.62
N PHE D 349 -9.09 -36.16 8.44
CA PHE D 349 -8.37 -37.38 8.06
C PHE D 349 -8.88 -37.94 6.70
N GLY D 350 -9.27 -37.02 5.83
CA GLY D 350 -9.72 -37.31 4.48
C GLY D 350 -8.68 -36.83 3.50
N ARG D 351 -8.55 -37.53 2.37
CA ARG D 351 -7.60 -37.17 1.32
C ARG D 351 -8.27 -36.63 0.07
N VAL D 352 -9.60 -36.45 0.11
CA VAL D 352 -10.37 -36.04 -1.06
C VAL D 352 -10.89 -34.61 -0.96
N VAL D 353 -10.54 -33.80 -1.98
CA VAL D 353 -10.99 -32.41 -2.10
C VAL D 353 -12.42 -32.46 -2.69
N SER D 354 -13.42 -31.95 -1.95
CA SER D 354 -14.82 -31.92 -2.43
C SER D 354 -14.92 -31.07 -3.69
N ALA D 355 -15.72 -31.56 -4.66
CA ALA D 355 -15.88 -30.95 -5.99
C ALA D 355 -16.14 -29.45 -5.97
N ARG D 356 -17.06 -28.98 -5.11
CA ARG D 356 -17.44 -27.56 -5.07
C ARG D 356 -16.29 -26.59 -4.74
N PHE D 357 -15.19 -27.11 -4.17
CA PHE D 357 -14.02 -26.31 -3.80
C PHE D 357 -12.95 -26.26 -4.88
N SER D 358 -13.10 -27.08 -5.95
CA SER D 358 -12.13 -27.05 -7.05
C SER D 358 -12.27 -25.76 -7.89
#